data_1O4W
# 
_entry.id   1O4W 
# 
_audit_conform.dict_name       mmcif_pdbx.dic 
_audit_conform.dict_version    5.398 
_audit_conform.dict_location   http://mmcif.pdb.org/dictionaries/ascii/mmcif_pdbx.dic 
# 
loop_
_database_2.database_id 
_database_2.database_code 
_database_2.pdbx_database_accession 
_database_2.pdbx_DOI 
PDB   1O4W         pdb_00001o4w 10.2210/pdb1o4w/pdb 
RCSB  RCSB001807   ?            ?                   
WWPDB D_1000001807 ?            ?                   
# 
loop_
_pdbx_audit_revision_history.ordinal 
_pdbx_audit_revision_history.data_content_type 
_pdbx_audit_revision_history.major_revision 
_pdbx_audit_revision_history.minor_revision 
_pdbx_audit_revision_history.revision_date 
1 'Structure model' 1 0 2003-07-29 
2 'Structure model' 1 1 2008-04-26 
3 'Structure model' 1 2 2011-07-13 
4 'Structure model' 1 3 2023-01-25 
5 'Structure model' 1 4 2024-11-06 
# 
_pdbx_audit_revision_details.ordinal             1 
_pdbx_audit_revision_details.revision_ordinal    1 
_pdbx_audit_revision_details.data_content_type   'Structure model' 
_pdbx_audit_revision_details.provider            repository 
_pdbx_audit_revision_details.type                'Initial release' 
_pdbx_audit_revision_details.description         ? 
_pdbx_audit_revision_details.details             ? 
# 
loop_
_pdbx_audit_revision_group.ordinal 
_pdbx_audit_revision_group.revision_ordinal 
_pdbx_audit_revision_group.data_content_type 
_pdbx_audit_revision_group.group 
1 2 'Structure model' 'Version format compliance' 
2 3 'Structure model' Advisory                    
3 3 'Structure model' 'Derived calculations'      
4 3 'Structure model' 'Version format compliance' 
5 4 'Structure model' 'Database references'       
6 4 'Structure model' 'Derived calculations'      
7 5 'Structure model' 'Data collection'           
8 5 'Structure model' 'Structure summary'         
# 
loop_
_pdbx_audit_revision_category.ordinal 
_pdbx_audit_revision_category.revision_ordinal 
_pdbx_audit_revision_category.data_content_type 
_pdbx_audit_revision_category.category 
1 4 'Structure model' database_2                
2 4 'Structure model' struct_conn               
3 4 'Structure model' struct_ref_seq_dif        
4 5 'Structure model' chem_comp_atom            
5 5 'Structure model' chem_comp_bond            
6 5 'Structure model' pdbx_entry_details        
7 5 'Structure model' pdbx_modification_feature 
# 
loop_
_pdbx_audit_revision_item.ordinal 
_pdbx_audit_revision_item.revision_ordinal 
_pdbx_audit_revision_item.data_content_type 
_pdbx_audit_revision_item.item 
1 4 'Structure model' '_database_2.pdbx_DOI'                
2 4 'Structure model' '_database_2.pdbx_database_accession' 
3 4 'Structure model' '_struct_conn.pdbx_leaving_atom_flag' 
4 4 'Structure model' '_struct_ref_seq_dif.details'         
# 
_pdbx_database_status.entry_id                        1O4W 
_pdbx_database_status.status_code                     REL 
_pdbx_database_status.deposit_site                    RCSB 
_pdbx_database_status.process_site                    RCSB 
_pdbx_database_status.recvd_initial_deposition_date   2003-07-16 
_pdbx_database_status.SG_entry                        Y 
_pdbx_database_status.status_code_sf                  REL 
_pdbx_database_status.pdb_format_compatible           Y 
_pdbx_database_status.status_code_mr                  ? 
_pdbx_database_status.status_code_cs                  ? 
_pdbx_database_status.status_code_nmr_data            ? 
_pdbx_database_status.methods_development_category    ? 
# 
_pdbx_database_related.db_name        TargetDB 
_pdbx_database_related.db_id          354418 
_pdbx_database_related.details        . 
_pdbx_database_related.content_type   unspecified 
# 
_audit_author.name           'Joint Center for Structural Genomics (JCSG)' 
_audit_author.pdbx_ordinal   1 
# 
_citation.id                        primary 
_citation.title                     
'Crystal structure of a PIN (PilT N-terminus) domain (AF0591) from Archaeoglobus fulgidus at 1.90 A resolution' 
_citation.journal_abbrev            Proteins 
_citation.journal_volume            56 
_citation.page_first                404 
_citation.page_last                 408 
_citation.year                      2004 
_citation.journal_id_ASTM           PSFGEY 
_citation.country                   US 
_citation.journal_id_ISSN           0887-3585 
_citation.journal_id_CSD            0867 
_citation.book_publisher            ? 
_citation.pdbx_database_id_PubMed   15211526 
_citation.pdbx_database_id_DOI      10.1002/prot.20090 
# 
loop_
_citation_author.citation_id 
_citation_author.name 
_citation_author.ordinal 
_citation_author.identifier_ORCID 
primary 'Levin, I.'           1  ? 
primary 'Schwarzenbacher, R.' 2  ? 
primary 'Page, R.'            3  ? 
primary 'Abdubek, P.'         4  ? 
primary 'Ambing, E.'          5  ? 
primary 'Biorac, T.'          6  ? 
primary 'Brinen, L.S.'        7  ? 
primary 'Campbell, J.'        8  ? 
primary 'Canaves, J.M.'       9  ? 
primary 'Chiu, H.J.'          10 ? 
primary 'Dai, X.'             11 ? 
primary 'Deacon, A.M.'        12 ? 
primary 'DiDonato, M.'        13 ? 
primary 'Elsliger, M.A.'      14 ? 
primary 'Floyd, R.'           15 ? 
primary 'Godzik, A.'          16 ? 
primary 'Grittini, C.'        17 ? 
primary 'Grzechnik, S.K.'     18 ? 
primary 'Hampton, E.'         19 ? 
primary 'Jaroszewski, L.'     20 ? 
primary 'Karlak, C.'          21 ? 
primary 'Klock, H.E.'         22 ? 
primary 'Koesema, E.'         23 ? 
primary 'Kovarik, J.S.'       24 ? 
primary 'Kreusch, A.'         25 ? 
primary 'Kuhn, P.'            26 ? 
primary 'Lesley, S.A.'        27 ? 
primary 'McMullan, D.'        28 ? 
primary 'McPhillips, T.M.'    29 ? 
primary 'Miller, M.D.'        30 ? 
primary 'Morse, A.'           31 ? 
primary 'Moy, K.'             32 ? 
primary 'Ouyang, J.'          33 ? 
primary 'Quijano, K.'         34 ? 
primary 'Reyes, R.'           35 ? 
primary 'Rezezadeh, F.'       36 ? 
primary 'Robb, A.'            37 ? 
primary 'Sims, E.'            38 ? 
primary 'Spraggon, G.'        39 ? 
primary 'Stevens, R.C.'       40 ? 
primary 'van den Bedem, H.'   41 ? 
primary 'Velasquez, J.'       42 ? 
primary 'Vincent, J.'         43 ? 
primary 'von Delft, F.'       44 ? 
primary 'Wang, X.'            45 ? 
primary 'West, B.'            46 ? 
primary 'Wolf, G.'            47 ? 
primary 'Xu, Q.'              48 ? 
primary 'Hodgson, K.O.'       49 ? 
primary 'Wooley, J.'          50 ? 
primary 'Wilson, I.A.'        51 ? 
# 
loop_
_entity.id 
_entity.type 
_entity.src_method 
_entity.pdbx_description 
_entity.formula_weight 
_entity.pdbx_number_of_molecules 
_entity.pdbx_ec 
_entity.pdbx_mutation 
_entity.pdbx_fragment 
_entity.details 
1 polymer man 'PIN (PilT N-terminus) domain' 17142.221 1  ? ? ? ? 
2 water   nat water                          18.015    90 ? ? ? ? 
# 
_entity_poly.entity_id                      1 
_entity_poly.type                           'polypeptide(L)' 
_entity_poly.nstd_linkage                   no 
_entity_poly.nstd_monomer                   yes 
_entity_poly.pdbx_seq_one_letter_code       
;(MSE)GSDKIHHHHHH(MSE)EADRGRNNKVRCAVVDTNVL(MSE)YVYLNKADVVGQLREFGFSRFLITASVKRELEKL
E(MSE)SLRGKEKVAARFALKLLEHFEVVETESEGDPSLIEAAEKYGCILITNDKELKRKAKQRGIPVGYLKEDKRVFVE
LLD
;
_entity_poly.pdbx_seq_one_letter_code_can   
;MGSDKIHHHHHHMEADRGRNNKVRCAVVDTNVLMYVYLNKADVVGQLREFGFSRFLITASVKRELEKLEMSLRGKEKVAA
RFALKLLEHFEVVETESEGDPSLIEAAEKYGCILITNDKELKRKAKQRGIPVGYLKEDKRVFVELLD
;
_entity_poly.pdbx_strand_id                 A 
_entity_poly.pdbx_target_identifier         354418 
# 
_pdbx_entity_nonpoly.entity_id   2 
_pdbx_entity_nonpoly.name        water 
_pdbx_entity_nonpoly.comp_id     HOH 
# 
loop_
_entity_poly_seq.entity_id 
_entity_poly_seq.num 
_entity_poly_seq.mon_id 
_entity_poly_seq.hetero 
1 1   MSE n 
1 2   GLY n 
1 3   SER n 
1 4   ASP n 
1 5   LYS n 
1 6   ILE n 
1 7   HIS n 
1 8   HIS n 
1 9   HIS n 
1 10  HIS n 
1 11  HIS n 
1 12  HIS n 
1 13  MSE n 
1 14  GLU n 
1 15  ALA n 
1 16  ASP n 
1 17  ARG n 
1 18  GLY n 
1 19  ARG n 
1 20  ASN n 
1 21  ASN n 
1 22  LYS n 
1 23  VAL n 
1 24  ARG n 
1 25  CYS n 
1 26  ALA n 
1 27  VAL n 
1 28  VAL n 
1 29  ASP n 
1 30  THR n 
1 31  ASN n 
1 32  VAL n 
1 33  LEU n 
1 34  MSE n 
1 35  TYR n 
1 36  VAL n 
1 37  TYR n 
1 38  LEU n 
1 39  ASN n 
1 40  LYS n 
1 41  ALA n 
1 42  ASP n 
1 43  VAL n 
1 44  VAL n 
1 45  GLY n 
1 46  GLN n 
1 47  LEU n 
1 48  ARG n 
1 49  GLU n 
1 50  PHE n 
1 51  GLY n 
1 52  PHE n 
1 53  SER n 
1 54  ARG n 
1 55  PHE n 
1 56  LEU n 
1 57  ILE n 
1 58  THR n 
1 59  ALA n 
1 60  SER n 
1 61  VAL n 
1 62  LYS n 
1 63  ARG n 
1 64  GLU n 
1 65  LEU n 
1 66  GLU n 
1 67  LYS n 
1 68  LEU n 
1 69  GLU n 
1 70  MSE n 
1 71  SER n 
1 72  LEU n 
1 73  ARG n 
1 74  GLY n 
1 75  LYS n 
1 76  GLU n 
1 77  LYS n 
1 78  VAL n 
1 79  ALA n 
1 80  ALA n 
1 81  ARG n 
1 82  PHE n 
1 83  ALA n 
1 84  LEU n 
1 85  LYS n 
1 86  LEU n 
1 87  LEU n 
1 88  GLU n 
1 89  HIS n 
1 90  PHE n 
1 91  GLU n 
1 92  VAL n 
1 93  VAL n 
1 94  GLU n 
1 95  THR n 
1 96  GLU n 
1 97  SER n 
1 98  GLU n 
1 99  GLY n 
1 100 ASP n 
1 101 PRO n 
1 102 SER n 
1 103 LEU n 
1 104 ILE n 
1 105 GLU n 
1 106 ALA n 
1 107 ALA n 
1 108 GLU n 
1 109 LYS n 
1 110 TYR n 
1 111 GLY n 
1 112 CYS n 
1 113 ILE n 
1 114 LEU n 
1 115 ILE n 
1 116 THR n 
1 117 ASN n 
1 118 ASP n 
1 119 LYS n 
1 120 GLU n 
1 121 LEU n 
1 122 LYS n 
1 123 ARG n 
1 124 LYS n 
1 125 ALA n 
1 126 LYS n 
1 127 GLN n 
1 128 ARG n 
1 129 GLY n 
1 130 ILE n 
1 131 PRO n 
1 132 VAL n 
1 133 GLY n 
1 134 TYR n 
1 135 LEU n 
1 136 LYS n 
1 137 GLU n 
1 138 ASP n 
1 139 LYS n 
1 140 ARG n 
1 141 VAL n 
1 142 PHE n 
1 143 VAL n 
1 144 GLU n 
1 145 LEU n 
1 146 LEU n 
1 147 ASP n 
# 
_entity_src_gen.entity_id                          1 
_entity_src_gen.pdbx_src_id                        1 
_entity_src_gen.pdbx_alt_source_flag               sample 
_entity_src_gen.pdbx_seq_type                      ? 
_entity_src_gen.pdbx_beg_seq_num                   ? 
_entity_src_gen.pdbx_end_seq_num                   ? 
_entity_src_gen.gene_src_common_name               ? 
_entity_src_gen.gene_src_genus                     Archaeoglobus 
_entity_src_gen.pdbx_gene_src_gene                 AF0591 
_entity_src_gen.gene_src_species                   ? 
_entity_src_gen.gene_src_strain                    ? 
_entity_src_gen.gene_src_tissue                    ? 
_entity_src_gen.gene_src_tissue_fraction           ? 
_entity_src_gen.gene_src_details                   ? 
_entity_src_gen.pdbx_gene_src_fragment             ? 
_entity_src_gen.pdbx_gene_src_scientific_name      'Archaeoglobus fulgidus' 
_entity_src_gen.pdbx_gene_src_ncbi_taxonomy_id     2234 
_entity_src_gen.pdbx_gene_src_variant              ? 
_entity_src_gen.pdbx_gene_src_cell_line            ? 
_entity_src_gen.pdbx_gene_src_atcc                 ? 
_entity_src_gen.pdbx_gene_src_organ                ? 
_entity_src_gen.pdbx_gene_src_organelle            ? 
_entity_src_gen.pdbx_gene_src_cell                 ? 
_entity_src_gen.pdbx_gene_src_cellular_location    ? 
_entity_src_gen.host_org_common_name               ? 
_entity_src_gen.pdbx_host_org_scientific_name      'Escherichia coli' 
_entity_src_gen.pdbx_host_org_ncbi_taxonomy_id     562 
_entity_src_gen.host_org_genus                     Escherichia 
_entity_src_gen.pdbx_host_org_gene                 ? 
_entity_src_gen.pdbx_host_org_organ                ? 
_entity_src_gen.host_org_species                   ? 
_entity_src_gen.pdbx_host_org_tissue               ? 
_entity_src_gen.pdbx_host_org_tissue_fraction      ? 
_entity_src_gen.pdbx_host_org_strain               ? 
_entity_src_gen.pdbx_host_org_variant              ? 
_entity_src_gen.pdbx_host_org_cell_line            ? 
_entity_src_gen.pdbx_host_org_atcc                 ? 
_entity_src_gen.pdbx_host_org_culture_collection   ? 
_entity_src_gen.pdbx_host_org_cell                 ? 
_entity_src_gen.pdbx_host_org_organelle            ? 
_entity_src_gen.pdbx_host_org_cellular_location    ? 
_entity_src_gen.pdbx_host_org_vector_type          Plasmid 
_entity_src_gen.pdbx_host_org_vector               ? 
_entity_src_gen.host_org_details                   ? 
_entity_src_gen.expression_system_id               ? 
_entity_src_gen.plasmid_name                       ? 
_entity_src_gen.plasmid_details                    ? 
_entity_src_gen.pdbx_description                   ? 
# 
loop_
_chem_comp.id 
_chem_comp.type 
_chem_comp.mon_nstd_flag 
_chem_comp.name 
_chem_comp.pdbx_synonyms 
_chem_comp.formula 
_chem_comp.formula_weight 
ALA 'L-peptide linking' y ALANINE          ? 'C3 H7 N O2'     89.093  
ARG 'L-peptide linking' y ARGININE         ? 'C6 H15 N4 O2 1' 175.209 
ASN 'L-peptide linking' y ASPARAGINE       ? 'C4 H8 N2 O3'    132.118 
ASP 'L-peptide linking' y 'ASPARTIC ACID'  ? 'C4 H7 N O4'     133.103 
CYS 'L-peptide linking' y CYSTEINE         ? 'C3 H7 N O2 S'   121.158 
GLN 'L-peptide linking' y GLUTAMINE        ? 'C5 H10 N2 O3'   146.144 
GLU 'L-peptide linking' y 'GLUTAMIC ACID'  ? 'C5 H9 N O4'     147.129 
GLY 'peptide linking'   y GLYCINE          ? 'C2 H5 N O2'     75.067  
HIS 'L-peptide linking' y HISTIDINE        ? 'C6 H10 N3 O2 1' 156.162 
HOH non-polymer         . WATER            ? 'H2 O'           18.015  
ILE 'L-peptide linking' y ISOLEUCINE       ? 'C6 H13 N O2'    131.173 
LEU 'L-peptide linking' y LEUCINE          ? 'C6 H13 N O2'    131.173 
LYS 'L-peptide linking' y LYSINE           ? 'C6 H15 N2 O2 1' 147.195 
MET 'L-peptide linking' y METHIONINE       ? 'C5 H11 N O2 S'  149.211 
MSE 'L-peptide linking' n SELENOMETHIONINE ? 'C5 H11 N O2 Se' 196.106 
PHE 'L-peptide linking' y PHENYLALANINE    ? 'C9 H11 N O2'    165.189 
PRO 'L-peptide linking' y PROLINE          ? 'C5 H9 N O2'     115.130 
SER 'L-peptide linking' y SERINE           ? 'C3 H7 N O3'     105.093 
THR 'L-peptide linking' y THREONINE        ? 'C4 H9 N O3'     119.119 
TYR 'L-peptide linking' y TYROSINE         ? 'C9 H11 N O3'    181.189 
VAL 'L-peptide linking' y VALINE           ? 'C5 H11 N O2'    117.146 
# 
loop_
_pdbx_poly_seq_scheme.asym_id 
_pdbx_poly_seq_scheme.entity_id 
_pdbx_poly_seq_scheme.seq_id 
_pdbx_poly_seq_scheme.mon_id 
_pdbx_poly_seq_scheme.ndb_seq_num 
_pdbx_poly_seq_scheme.pdb_seq_num 
_pdbx_poly_seq_scheme.auth_seq_num 
_pdbx_poly_seq_scheme.pdb_mon_id 
_pdbx_poly_seq_scheme.auth_mon_id 
_pdbx_poly_seq_scheme.pdb_strand_id 
_pdbx_poly_seq_scheme.pdb_ins_code 
_pdbx_poly_seq_scheme.hetero 
A 1 1   MSE 1   -11 ?   ?   ?   A . n 
A 1 2   GLY 2   -10 ?   ?   ?   A . n 
A 1 3   SER 3   -9  ?   ?   ?   A . n 
A 1 4   ASP 4   -8  ?   ?   ?   A . n 
A 1 5   LYS 5   -7  ?   ?   ?   A . n 
A 1 6   ILE 6   -6  ?   ?   ?   A . n 
A 1 7   HIS 7   -5  ?   ?   ?   A . n 
A 1 8   HIS 8   -4  ?   ?   ?   A . n 
A 1 9   HIS 9   -3  ?   ?   ?   A . n 
A 1 10  HIS 10  -2  ?   ?   ?   A . n 
A 1 11  HIS 11  -1  ?   ?   ?   A . n 
A 1 12  HIS 12  0   ?   ?   ?   A . n 
A 1 13  MSE 13  1   ?   ?   ?   A . n 
A 1 14  GLU 14  2   ?   ?   ?   A . n 
A 1 15  ALA 15  3   ?   ?   ?   A . n 
A 1 16  ASP 16  4   ?   ?   ?   A . n 
A 1 17  ARG 17  5   ?   ?   ?   A . n 
A 1 18  GLY 18  6   ?   ?   ?   A . n 
A 1 19  ARG 19  7   ?   ?   ?   A . n 
A 1 20  ASN 20  8   ?   ?   ?   A . n 
A 1 21  ASN 21  9   ?   ?   ?   A . n 
A 1 22  LYS 22  10  10  LYS LYS A . n 
A 1 23  VAL 23  11  11  VAL VAL A . n 
A 1 24  ARG 24  12  12  ARG ARG A . n 
A 1 25  CYS 25  13  13  CYS CYS A . n 
A 1 26  ALA 26  14  14  ALA ALA A . n 
A 1 27  VAL 27  15  15  VAL VAL A . n 
A 1 28  VAL 28  16  16  VAL VAL A . n 
A 1 29  ASP 29  17  17  ASP ASP A . n 
A 1 30  THR 30  18  18  THR THR A . n 
A 1 31  ASN 31  19  19  ASN ASN A . n 
A 1 32  VAL 32  20  20  VAL VAL A . n 
A 1 33  LEU 33  21  21  LEU LEU A . n 
A 1 34  MSE 34  22  22  MSE MSE A . n 
A 1 35  TYR 35  23  23  TYR TYR A . n 
A 1 36  VAL 36  24  24  VAL VAL A . n 
A 1 37  TYR 37  25  25  TYR TYR A . n 
A 1 38  LEU 38  26  26  LEU LEU A . n 
A 1 39  ASN 39  27  27  ASN ASN A . n 
A 1 40  LYS 40  28  28  LYS LYS A . n 
A 1 41  ALA 41  29  29  ALA ALA A . n 
A 1 42  ASP 42  30  30  ASP ASP A . n 
A 1 43  VAL 43  31  31  VAL VAL A . n 
A 1 44  VAL 44  32  32  VAL VAL A . n 
A 1 45  GLY 45  33  33  GLY GLY A . n 
A 1 46  GLN 46  34  34  GLN GLN A . n 
A 1 47  LEU 47  35  35  LEU LEU A . n 
A 1 48  ARG 48  36  36  ARG ARG A . n 
A 1 49  GLU 49  37  37  GLU GLU A . n 
A 1 50  PHE 50  38  38  PHE PHE A . n 
A 1 51  GLY 51  39  39  GLY GLY A . n 
A 1 52  PHE 52  40  40  PHE PHE A . n 
A 1 53  SER 53  41  41  SER SER A . n 
A 1 54  ARG 54  42  42  ARG ARG A . n 
A 1 55  PHE 55  43  43  PHE PHE A . n 
A 1 56  LEU 56  44  44  LEU LEU A . n 
A 1 57  ILE 57  45  45  ILE ILE A . n 
A 1 58  THR 58  46  46  THR THR A . n 
A 1 59  ALA 59  47  47  ALA ALA A . n 
A 1 60  SER 60  48  48  SER SER A . n 
A 1 61  VAL 61  49  49  VAL VAL A . n 
A 1 62  LYS 62  50  50  LYS LYS A . n 
A 1 63  ARG 63  51  51  ARG ARG A . n 
A 1 64  GLU 64  52  52  GLU GLU A . n 
A 1 65  LEU 65  53  53  LEU LEU A . n 
A 1 66  GLU 66  54  54  GLU GLU A . n 
A 1 67  LYS 67  55  55  LYS LYS A . n 
A 1 68  LEU 68  56  56  LEU LEU A . n 
A 1 69  GLU 69  57  57  GLU GLU A . n 
A 1 70  MSE 70  58  58  MSE MSE A . n 
A 1 71  SER 71  59  59  SER SER A . n 
A 1 72  LEU 72  60  60  LEU LEU A . n 
A 1 73  ARG 73  61  61  ARG ARG A . n 
A 1 74  GLY 74  62  62  GLY GLY A . n 
A 1 75  LYS 75  63  63  LYS LYS A . n 
A 1 76  GLU 76  64  64  GLU GLU A . n 
A 1 77  LYS 77  65  65  LYS LYS A . n 
A 1 78  VAL 78  66  66  VAL VAL A . n 
A 1 79  ALA 79  67  67  ALA ALA A . n 
A 1 80  ALA 80  68  68  ALA ALA A . n 
A 1 81  ARG 81  69  69  ARG ARG A . n 
A 1 82  PHE 82  70  70  PHE PHE A . n 
A 1 83  ALA 83  71  71  ALA ALA A . n 
A 1 84  LEU 84  72  72  LEU LEU A . n 
A 1 85  LYS 85  73  73  LYS LYS A . n 
A 1 86  LEU 86  74  74  LEU LEU A . n 
A 1 87  LEU 87  75  75  LEU LEU A . n 
A 1 88  GLU 88  76  76  GLU GLU A . n 
A 1 89  HIS 89  77  77  HIS HIS A . n 
A 1 90  PHE 90  78  78  PHE PHE A . n 
A 1 91  GLU 91  79  79  GLU GLU A . n 
A 1 92  VAL 92  80  80  VAL VAL A . n 
A 1 93  VAL 93  81  81  VAL VAL A . n 
A 1 94  GLU 94  82  82  GLU GLU A . n 
A 1 95  THR 95  83  83  THR THR A . n 
A 1 96  GLU 96  84  84  GLU GLU A . n 
A 1 97  SER 97  85  85  SER SER A . n 
A 1 98  GLU 98  86  86  GLU GLU A . n 
A 1 99  GLY 99  87  87  GLY GLY A . n 
A 1 100 ASP 100 88  88  ASP ASP A . n 
A 1 101 PRO 101 89  89  PRO PRO A . n 
A 1 102 SER 102 90  90  SER SER A . n 
A 1 103 LEU 103 91  91  LEU LEU A . n 
A 1 104 ILE 104 92  92  ILE ILE A . n 
A 1 105 GLU 105 93  93  GLU GLU A . n 
A 1 106 ALA 106 94  94  ALA ALA A . n 
A 1 107 ALA 107 95  95  ALA ALA A . n 
A 1 108 GLU 108 96  96  GLU GLU A . n 
A 1 109 LYS 109 97  97  LYS LYS A . n 
A 1 110 TYR 110 98  98  TYR TYR A . n 
A 1 111 GLY 111 99  99  GLY GLY A . n 
A 1 112 CYS 112 100 100 CYS CYS A . n 
A 1 113 ILE 113 101 101 ILE ILE A . n 
A 1 114 LEU 114 102 102 LEU LEU A . n 
A 1 115 ILE 115 103 103 ILE ILE A . n 
A 1 116 THR 116 104 104 THR THR A . n 
A 1 117 ASN 117 105 105 ASN ASN A . n 
A 1 118 ASP 118 106 106 ASP ASP A . n 
A 1 119 LYS 119 107 107 LYS LYS A . n 
A 1 120 GLU 120 108 108 GLU GLU A . n 
A 1 121 LEU 121 109 109 LEU LEU A . n 
A 1 122 LYS 122 110 110 LYS LYS A . n 
A 1 123 ARG 123 111 111 ARG ARG A . n 
A 1 124 LYS 124 112 112 LYS LYS A . n 
A 1 125 ALA 125 113 113 ALA ALA A . n 
A 1 126 LYS 126 114 114 LYS LYS A . n 
A 1 127 GLN 127 115 115 GLN GLN A . n 
A 1 128 ARG 128 116 116 ARG ARG A . n 
A 1 129 GLY 129 117 117 GLY GLY A . n 
A 1 130 ILE 130 118 118 ILE ILE A . n 
A 1 131 PRO 131 119 119 PRO PRO A . n 
A 1 132 VAL 132 120 120 VAL VAL A . n 
A 1 133 GLY 133 121 121 GLY GLY A . n 
A 1 134 TYR 134 122 122 TYR TYR A . n 
A 1 135 LEU 135 123 123 LEU LEU A . n 
A 1 136 LYS 136 124 124 LYS LYS A . n 
A 1 137 GLU 137 125 125 GLU GLU A . n 
A 1 138 ASP 138 126 126 ASP ASP A . n 
A 1 139 LYS 139 127 127 LYS LYS A . n 
A 1 140 ARG 140 128 128 ARG ARG A . n 
A 1 141 VAL 141 129 129 VAL VAL A . n 
A 1 142 PHE 142 130 130 PHE PHE A . n 
A 1 143 VAL 143 131 131 VAL VAL A . n 
A 1 144 GLU 144 132 132 GLU GLU A . n 
A 1 145 LEU 145 133 133 LEU LEU A . n 
A 1 146 LEU 146 134 134 LEU LEU A . n 
A 1 147 ASP 147 135 ?   ?   ?   A . n 
# 
loop_
_pdbx_nonpoly_scheme.asym_id 
_pdbx_nonpoly_scheme.entity_id 
_pdbx_nonpoly_scheme.mon_id 
_pdbx_nonpoly_scheme.ndb_seq_num 
_pdbx_nonpoly_scheme.pdb_seq_num 
_pdbx_nonpoly_scheme.auth_seq_num 
_pdbx_nonpoly_scheme.pdb_mon_id 
_pdbx_nonpoly_scheme.auth_mon_id 
_pdbx_nonpoly_scheme.pdb_strand_id 
_pdbx_nonpoly_scheme.pdb_ins_code 
B 2 HOH 1  136 1   HOH HOH A . 
B 2 HOH 2  137 2   HOH HOH A . 
B 2 HOH 3  138 3   HOH HOH A . 
B 2 HOH 4  139 4   HOH HOH A . 
B 2 HOH 5  140 5   HOH HOH A . 
B 2 HOH 6  141 6   HOH HOH A . 
B 2 HOH 7  142 7   HOH HOH A . 
B 2 HOH 8  143 8   HOH HOH A . 
B 2 HOH 9  144 10  HOH HOH A . 
B 2 HOH 10 145 11  HOH HOH A . 
B 2 HOH 11 146 12  HOH HOH A . 
B 2 HOH 12 147 13  HOH HOH A . 
B 2 HOH 13 148 14  HOH HOH A . 
B 2 HOH 14 149 15  HOH HOH A . 
B 2 HOH 15 150 16  HOH HOH A . 
B 2 HOH 16 151 17  HOH HOH A . 
B 2 HOH 17 152 18  HOH HOH A . 
B 2 HOH 18 153 19  HOH HOH A . 
B 2 HOH 19 154 20  HOH HOH A . 
B 2 HOH 20 155 21  HOH HOH A . 
B 2 HOH 21 156 22  HOH HOH A . 
B 2 HOH 22 157 23  HOH HOH A . 
B 2 HOH 23 158 24  HOH HOH A . 
B 2 HOH 24 159 26  HOH HOH A . 
B 2 HOH 25 160 27  HOH HOH A . 
B 2 HOH 26 161 28  HOH HOH A . 
B 2 HOH 27 162 29  HOH HOH A . 
B 2 HOH 28 163 30  HOH HOH A . 
B 2 HOH 29 164 31  HOH HOH A . 
B 2 HOH 30 165 32  HOH HOH A . 
B 2 HOH 31 166 33  HOH HOH A . 
B 2 HOH 32 167 34  HOH HOH A . 
B 2 HOH 33 168 35  HOH HOH A . 
B 2 HOH 34 169 36  HOH HOH A . 
B 2 HOH 35 170 37  HOH HOH A . 
B 2 HOH 36 171 38  HOH HOH A . 
B 2 HOH 37 172 39  HOH HOH A . 
B 2 HOH 38 173 40  HOH HOH A . 
B 2 HOH 39 174 41  HOH HOH A . 
B 2 HOH 40 175 42  HOH HOH A . 
B 2 HOH 41 176 43  HOH HOH A . 
B 2 HOH 42 177 44  HOH HOH A . 
B 2 HOH 43 178 45  HOH HOH A . 
B 2 HOH 44 179 47  HOH HOH A . 
B 2 HOH 45 180 48  HOH HOH A . 
B 2 HOH 46 181 49  HOH HOH A . 
B 2 HOH 47 182 50  HOH HOH A . 
B 2 HOH 48 183 51  HOH HOH A . 
B 2 HOH 49 184 52  HOH HOH A . 
B 2 HOH 50 185 54  HOH HOH A . 
B 2 HOH 51 186 55  HOH HOH A . 
B 2 HOH 52 187 57  HOH HOH A . 
B 2 HOH 53 188 60  HOH HOH A . 
B 2 HOH 54 189 61  HOH HOH A . 
B 2 HOH 55 190 62  HOH HOH A . 
B 2 HOH 56 191 63  HOH HOH A . 
B 2 HOH 57 192 64  HOH HOH A . 
B 2 HOH 58 193 66  HOH HOH A . 
B 2 HOH 59 194 67  HOH HOH A . 
B 2 HOH 60 195 68  HOH HOH A . 
B 2 HOH 61 196 69  HOH HOH A . 
B 2 HOH 62 197 71  HOH HOH A . 
B 2 HOH 63 198 72  HOH HOH A . 
B 2 HOH 64 199 74  HOH HOH A . 
B 2 HOH 65 200 76  HOH HOH A . 
B 2 HOH 66 201 78  HOH HOH A . 
B 2 HOH 67 202 79  HOH HOH A . 
B 2 HOH 68 203 85  HOH HOH A . 
B 2 HOH 69 204 86  HOH HOH A . 
B 2 HOH 70 205 88  HOH HOH A . 
B 2 HOH 71 206 89  HOH HOH A . 
B 2 HOH 72 207 91  HOH HOH A . 
B 2 HOH 73 208 92  HOH HOH A . 
B 2 HOH 74 209 93  HOH HOH A . 
B 2 HOH 75 210 94  HOH HOH A . 
B 2 HOH 76 211 95  HOH HOH A . 
B 2 HOH 77 212 96  HOH HOH A . 
B 2 HOH 78 213 97  HOH HOH A . 
B 2 HOH 79 214 98  HOH HOH A . 
B 2 HOH 80 215 99  HOH HOH A . 
B 2 HOH 81 216 100 HOH HOH A . 
B 2 HOH 82 217 102 HOH HOH A . 
B 2 HOH 83 218 104 HOH HOH A . 
B 2 HOH 84 219 105 HOH HOH A . 
B 2 HOH 85 220 107 HOH HOH A . 
B 2 HOH 86 221 110 HOH HOH A . 
B 2 HOH 87 222 111 HOH HOH A . 
B 2 HOH 88 223 112 HOH HOH A . 
B 2 HOH 89 224 113 HOH HOH A . 
B 2 HOH 90 225 115 HOH HOH A . 
# 
loop_
_pdbx_unobs_or_zero_occ_atoms.id 
_pdbx_unobs_or_zero_occ_atoms.PDB_model_num 
_pdbx_unobs_or_zero_occ_atoms.polymer_flag 
_pdbx_unobs_or_zero_occ_atoms.occupancy_flag 
_pdbx_unobs_or_zero_occ_atoms.auth_asym_id 
_pdbx_unobs_or_zero_occ_atoms.auth_comp_id 
_pdbx_unobs_or_zero_occ_atoms.auth_seq_id 
_pdbx_unobs_or_zero_occ_atoms.PDB_ins_code 
_pdbx_unobs_or_zero_occ_atoms.auth_atom_id 
_pdbx_unobs_or_zero_occ_atoms.label_alt_id 
_pdbx_unobs_or_zero_occ_atoms.label_asym_id 
_pdbx_unobs_or_zero_occ_atoms.label_comp_id 
_pdbx_unobs_or_zero_occ_atoms.label_seq_id 
_pdbx_unobs_or_zero_occ_atoms.label_atom_id 
1  1 Y 1 A LYS 10  ? CE  ? A LYS 22  CE  
2  1 Y 1 A LYS 10  ? NZ  ? A LYS 22  NZ  
3  1 Y 1 A LYS 28  ? CD  ? A LYS 40  CD  
4  1 Y 1 A LYS 28  ? CE  ? A LYS 40  CE  
5  1 Y 1 A LYS 28  ? NZ  ? A LYS 40  NZ  
6  1 Y 1 A LYS 73  ? CD  ? A LYS 85  CD  
7  1 Y 1 A LYS 73  ? CE  ? A LYS 85  CE  
8  1 Y 1 A LYS 73  ? NZ  ? A LYS 85  NZ  
9  1 Y 1 A LYS 107 ? CG  ? A LYS 119 CG  
10 1 Y 1 A LYS 107 ? CD  ? A LYS 119 CD  
11 1 Y 1 A LYS 107 ? CE  ? A LYS 119 CE  
12 1 Y 1 A LYS 107 ? NZ  ? A LYS 119 NZ  
13 1 Y 1 A GLU 108 ? CG  ? A GLU 120 CG  
14 1 Y 1 A GLU 108 ? CD  ? A GLU 120 CD  
15 1 Y 1 A GLU 108 ? OE1 ? A GLU 120 OE1 
16 1 Y 1 A GLU 108 ? OE2 ? A GLU 120 OE2 
17 1 Y 1 A LYS 112 ? CD  ? A LYS 124 CD  
18 1 Y 1 A LYS 112 ? CE  ? A LYS 124 CE  
19 1 Y 1 A LYS 112 ? NZ  ? A LYS 124 NZ  
20 1 Y 1 A LYS 114 ? CG  ? A LYS 126 CG  
21 1 Y 1 A LYS 114 ? CD  ? A LYS 126 CD  
22 1 Y 1 A LYS 114 ? CE  ? A LYS 126 CE  
23 1 Y 1 A LYS 114 ? NZ  ? A LYS 126 NZ  
24 1 Y 1 A GLN 115 ? CG  ? A GLN 127 CG  
25 1 Y 1 A GLN 115 ? CD  ? A GLN 127 CD  
26 1 Y 1 A GLN 115 ? OE1 ? A GLN 127 OE1 
27 1 Y 1 A GLN 115 ? NE2 ? A GLN 127 NE2 
28 1 Y 1 A ARG 116 ? NE  ? A ARG 128 NE  
29 1 Y 1 A ARG 116 ? CZ  ? A ARG 128 CZ  
30 1 Y 1 A ARG 116 ? NH1 ? A ARG 128 NH1 
31 1 Y 1 A ARG 116 ? NH2 ? A ARG 128 NH2 
# 
loop_
_software.name 
_software.classification 
_software.version 
_software.citation_id 
_software.pdbx_ordinal 
MOSFLM  'data reduction' .         ? 1 
SCALA   'data scaling'   '4.2)'    ? 2 
SOLVE   phasing          .         ? 3 
RESOLVE 'model building' .         ? 4 
REFMAC  refinement       5.1.9999  ? 5 
CCP4    'data scaling'   '(SCALA)' ? 6 
RESOLVE phasing          .         ? 7 
# 
_cell.length_a           63.705 
_cell.length_b           63.705 
_cell.length_c           78.040 
_cell.angle_alpha        90.00 
_cell.angle_beta         90.00 
_cell.angle_gamma        120.00 
_cell.entry_id           1O4W 
_cell.pdbx_unique_axis   ? 
_cell.Z_PDB              6 
# 
_symmetry.space_group_name_H-M             'P 31 2 1' 
_symmetry.entry_id                         1O4W 
_symmetry.pdbx_full_space_group_name_H-M   ? 
_symmetry.Int_Tables_number                152 
_symmetry.cell_setting                     ? 
_symmetry.space_group_name_Hall            ? 
# 
_exptl.crystals_number   1 
_exptl.method            'X-RAY DIFFRACTION' 
_exptl.entry_id          1O4W 
# 
_exptl_crystal.id                    1 
_exptl_crystal.density_percent_sol   59.23 
_exptl_crystal.density_Matthews      3.04 
_exptl_crystal.density_meas          ? 
_exptl_crystal.description           ? 
_exptl_crystal.F_000                 ? 
_exptl_crystal.preparation           ? 
# 
_exptl_crystal_grow.crystal_id      1 
_exptl_crystal_grow.method          'VAPOR DIFFUSION,SITTING DROP,NANODROP' 
_exptl_crystal_grow.pH              6.0 
_exptl_crystal_grow.temp            277 
_exptl_crystal_grow.pdbx_details    '30% MPD, MES buffer pH 6.0, VAPOR DIFFUSION,SITTING DROP,NANODROP, temperature 277K' 
_exptl_crystal_grow.temp_details    ? 
_exptl_crystal_grow.pdbx_pH_range   . 
# 
_diffrn.id                     1 
_diffrn.ambient_temp           100 
_diffrn.ambient_temp_details   ? 
_diffrn.crystal_id             1 
# 
_diffrn_detector.diffrn_id              1 
_diffrn_detector.detector               CCD 
_diffrn_detector.type                   'ADSC QUANTUM 315' 
_diffrn_detector.pdbx_collection_date   2003-04-17 
_diffrn_detector.details                'flat mirror' 
# 
_diffrn_radiation.diffrn_id                        1 
_diffrn_radiation.pdbx_monochromatic_or_laue_m_l   M 
_diffrn_radiation.monochromator                    'single crystal Si(111) bent monochromator' 
_diffrn_radiation.wavelength_id                    1 
_diffrn_radiation.pdbx_diffrn_protocol             MAD 
_diffrn_radiation.pdbx_scattering_type             x-ray 
# 
loop_
_diffrn_radiation_wavelength.id 
_diffrn_radiation_wavelength.wavelength 
_diffrn_radiation_wavelength.wt 
1 0.98397 1.0 
2 0.97922 1.0 
3 0.91837 1.0 
4 0.97855 1.0 
# 
_diffrn_source.diffrn_id                   1 
_diffrn_source.source                      SYNCHROTRON 
_diffrn_source.pdbx_synchrotron_site       SSRL 
_diffrn_source.pdbx_synchrotron_beamline   BL11-1 
_diffrn_source.type                        'SSRL BEAMLINE BL11-1' 
_diffrn_source.pdbx_wavelength_list        '0.98397, 0.97922, 0.91837, 0.97855' 
_diffrn_source.pdbx_wavelength             ? 
# 
_reflns.observed_criterion_sigma_F   ? 
_reflns.observed_criterion_sigma_I   ? 
_reflns.d_resolution_high            1.900 
_reflns.d_resolution_low             31.86 
_reflns.number_all                   14860 
_reflns.number_obs                   14860 
_reflns.percent_possible_obs         99.9 
_reflns.pdbx_Rmerge_I_obs            ? 
_reflns.pdbx_netI_over_sigmaI        25.3 
_reflns.B_iso_Wilson_estimate        48.07 
_reflns.pdbx_redundancy              8.8 
_reflns.pdbx_Rsym_value              0.05 
_reflns.entry_id                     1O4W 
_reflns.R_free_details               ? 
_reflns.limit_h_max                  ? 
_reflns.limit_h_min                  ? 
_reflns.limit_k_max                  ? 
_reflns.limit_k_min                  ? 
_reflns.limit_l_max                  ? 
_reflns.limit_l_min                  ? 
_reflns.observed_criterion_F_max     ? 
_reflns.observed_criterion_F_min     ? 
_reflns.pdbx_chi_squared             ? 
_reflns.pdbx_scaling_rejects         ? 
_reflns.pdbx_ordinal                 1 
_reflns.pdbx_diffrn_id               1 
# 
_reflns_shell.d_res_high             1.90 
_reflns_shell.d_res_low              1.95 
_reflns_shell.percent_possible_all   99.9 
_reflns_shell.pdbx_Rsym_value        0.638 
_reflns_shell.pdbx_redundancy        4.9 
_reflns_shell.number_unique_all      1058 
_reflns_shell.meanI_over_sigI_obs    2.3 
_reflns_shell.Rmerge_I_obs           ? 
_reflns_shell.percent_possible_obs   ? 
_reflns_shell.number_measured_all    ? 
_reflns_shell.number_measured_obs    ? 
_reflns_shell.number_unique_obs      ? 
_reflns_shell.pdbx_chi_squared       ? 
_reflns_shell.pdbx_ordinal           1 
_reflns_shell.pdbx_diffrn_id         1 
# 
_refine.ls_d_res_high                            1.90 
_refine.ls_d_res_low                             31.86 
_refine.pdbx_ls_sigma_F                          ? 
_refine.pdbx_ls_sigma_I                          ? 
_refine.ls_number_reflns_obs                     14131 
_refine.ls_number_reflns_R_free                  728 
_refine.ls_percent_reflns_R_free                 4.9 
_refine.ls_percent_reflns_obs                    99.87 
_refine.ls_R_factor_obs                          0.19059 
_refine.ls_R_factor_R_work                       0.18843 
_refine.ls_R_factor_R_free                       0.23508 
_refine.pdbx_R_Free_selection_details            RANDOM 
_refine.pdbx_stereochemistry_target_values       'MAXIMUM LIKELIHOOD' 
_refine.pdbx_method_to_determine_struct          MAD 
_refine.pdbx_starting_model                      ? 
_refine.pdbx_ls_cross_valid_method               THROUGHOUT 
_refine.pdbx_isotropic_thermal_model             ISOTROPIC 
_refine.B_iso_mean                               41.843 
_refine.aniso_B[1][1]                            1.05 
_refine.aniso_B[2][2]                            1.05 
_refine.aniso_B[3][3]                            -1.57 
_refine.aniso_B[1][2]                            0.52 
_refine.aniso_B[1][3]                            0.00 
_refine.aniso_B[2][3]                            0.00 
_refine.details                                  
;1. The 9-sigma difference density peak on the crystallographic 2-fold axis between residues 126 and 128 was left unmodeled, but could indicate a metal ion.  2.  The 2 TLS groups correspond to globular and tail portions of protein respectively. 3. Hydrogens have been added in the riding positions.
;
_refine.pdbx_overall_ESU_R                       0.121 
_refine.pdbx_overall_ESU_R_Free                  0.125 
_refine.overall_SU_ML                            0.094 
_refine.overall_SU_B                             6.521 
_refine.correlation_coeff_Fo_to_Fc               0.965 
_refine.correlation_coeff_Fo_to_Fc_free          0.932 
_refine.solvent_model_details                    'BABINET MODEL WITH MASK' 
_refine.pdbx_solvent_vdw_probe_radii             1.40 
_refine.pdbx_solvent_ion_probe_radii             0.80 
_refine.pdbx_solvent_shrinkage_radii             0.80 
_refine.entry_id                                 1O4W 
_refine.ls_R_factor_all                          ? 
_refine.ls_number_reflns_all                     ? 
_refine.ls_redundancy_reflns_obs                 ? 
_refine.pdbx_data_cutoff_high_absF               ? 
_refine.pdbx_data_cutoff_low_absF                ? 
_refine.ls_number_parameters                     ? 
_refine.ls_number_restraints                     ? 
_refine.ls_R_factor_R_free_error                 ? 
_refine.ls_R_factor_R_free_error_details         ? 
_refine.pdbx_stereochem_target_val_spec_case     ? 
_refine.solvent_model_param_bsol                 ? 
_refine.solvent_model_param_ksol                 ? 
_refine.occupancy_max                            ? 
_refine.occupancy_min                            ? 
_refine.pdbx_data_cutoff_high_rms_absF           ? 
_refine.B_iso_min                                ? 
_refine.B_iso_max                                ? 
_refine.overall_SU_R_Cruickshank_DPI             ? 
_refine.overall_SU_R_free                        ? 
_refine.ls_wR_factor_R_free                      ? 
_refine.ls_wR_factor_R_work                      ? 
_refine.overall_FOM_free_R_set                   ? 
_refine.overall_FOM_work_R_set                   ? 
_refine.pdbx_refine_id                           'X-RAY DIFFRACTION' 
_refine.pdbx_TLS_residual_ADP_flag               'LIKELY RESIDUAL' 
_refine.pdbx_diffrn_id                           1 
_refine.pdbx_overall_phase_error                 ? 
_refine.pdbx_overall_SU_R_free_Cruickshank_DPI   ? 
_refine.pdbx_overall_SU_R_Blow_DPI               ? 
_refine.pdbx_overall_SU_R_free_Blow_DPI          ? 
# 
_refine_hist.pdbx_refine_id                   'X-RAY DIFFRACTION' 
_refine_hist.cycle_id                         LAST 
_refine_hist.pdbx_number_atoms_protein        974 
_refine_hist.pdbx_number_atoms_nucleic_acid   0 
_refine_hist.pdbx_number_atoms_ligand         0 
_refine_hist.number_atoms_solvent             90 
_refine_hist.number_atoms_total               1064 
_refine_hist.d_res_high                       1.90 
_refine_hist.d_res_low                        31.86 
# 
loop_
_refine_ls_restr.type 
_refine_ls_restr.number 
_refine_ls_restr.dev_ideal 
_refine_ls_restr.dev_ideal_target 
_refine_ls_restr.weight 
_refine_ls_restr.pdbx_refine_id 
_refine_ls_restr.pdbx_restraint_function 
r_bond_refined_d         998  0.018  0.022  ? 'X-RAY DIFFRACTION' ? 
r_bond_other_d           965  0.001  0.020  ? 'X-RAY DIFFRACTION' ? 
r_angle_refined_deg      1345 1.225  1.984  ? 'X-RAY DIFFRACTION' ? 
r_angle_other_deg        2223 0.758  3.000  ? 'X-RAY DIFFRACTION' ? 
r_dihedral_angle_1_deg   124  5.088  5.000  ? 'X-RAY DIFFRACTION' ? 
r_dihedral_angle_2_deg   43   36.230 23.488 ? 'X-RAY DIFFRACTION' ? 
r_dihedral_angle_3_deg   187  13.390 15.000 ? 'X-RAY DIFFRACTION' ? 
r_dihedral_angle_4_deg   8    15.595 15.000 ? 'X-RAY DIFFRACTION' ? 
r_chiral_restr           159  0.076  0.200  ? 'X-RAY DIFFRACTION' ? 
r_gen_planes_refined     1090 0.004  0.020  ? 'X-RAY DIFFRACTION' ? 
r_gen_planes_other       206  0.001  0.020  ? 'X-RAY DIFFRACTION' ? 
r_nbd_refined            176  0.207  0.200  ? 'X-RAY DIFFRACTION' ? 
r_nbd_other              900  0.158  0.200  ? 'X-RAY DIFFRACTION' ? 
r_nbtor_other            605  0.081  0.200  ? 'X-RAY DIFFRACTION' ? 
r_xyhbond_nbd_refined    58   0.146  0.200  ? 'X-RAY DIFFRACTION' ? 
r_symmetry_vdw_refined   6    0.199  0.200  ? 'X-RAY DIFFRACTION' ? 
r_symmetry_vdw_other     47   0.213  0.200  ? 'X-RAY DIFFRACTION' ? 
r_symmetry_hbond_refined 7    0.118  0.200  ? 'X-RAY DIFFRACTION' ? 
r_mcbond_it              621  0.768  1.500  ? 'X-RAY DIFFRACTION' ? 
r_mcangle_it             998  1.454  2.000  ? 'X-RAY DIFFRACTION' ? 
r_scbond_it              377  2.797  3.000  ? 'X-RAY DIFFRACTION' ? 
r_scangle_it             347  4.391  4.500  ? 'X-RAY DIFFRACTION' ? 
# 
_refine_ls_shell.pdbx_total_number_of_bins_used   20 
_refine_ls_shell.d_res_high                       1.900 
_refine_ls_shell.d_res_low                        1.949 
_refine_ls_shell.percent_reflns_obs               ? 
_refine_ls_shell.number_reflns_R_work             1002 
_refine_ls_shell.R_factor_R_work                  0.284 
_refine_ls_shell.percent_reflns_R_free            5.92 
_refine_ls_shell.number_reflns_R_free             63 
_refine_ls_shell.R_factor_R_free                  0.319 
_refine_ls_shell.R_factor_R_free_error            ? 
_refine_ls_shell.redundancy_reflns_obs            ? 
_refine_ls_shell.number_reflns_all                ? 
_refine_ls_shell.number_reflns_obs                ? 
_refine_ls_shell.pdbx_refine_id                   'X-RAY DIFFRACTION' 
_refine_ls_shell.R_factor_all                     ? 
# 
_struct.entry_id                  1O4W 
_struct.title                     
'CRYSTAL STRUCTURE OF a PIN (PILT N-TERMINUS) DOMAIN CONTAINING PROTEIN (AF0591) FROM ARCHAEOGLOBUS FULGIDUS AT 1.90 A RESOLUTION' 
_struct.pdbx_model_details        ? 
_struct.pdbx_CASP_flag            ? 
_struct.pdbx_model_type_details   ? 
# 
_struct_keywords.text            
;PIN (PILT N-TERMINUS) DOMAIN, STRUCTURAL GENOMICS, JOINT CENTER FOR STRUCTURAL GENOMICS, JCSG, PROTEIN STRUCTURE INITIATIVE, PSI, TRANSLATION
;
_struct_keywords.entry_id        1O4W 
_struct_keywords.pdbx_keywords   TRANSLATION 
# 
loop_
_struct_asym.id 
_struct_asym.pdbx_blank_PDB_chainid_flag 
_struct_asym.pdbx_modified 
_struct_asym.entity_id 
_struct_asym.details 
A N N 1 ? 
B N N 2 ? 
# 
_struct_ref.id                         1 
_struct_ref.db_name                    UNP 
_struct_ref.db_code                    O29664_ARCFU 
_struct_ref.pdbx_db_accession          O29664 
_struct_ref.entity_id                  1 
_struct_ref.pdbx_seq_one_letter_code   
;MEADRGRNNKVRCAVVDTNVLMYVYLNKADVVGQLREFGFSRFLITASVKRELEKLEMSLRGKEKVAARFALKLLEHFEV
VETESEGDPSLIEAAEKYGCILITNDKELKRKAKQRGIPVGYLKEDKRVFVELLD
;
_struct_ref.pdbx_align_begin           1 
_struct_ref.pdbx_db_isoform            ? 
# 
_struct_ref_seq.align_id                      1 
_struct_ref_seq.ref_id                        1 
_struct_ref_seq.pdbx_PDB_id_code              1O4W 
_struct_ref_seq.pdbx_strand_id                A 
_struct_ref_seq.seq_align_beg                 13 
_struct_ref_seq.pdbx_seq_align_beg_ins_code   ? 
_struct_ref_seq.seq_align_end                 147 
_struct_ref_seq.pdbx_seq_align_end_ins_code   ? 
_struct_ref_seq.pdbx_db_accession             O29664 
_struct_ref_seq.db_align_beg                  1 
_struct_ref_seq.pdbx_db_align_beg_ins_code    ? 
_struct_ref_seq.db_align_end                  135 
_struct_ref_seq.pdbx_db_align_end_ins_code    ? 
_struct_ref_seq.pdbx_auth_seq_align_beg       1 
_struct_ref_seq.pdbx_auth_seq_align_end       135 
# 
loop_
_struct_ref_seq_dif.align_id 
_struct_ref_seq_dif.pdbx_pdb_id_code 
_struct_ref_seq_dif.mon_id 
_struct_ref_seq_dif.pdbx_pdb_strand_id 
_struct_ref_seq_dif.seq_num 
_struct_ref_seq_dif.pdbx_pdb_ins_code 
_struct_ref_seq_dif.pdbx_seq_db_name 
_struct_ref_seq_dif.pdbx_seq_db_accession_code 
_struct_ref_seq_dif.db_mon_id 
_struct_ref_seq_dif.pdbx_seq_db_seq_num 
_struct_ref_seq_dif.details 
_struct_ref_seq_dif.pdbx_auth_seq_num 
_struct_ref_seq_dif.pdbx_ordinal 
1 1O4W MSE A 1  ? UNP O29664 ?   ?  'expression tag'   -11 1  
1 1O4W GLY A 2  ? UNP O29664 ?   ?  'expression tag'   -10 2  
1 1O4W SER A 3  ? UNP O29664 ?   ?  'expression tag'   -9  3  
1 1O4W ASP A 4  ? UNP O29664 ?   ?  'expression tag'   -8  4  
1 1O4W LYS A 5  ? UNP O29664 ?   ?  'expression tag'   -7  5  
1 1O4W ILE A 6  ? UNP O29664 ?   ?  'expression tag'   -6  6  
1 1O4W HIS A 7  ? UNP O29664 ?   ?  'expression tag'   -5  7  
1 1O4W HIS A 8  ? UNP O29664 ?   ?  'expression tag'   -4  8  
1 1O4W HIS A 9  ? UNP O29664 ?   ?  'expression tag'   -3  9  
1 1O4W HIS A 10 ? UNP O29664 ?   ?  'expression tag'   -2  10 
1 1O4W HIS A 11 ? UNP O29664 ?   ?  'expression tag'   -1  11 
1 1O4W HIS A 12 ? UNP O29664 ?   ?  'expression tag'   0   12 
1 1O4W MSE A 13 ? UNP O29664 MET 1  'modified residue' 1   13 
1 1O4W MSE A 34 ? UNP O29664 MET 22 'modified residue' 22  14 
1 1O4W MSE A 70 ? UNP O29664 MET 58 'modified residue' 58  15 
# 
_pdbx_struct_assembly.id                   1 
_pdbx_struct_assembly.details              author_and_software_defined_assembly 
_pdbx_struct_assembly.method_details       PISA,PQS 
_pdbx_struct_assembly.oligomeric_details   dimeric 
_pdbx_struct_assembly.oligomeric_count     2 
# 
loop_
_pdbx_struct_assembly_prop.biol_id 
_pdbx_struct_assembly_prop.type 
_pdbx_struct_assembly_prop.value 
_pdbx_struct_assembly_prop.details 
1 'ABSA (A^2)' 2330  ? 
1 MORE         -17   ? 
1 'SSA (A^2)'  14090 ? 
# 
_pdbx_struct_assembly_gen.assembly_id       1 
_pdbx_struct_assembly_gen.oper_expression   1,2 
_pdbx_struct_assembly_gen.asym_id_list      A,B 
# 
loop_
_pdbx_struct_oper_list.id 
_pdbx_struct_oper_list.type 
_pdbx_struct_oper_list.name 
_pdbx_struct_oper_list.symmetry_operation 
_pdbx_struct_oper_list.matrix[1][1] 
_pdbx_struct_oper_list.matrix[1][2] 
_pdbx_struct_oper_list.matrix[1][3] 
_pdbx_struct_oper_list.vector[1] 
_pdbx_struct_oper_list.matrix[2][1] 
_pdbx_struct_oper_list.matrix[2][2] 
_pdbx_struct_oper_list.matrix[2][3] 
_pdbx_struct_oper_list.vector[2] 
_pdbx_struct_oper_list.matrix[3][1] 
_pdbx_struct_oper_list.matrix[3][2] 
_pdbx_struct_oper_list.matrix[3][3] 
_pdbx_struct_oper_list.vector[3] 
1 'identity operation'         1_555 x,y,z             1.0000000000  0.0000000000  0.0000000000 0.0000000000   0.0000000000  1.0000000000  0.0000000000  0.0000000000   0.0000000000 0.0000000000  1.0000000000 0.0000000000  
2 'crystal symmetry operation' 5_674 x-y+1,-y+2,-z-1/3 -0.8481707677 -0.2526625416 0.4655834929 -29.3032278707 -0.2526625416 -0.5795384132 -0.7747882728 -29.0918224795 0.4655834929 -0.7747882728 0.4277091809 -6.2315938190 
# 
_struct_biol.details               
;THE BIOLOGICAL UNIT IS PROPOSED TO BE A DIMER AROUND THE
 CRYTALLOGRAPHIC 2-FOLD AXIS.  DIMERISATION IS MEDIATED
 BY AN EXPOSED 2-STRAND BETA SHEET COMPRISING THE
 HYDROPHILIC C-TERMINAL RESIDUES OF EACH SUBUNIT, THAT
 BRIDGES THE GLOBULAR DOMAINS OF EACH SUBUNIT.  THIS IS
 CONSIDERED BIOLOGICALLY SIGNIFICANT BECAUSE OF IT LEADS
 TO CHAIN SWAPPING BETWEEN SUBUNITS.

 GENERATING THE BIOMOLECULE
 COORDINATES FOR A COMPLETE MULTIMER REPRESENTING THE KNOWN
 BIOLOGICALLY SIGNIFICANT OLIGOMERIZATION STATE OF THE
 MOLECULE CAN BE GENERATED BY APPLYING BIOMT TRANSFORMATIONS
 GIVEN BELOW.  BOTH NON-CRYSTALLOGRAPHIC AND
 CRYSTALLOGRAPHIC OPERATIONS ARE GIVEN.

 APPLY THE FOLLOWING TO CHAINS: A, W
   BIOMT1   1  1.000000  0.000000  0.000000        0.00000
   BIOMT2   1  0.000000  1.000000  0.000000        0.00000
   BIOMT3   1  0.000000  0.000000  1.000000        0.00000
   BIOMT1   2  1.000000  0.000000  0.000000        0.00000
   BIOMT2   2  0.000000 -1.000000  0.000000      110.69801
   BIOMT3   2  0.000000  0.000000 -1.000000      -26.13300
;
_struct_biol.id                    1 
_struct_biol.pdbx_parent_biol_id   ? 
# 
loop_
_struct_conf.conf_type_id 
_struct_conf.id 
_struct_conf.pdbx_PDB_helix_id 
_struct_conf.beg_label_comp_id 
_struct_conf.beg_label_asym_id 
_struct_conf.beg_label_seq_id 
_struct_conf.pdbx_beg_PDB_ins_code 
_struct_conf.end_label_comp_id 
_struct_conf.end_label_asym_id 
_struct_conf.end_label_seq_id 
_struct_conf.pdbx_end_PDB_ins_code 
_struct_conf.beg_auth_comp_id 
_struct_conf.beg_auth_asym_id 
_struct_conf.beg_auth_seq_id 
_struct_conf.end_auth_comp_id 
_struct_conf.end_auth_asym_id 
_struct_conf.end_auth_seq_id 
_struct_conf.pdbx_PDB_helix_class 
_struct_conf.details 
_struct_conf.pdbx_PDB_helix_length 
HELX_P HELX_P1 1 ASP A 29  ? LYS A 40  ? ASP A 17  LYS A 28  1 ? 12 
HELX_P HELX_P2 2 ASP A 42  ? PHE A 50  ? ASP A 30  PHE A 38  1 ? 9  
HELX_P HELX_P3 3 ALA A 59  ? LEU A 72  ? ALA A 47  LEU A 60  1 ? 14 
HELX_P HELX_P4 4 LYS A 75  ? GLU A 88  ? LYS A 63  GLU A 76  1 ? 14 
HELX_P HELX_P5 5 GLY A 99  ? GLY A 111 ? GLY A 87  GLY A 99  1 ? 13 
HELX_P HELX_P6 6 ASP A 118 ? ARG A 128 ? ASP A 106 ARG A 116 1 ? 11 
# 
_struct_conf_type.id          HELX_P 
_struct_conf_type.criteria    ? 
_struct_conf_type.reference   ? 
# 
loop_
_struct_conn.id 
_struct_conn.conn_type_id 
_struct_conn.pdbx_leaving_atom_flag 
_struct_conn.pdbx_PDB_id 
_struct_conn.ptnr1_label_asym_id 
_struct_conn.ptnr1_label_comp_id 
_struct_conn.ptnr1_label_seq_id 
_struct_conn.ptnr1_label_atom_id 
_struct_conn.pdbx_ptnr1_label_alt_id 
_struct_conn.pdbx_ptnr1_PDB_ins_code 
_struct_conn.pdbx_ptnr1_standard_comp_id 
_struct_conn.ptnr1_symmetry 
_struct_conn.ptnr2_label_asym_id 
_struct_conn.ptnr2_label_comp_id 
_struct_conn.ptnr2_label_seq_id 
_struct_conn.ptnr2_label_atom_id 
_struct_conn.pdbx_ptnr2_label_alt_id 
_struct_conn.pdbx_ptnr2_PDB_ins_code 
_struct_conn.ptnr1_auth_asym_id 
_struct_conn.ptnr1_auth_comp_id 
_struct_conn.ptnr1_auth_seq_id 
_struct_conn.ptnr2_auth_asym_id 
_struct_conn.ptnr2_auth_comp_id 
_struct_conn.ptnr2_auth_seq_id 
_struct_conn.ptnr2_symmetry 
_struct_conn.pdbx_ptnr3_label_atom_id 
_struct_conn.pdbx_ptnr3_label_seq_id 
_struct_conn.pdbx_ptnr3_label_comp_id 
_struct_conn.pdbx_ptnr3_label_asym_id 
_struct_conn.pdbx_ptnr3_label_alt_id 
_struct_conn.pdbx_ptnr3_PDB_ins_code 
_struct_conn.details 
_struct_conn.pdbx_dist_value 
_struct_conn.pdbx_value_order 
_struct_conn.pdbx_role 
disulf1 disulf ?    ? A CYS 25 SG ? ? ? 1_555 A CYS 112 SG ? ? A CYS 13 A CYS 100 1_555 ? ? ? ? ? ? ? 2.113 ? ? 
covale1 covale both ? A LEU 33 C  ? ? ? 1_555 A MSE 34  N  ? ? A LEU 21 A MSE 22  1_555 ? ? ? ? ? ? ? 1.330 ? ? 
covale2 covale both ? A MSE 34 C  ? ? ? 1_555 A TYR 35  N  ? ? A MSE 22 A TYR 23  1_555 ? ? ? ? ? ? ? 1.328 ? ? 
covale3 covale both ? A GLU 69 C  ? ? ? 1_555 A MSE 70  N  ? ? A GLU 57 A MSE 58  1_555 ? ? ? ? ? ? ? 1.329 ? ? 
covale4 covale both ? A MSE 70 C  ? ? ? 1_555 A SER 71  N  ? ? A MSE 58 A SER 59  1_555 ? ? ? ? ? ? ? 1.330 ? ? 
# 
loop_
_struct_conn_type.id 
_struct_conn_type.criteria 
_struct_conn_type.reference 
disulf ? ? 
covale ? ? 
# 
loop_
_pdbx_modification_feature.ordinal 
_pdbx_modification_feature.label_comp_id 
_pdbx_modification_feature.label_asym_id 
_pdbx_modification_feature.label_seq_id 
_pdbx_modification_feature.label_alt_id 
_pdbx_modification_feature.modified_residue_label_comp_id 
_pdbx_modification_feature.modified_residue_label_asym_id 
_pdbx_modification_feature.modified_residue_label_seq_id 
_pdbx_modification_feature.modified_residue_label_alt_id 
_pdbx_modification_feature.auth_comp_id 
_pdbx_modification_feature.auth_asym_id 
_pdbx_modification_feature.auth_seq_id 
_pdbx_modification_feature.PDB_ins_code 
_pdbx_modification_feature.symmetry 
_pdbx_modification_feature.modified_residue_auth_comp_id 
_pdbx_modification_feature.modified_residue_auth_asym_id 
_pdbx_modification_feature.modified_residue_auth_seq_id 
_pdbx_modification_feature.modified_residue_PDB_ins_code 
_pdbx_modification_feature.modified_residue_symmetry 
_pdbx_modification_feature.comp_id_linking_atom 
_pdbx_modification_feature.modified_residue_id_linking_atom 
_pdbx_modification_feature.modified_residue_id 
_pdbx_modification_feature.ref_pcm_id 
_pdbx_modification_feature.ref_comp_id 
_pdbx_modification_feature.type 
_pdbx_modification_feature.category 
1 MSE A 34 ? .   . .   . MSE A 22 ? 1_555 .   . .   . .     .  .  MET 1 MSE Selenomethionine 'Named protein modification' 
2 MSE A 70 ? .   . .   . MSE A 58 ? 1_555 .   . .   . .     .  .  MET 1 MSE Selenomethionine 'Named protein modification' 
3 CYS A 25 ? CYS A 112 ? CYS A 13 ? 1_555 CYS A 100 ? 1_555 SG SG .   . .   None             'Disulfide bridge'           
# 
_struct_sheet.id               A 
_struct_sheet.type             ? 
_struct_sheet.number_strands   5 
_struct_sheet.details          ? 
# 
loop_
_struct_sheet_order.sheet_id 
_struct_sheet_order.range_id_1 
_struct_sheet_order.range_id_2 
_struct_sheet_order.offset 
_struct_sheet_order.sense 
A 1 2 ? parallel 
A 2 3 ? parallel 
A 3 4 ? parallel 
A 4 5 ? parallel 
# 
loop_
_struct_sheet_range.sheet_id 
_struct_sheet_range.id 
_struct_sheet_range.beg_label_comp_id 
_struct_sheet_range.beg_label_asym_id 
_struct_sheet_range.beg_label_seq_id 
_struct_sheet_range.pdbx_beg_PDB_ins_code 
_struct_sheet_range.end_label_comp_id 
_struct_sheet_range.end_label_asym_id 
_struct_sheet_range.end_label_seq_id 
_struct_sheet_range.pdbx_end_PDB_ins_code 
_struct_sheet_range.beg_auth_comp_id 
_struct_sheet_range.beg_auth_asym_id 
_struct_sheet_range.beg_auth_seq_id 
_struct_sheet_range.end_auth_comp_id 
_struct_sheet_range.end_auth_asym_id 
_struct_sheet_range.end_auth_seq_id 
A 1 GLU A 91  ? VAL A 93  ? GLU A 79  VAL A 81  
A 2 PHE A 52  ? THR A 58  ? PHE A 40  THR A 46  
A 3 ARG A 24  ? VAL A 28  ? ARG A 12  VAL A 16  
A 4 ILE A 113 ? ILE A 115 ? ILE A 101 ILE A 103 
A 5 VAL A 132 ? GLU A 144 ? VAL A 120 GLU A 132 
# 
loop_
_pdbx_struct_sheet_hbond.sheet_id 
_pdbx_struct_sheet_hbond.range_id_1 
_pdbx_struct_sheet_hbond.range_id_2 
_pdbx_struct_sheet_hbond.range_1_label_atom_id 
_pdbx_struct_sheet_hbond.range_1_label_comp_id 
_pdbx_struct_sheet_hbond.range_1_label_asym_id 
_pdbx_struct_sheet_hbond.range_1_label_seq_id 
_pdbx_struct_sheet_hbond.range_1_PDB_ins_code 
_pdbx_struct_sheet_hbond.range_1_auth_atom_id 
_pdbx_struct_sheet_hbond.range_1_auth_comp_id 
_pdbx_struct_sheet_hbond.range_1_auth_asym_id 
_pdbx_struct_sheet_hbond.range_1_auth_seq_id 
_pdbx_struct_sheet_hbond.range_2_label_atom_id 
_pdbx_struct_sheet_hbond.range_2_label_comp_id 
_pdbx_struct_sheet_hbond.range_2_label_asym_id 
_pdbx_struct_sheet_hbond.range_2_label_seq_id 
_pdbx_struct_sheet_hbond.range_2_PDB_ins_code 
_pdbx_struct_sheet_hbond.range_2_auth_atom_id 
_pdbx_struct_sheet_hbond.range_2_auth_comp_id 
_pdbx_struct_sheet_hbond.range_2_auth_asym_id 
_pdbx_struct_sheet_hbond.range_2_auth_seq_id 
A 1 2 O VAL A 93  ? O VAL A 81  N ILE A 57  ? N ILE A 45  
A 2 3 O LEU A 56  ? O LEU A 44  N ALA A 26  ? N ALA A 14  
A 3 4 N VAL A 27  ? N VAL A 15  O ILE A 115 ? O ILE A 103 
A 4 5 N GLU A 144 ? N GLU A 132 O GLY A 133 ? O GLY A 121 
# 
_pdbx_entry_details.entry_id                   1O4W 
_pdbx_entry_details.compound_details           ? 
_pdbx_entry_details.source_details             ? 
_pdbx_entry_details.nonpolymer_details         ? 
_pdbx_entry_details.sequence_details           ? 
_pdbx_entry_details.has_ligand_of_interest     ? 
_pdbx_entry_details.has_protein_modification   Y 
# 
_pdbx_SG_project.id                    1 
_pdbx_SG_project.project_name          'PSI, Protein Structure Initiative' 
_pdbx_SG_project.full_name_of_center   'Joint Center for Structural Genomics' 
_pdbx_SG_project.initial_of_center     JCSG 
# 
loop_
_pdbx_struct_mod_residue.id 
_pdbx_struct_mod_residue.label_asym_id 
_pdbx_struct_mod_residue.label_comp_id 
_pdbx_struct_mod_residue.label_seq_id 
_pdbx_struct_mod_residue.auth_asym_id 
_pdbx_struct_mod_residue.auth_comp_id 
_pdbx_struct_mod_residue.auth_seq_id 
_pdbx_struct_mod_residue.PDB_ins_code 
_pdbx_struct_mod_residue.parent_comp_id 
_pdbx_struct_mod_residue.details 
1 A MSE 34 A MSE 22 ? MET SELENOMETHIONINE 
2 A MSE 70 A MSE 58 ? MET SELENOMETHIONINE 
# 
loop_
_pdbx_refine_tls.id 
_pdbx_refine_tls.details 
_pdbx_refine_tls.method 
_pdbx_refine_tls.origin_x 
_pdbx_refine_tls.origin_y 
_pdbx_refine_tls.origin_z 
_pdbx_refine_tls.T[1][1] 
_pdbx_refine_tls.T[2][2] 
_pdbx_refine_tls.T[3][3] 
_pdbx_refine_tls.T[1][2] 
_pdbx_refine_tls.T[1][3] 
_pdbx_refine_tls.T[2][3] 
_pdbx_refine_tls.L[1][1] 
_pdbx_refine_tls.L[2][2] 
_pdbx_refine_tls.L[3][3] 
_pdbx_refine_tls.L[1][2] 
_pdbx_refine_tls.L[1][3] 
_pdbx_refine_tls.L[2][3] 
_pdbx_refine_tls.S[1][1] 
_pdbx_refine_tls.S[2][2] 
_pdbx_refine_tls.S[3][3] 
_pdbx_refine_tls.S[1][2] 
_pdbx_refine_tls.S[1][3] 
_pdbx_refine_tls.S[2][3] 
_pdbx_refine_tls.S[2][1] 
_pdbx_refine_tls.S[3][1] 
_pdbx_refine_tls.S[3][2] 
_pdbx_refine_tls.pdbx_refine_id 
1 . refined 2.2587   1.3533   0.6277  -0.2621 -0.1587 -0.0811 0.0559  -0.0145 -0.0839 5.5000  3.8088  3.1063 -1.1887 1.5208 -0.1979 -0.0546 -0.0345 0.0891 -0.1310 0.1881 0.0472 0.2593  -0.0920 0.0172 'X-RAY DIFFRACTION' 
2 . refined -17.0124 -16.3432 -7.1688 0.0729  0.0162  0.0019  -0.1014 0.0433  0.0020  12.9077 29.7183 5.9114 18.8209 8.4611 13.2487 -0.8362 0.4666  0.3695 0.2562  0.8855 0.5718 -0.8065 0.0913  0.2844 'X-RAY DIFFRACTION' 
# 
loop_
_pdbx_refine_tls_group.id 
_pdbx_refine_tls_group.refine_tls_id 
_pdbx_refine_tls_group.beg_label_asym_id 
_pdbx_refine_tls_group.beg_label_seq_id 
_pdbx_refine_tls_group.end_label_asym_id 
_pdbx_refine_tls_group.end_label_seq_id 
_pdbx_refine_tls_group.selection 
_pdbx_refine_tls_group.beg_auth_asym_id 
_pdbx_refine_tls_group.beg_auth_seq_id 
_pdbx_refine_tls_group.end_auth_asym_id 
_pdbx_refine_tls_group.end_auth_seq_id 
_pdbx_refine_tls_group.pdbx_refine_id 
_pdbx_refine_tls_group.selection_details 
1 1 A 22  A 134 ALL A 10  A 122 'X-RAY DIFFRACTION' ? 
2 2 A 135 A 146 ALL A 123 A 134 'X-RAY DIFFRACTION' ? 
# 
loop_
_pdbx_database_remark.id 
_pdbx_database_remark.text 
300 
;BIOMOLECULE: 1 
 THIS ENTRY CONTAINS THE CRYSTALLOGRAPHIC ASYMMETRIC UNIT
 WHICH CONSISTS OF 1 CHAIN(S). SEE REMARK 350 FOR
 INFORMATION ON GENERATING THE BIOLOGICAL MOLECULE(S).
 THE BIOLOGICAL UNIT IS PROPOSED TO BE A DIMER AROUND THE
 CRYTALLOGRAPHIC 2-FOLD AXIS.  DIMERISATION IS MEDIATED
 BY AN EXPOSED 2-STRAND BETA SHEET COMPRISING THE
 HYDROPHILIC C-TERMINAL RESIDUES OF EACH SUBUNIT, THAT
 BRIDGES THE GLOBULAR DOMAINS OF EACH SUBUNIT.  THIS IS
 CONSIDERED BIOLOGICALLY SIGNIFICANT BECAUSE OF IT LEADS
 TO CHAIN SWAPPING BETWEEN SUBUNITS.
;
650 
;HELIX
DETERMINATION METHOD: AUTHOR
;
700 
;SHEET
DETERMINATION METHOD: AUTHOR
;
# 
loop_
_pdbx_unobs_or_zero_occ_residues.id 
_pdbx_unobs_or_zero_occ_residues.PDB_model_num 
_pdbx_unobs_or_zero_occ_residues.polymer_flag 
_pdbx_unobs_or_zero_occ_residues.occupancy_flag 
_pdbx_unobs_or_zero_occ_residues.auth_asym_id 
_pdbx_unobs_or_zero_occ_residues.auth_comp_id 
_pdbx_unobs_or_zero_occ_residues.auth_seq_id 
_pdbx_unobs_or_zero_occ_residues.PDB_ins_code 
_pdbx_unobs_or_zero_occ_residues.label_asym_id 
_pdbx_unobs_or_zero_occ_residues.label_comp_id 
_pdbx_unobs_or_zero_occ_residues.label_seq_id 
1  1 Y 1 A MSE -11 ? A MSE 1   
2  1 Y 1 A GLY -10 ? A GLY 2   
3  1 Y 1 A SER -9  ? A SER 3   
4  1 Y 1 A ASP -8  ? A ASP 4   
5  1 Y 1 A LYS -7  ? A LYS 5   
6  1 Y 1 A ILE -6  ? A ILE 6   
7  1 Y 1 A HIS -5  ? A HIS 7   
8  1 Y 1 A HIS -4  ? A HIS 8   
9  1 Y 1 A HIS -3  ? A HIS 9   
10 1 Y 1 A HIS -2  ? A HIS 10  
11 1 Y 1 A HIS -1  ? A HIS 11  
12 1 Y 1 A HIS 0   ? A HIS 12  
13 1 Y 1 A MSE 1   ? A MSE 13  
14 1 Y 1 A GLU 2   ? A GLU 14  
15 1 Y 1 A ALA 3   ? A ALA 15  
16 1 Y 1 A ASP 4   ? A ASP 16  
17 1 Y 1 A ARG 5   ? A ARG 17  
18 1 Y 1 A GLY 6   ? A GLY 18  
19 1 Y 1 A ARG 7   ? A ARG 19  
20 1 Y 1 A ASN 8   ? A ASN 20  
21 1 Y 1 A ASN 9   ? A ASN 21  
22 1 Y 1 A ASP 135 ? A ASP 147 
# 
loop_
_chem_comp_atom.comp_id 
_chem_comp_atom.atom_id 
_chem_comp_atom.type_symbol 
_chem_comp_atom.pdbx_aromatic_flag 
_chem_comp_atom.pdbx_stereo_config 
_chem_comp_atom.pdbx_ordinal 
ALA N    N  N N 1   
ALA CA   C  N S 2   
ALA C    C  N N 3   
ALA O    O  N N 4   
ALA CB   C  N N 5   
ALA OXT  O  N N 6   
ALA H    H  N N 7   
ALA H2   H  N N 8   
ALA HA   H  N N 9   
ALA HB1  H  N N 10  
ALA HB2  H  N N 11  
ALA HB3  H  N N 12  
ALA HXT  H  N N 13  
ARG N    N  N N 14  
ARG CA   C  N S 15  
ARG C    C  N N 16  
ARG O    O  N N 17  
ARG CB   C  N N 18  
ARG CG   C  N N 19  
ARG CD   C  N N 20  
ARG NE   N  N N 21  
ARG CZ   C  N N 22  
ARG NH1  N  N N 23  
ARG NH2  N  N N 24  
ARG OXT  O  N N 25  
ARG H    H  N N 26  
ARG H2   H  N N 27  
ARG HA   H  N N 28  
ARG HB2  H  N N 29  
ARG HB3  H  N N 30  
ARG HG2  H  N N 31  
ARG HG3  H  N N 32  
ARG HD2  H  N N 33  
ARG HD3  H  N N 34  
ARG HE   H  N N 35  
ARG HH11 H  N N 36  
ARG HH12 H  N N 37  
ARG HH21 H  N N 38  
ARG HH22 H  N N 39  
ARG HXT  H  N N 40  
ASN N    N  N N 41  
ASN CA   C  N S 42  
ASN C    C  N N 43  
ASN O    O  N N 44  
ASN CB   C  N N 45  
ASN CG   C  N N 46  
ASN OD1  O  N N 47  
ASN ND2  N  N N 48  
ASN OXT  O  N N 49  
ASN H    H  N N 50  
ASN H2   H  N N 51  
ASN HA   H  N N 52  
ASN HB2  H  N N 53  
ASN HB3  H  N N 54  
ASN HD21 H  N N 55  
ASN HD22 H  N N 56  
ASN HXT  H  N N 57  
ASP N    N  N N 58  
ASP CA   C  N S 59  
ASP C    C  N N 60  
ASP O    O  N N 61  
ASP CB   C  N N 62  
ASP CG   C  N N 63  
ASP OD1  O  N N 64  
ASP OD2  O  N N 65  
ASP OXT  O  N N 66  
ASP H    H  N N 67  
ASP H2   H  N N 68  
ASP HA   H  N N 69  
ASP HB2  H  N N 70  
ASP HB3  H  N N 71  
ASP HD2  H  N N 72  
ASP HXT  H  N N 73  
CYS N    N  N N 74  
CYS CA   C  N R 75  
CYS C    C  N N 76  
CYS O    O  N N 77  
CYS CB   C  N N 78  
CYS SG   S  N N 79  
CYS OXT  O  N N 80  
CYS H    H  N N 81  
CYS H2   H  N N 82  
CYS HA   H  N N 83  
CYS HB2  H  N N 84  
CYS HB3  H  N N 85  
CYS HG   H  N N 86  
CYS HXT  H  N N 87  
GLN N    N  N N 88  
GLN CA   C  N S 89  
GLN C    C  N N 90  
GLN O    O  N N 91  
GLN CB   C  N N 92  
GLN CG   C  N N 93  
GLN CD   C  N N 94  
GLN OE1  O  N N 95  
GLN NE2  N  N N 96  
GLN OXT  O  N N 97  
GLN H    H  N N 98  
GLN H2   H  N N 99  
GLN HA   H  N N 100 
GLN HB2  H  N N 101 
GLN HB3  H  N N 102 
GLN HG2  H  N N 103 
GLN HG3  H  N N 104 
GLN HE21 H  N N 105 
GLN HE22 H  N N 106 
GLN HXT  H  N N 107 
GLU N    N  N N 108 
GLU CA   C  N S 109 
GLU C    C  N N 110 
GLU O    O  N N 111 
GLU CB   C  N N 112 
GLU CG   C  N N 113 
GLU CD   C  N N 114 
GLU OE1  O  N N 115 
GLU OE2  O  N N 116 
GLU OXT  O  N N 117 
GLU H    H  N N 118 
GLU H2   H  N N 119 
GLU HA   H  N N 120 
GLU HB2  H  N N 121 
GLU HB3  H  N N 122 
GLU HG2  H  N N 123 
GLU HG3  H  N N 124 
GLU HE2  H  N N 125 
GLU HXT  H  N N 126 
GLY N    N  N N 127 
GLY CA   C  N N 128 
GLY C    C  N N 129 
GLY O    O  N N 130 
GLY OXT  O  N N 131 
GLY H    H  N N 132 
GLY H2   H  N N 133 
GLY HA2  H  N N 134 
GLY HA3  H  N N 135 
GLY HXT  H  N N 136 
HIS N    N  N N 137 
HIS CA   C  N S 138 
HIS C    C  N N 139 
HIS O    O  N N 140 
HIS CB   C  N N 141 
HIS CG   C  Y N 142 
HIS ND1  N  Y N 143 
HIS CD2  C  Y N 144 
HIS CE1  C  Y N 145 
HIS NE2  N  Y N 146 
HIS OXT  O  N N 147 
HIS H    H  N N 148 
HIS H2   H  N N 149 
HIS HA   H  N N 150 
HIS HB2  H  N N 151 
HIS HB3  H  N N 152 
HIS HD1  H  N N 153 
HIS HD2  H  N N 154 
HIS HE1  H  N N 155 
HIS HE2  H  N N 156 
HIS HXT  H  N N 157 
HOH O    O  N N 158 
HOH H1   H  N N 159 
HOH H2   H  N N 160 
ILE N    N  N N 161 
ILE CA   C  N S 162 
ILE C    C  N N 163 
ILE O    O  N N 164 
ILE CB   C  N S 165 
ILE CG1  C  N N 166 
ILE CG2  C  N N 167 
ILE CD1  C  N N 168 
ILE OXT  O  N N 169 
ILE H    H  N N 170 
ILE H2   H  N N 171 
ILE HA   H  N N 172 
ILE HB   H  N N 173 
ILE HG12 H  N N 174 
ILE HG13 H  N N 175 
ILE HG21 H  N N 176 
ILE HG22 H  N N 177 
ILE HG23 H  N N 178 
ILE HD11 H  N N 179 
ILE HD12 H  N N 180 
ILE HD13 H  N N 181 
ILE HXT  H  N N 182 
LEU N    N  N N 183 
LEU CA   C  N S 184 
LEU C    C  N N 185 
LEU O    O  N N 186 
LEU CB   C  N N 187 
LEU CG   C  N N 188 
LEU CD1  C  N N 189 
LEU CD2  C  N N 190 
LEU OXT  O  N N 191 
LEU H    H  N N 192 
LEU H2   H  N N 193 
LEU HA   H  N N 194 
LEU HB2  H  N N 195 
LEU HB3  H  N N 196 
LEU HG   H  N N 197 
LEU HD11 H  N N 198 
LEU HD12 H  N N 199 
LEU HD13 H  N N 200 
LEU HD21 H  N N 201 
LEU HD22 H  N N 202 
LEU HD23 H  N N 203 
LEU HXT  H  N N 204 
LYS N    N  N N 205 
LYS CA   C  N S 206 
LYS C    C  N N 207 
LYS O    O  N N 208 
LYS CB   C  N N 209 
LYS CG   C  N N 210 
LYS CD   C  N N 211 
LYS CE   C  N N 212 
LYS NZ   N  N N 213 
LYS OXT  O  N N 214 
LYS H    H  N N 215 
LYS H2   H  N N 216 
LYS HA   H  N N 217 
LYS HB2  H  N N 218 
LYS HB3  H  N N 219 
LYS HG2  H  N N 220 
LYS HG3  H  N N 221 
LYS HD2  H  N N 222 
LYS HD3  H  N N 223 
LYS HE2  H  N N 224 
LYS HE3  H  N N 225 
LYS HZ1  H  N N 226 
LYS HZ2  H  N N 227 
LYS HZ3  H  N N 228 
LYS HXT  H  N N 229 
MET N    N  N N 230 
MET CA   C  N S 231 
MET C    C  N N 232 
MET O    O  N N 233 
MET CB   C  N N 234 
MET CG   C  N N 235 
MET SD   S  N N 236 
MET CE   C  N N 237 
MET OXT  O  N N 238 
MET H    H  N N 239 
MET H2   H  N N 240 
MET HA   H  N N 241 
MET HB2  H  N N 242 
MET HB3  H  N N 243 
MET HG2  H  N N 244 
MET HG3  H  N N 245 
MET HE1  H  N N 246 
MET HE2  H  N N 247 
MET HE3  H  N N 248 
MET HXT  H  N N 249 
MSE N    N  N N 250 
MSE CA   C  N S 251 
MSE C    C  N N 252 
MSE O    O  N N 253 
MSE OXT  O  N N 254 
MSE CB   C  N N 255 
MSE CG   C  N N 256 
MSE SE   SE N N 257 
MSE CE   C  N N 258 
MSE H    H  N N 259 
MSE H2   H  N N 260 
MSE HA   H  N N 261 
MSE HXT  H  N N 262 
MSE HB2  H  N N 263 
MSE HB3  H  N N 264 
MSE HG2  H  N N 265 
MSE HG3  H  N N 266 
MSE HE1  H  N N 267 
MSE HE2  H  N N 268 
MSE HE3  H  N N 269 
PHE N    N  N N 270 
PHE CA   C  N S 271 
PHE C    C  N N 272 
PHE O    O  N N 273 
PHE CB   C  N N 274 
PHE CG   C  Y N 275 
PHE CD1  C  Y N 276 
PHE CD2  C  Y N 277 
PHE CE1  C  Y N 278 
PHE CE2  C  Y N 279 
PHE CZ   C  Y N 280 
PHE OXT  O  N N 281 
PHE H    H  N N 282 
PHE H2   H  N N 283 
PHE HA   H  N N 284 
PHE HB2  H  N N 285 
PHE HB3  H  N N 286 
PHE HD1  H  N N 287 
PHE HD2  H  N N 288 
PHE HE1  H  N N 289 
PHE HE2  H  N N 290 
PHE HZ   H  N N 291 
PHE HXT  H  N N 292 
PRO N    N  N N 293 
PRO CA   C  N S 294 
PRO C    C  N N 295 
PRO O    O  N N 296 
PRO CB   C  N N 297 
PRO CG   C  N N 298 
PRO CD   C  N N 299 
PRO OXT  O  N N 300 
PRO H    H  N N 301 
PRO HA   H  N N 302 
PRO HB2  H  N N 303 
PRO HB3  H  N N 304 
PRO HG2  H  N N 305 
PRO HG3  H  N N 306 
PRO HD2  H  N N 307 
PRO HD3  H  N N 308 
PRO HXT  H  N N 309 
SER N    N  N N 310 
SER CA   C  N S 311 
SER C    C  N N 312 
SER O    O  N N 313 
SER CB   C  N N 314 
SER OG   O  N N 315 
SER OXT  O  N N 316 
SER H    H  N N 317 
SER H2   H  N N 318 
SER HA   H  N N 319 
SER HB2  H  N N 320 
SER HB3  H  N N 321 
SER HG   H  N N 322 
SER HXT  H  N N 323 
THR N    N  N N 324 
THR CA   C  N S 325 
THR C    C  N N 326 
THR O    O  N N 327 
THR CB   C  N R 328 
THR OG1  O  N N 329 
THR CG2  C  N N 330 
THR OXT  O  N N 331 
THR H    H  N N 332 
THR H2   H  N N 333 
THR HA   H  N N 334 
THR HB   H  N N 335 
THR HG1  H  N N 336 
THR HG21 H  N N 337 
THR HG22 H  N N 338 
THR HG23 H  N N 339 
THR HXT  H  N N 340 
TYR N    N  N N 341 
TYR CA   C  N S 342 
TYR C    C  N N 343 
TYR O    O  N N 344 
TYR CB   C  N N 345 
TYR CG   C  Y N 346 
TYR CD1  C  Y N 347 
TYR CD2  C  Y N 348 
TYR CE1  C  Y N 349 
TYR CE2  C  Y N 350 
TYR CZ   C  Y N 351 
TYR OH   O  N N 352 
TYR OXT  O  N N 353 
TYR H    H  N N 354 
TYR H2   H  N N 355 
TYR HA   H  N N 356 
TYR HB2  H  N N 357 
TYR HB3  H  N N 358 
TYR HD1  H  N N 359 
TYR HD2  H  N N 360 
TYR HE1  H  N N 361 
TYR HE2  H  N N 362 
TYR HH   H  N N 363 
TYR HXT  H  N N 364 
VAL N    N  N N 365 
VAL CA   C  N S 366 
VAL C    C  N N 367 
VAL O    O  N N 368 
VAL CB   C  N N 369 
VAL CG1  C  N N 370 
VAL CG2  C  N N 371 
VAL OXT  O  N N 372 
VAL H    H  N N 373 
VAL H2   H  N N 374 
VAL HA   H  N N 375 
VAL HB   H  N N 376 
VAL HG11 H  N N 377 
VAL HG12 H  N N 378 
VAL HG13 H  N N 379 
VAL HG21 H  N N 380 
VAL HG22 H  N N 381 
VAL HG23 H  N N 382 
VAL HXT  H  N N 383 
# 
loop_
_chem_comp_bond.comp_id 
_chem_comp_bond.atom_id_1 
_chem_comp_bond.atom_id_2 
_chem_comp_bond.value_order 
_chem_comp_bond.pdbx_aromatic_flag 
_chem_comp_bond.pdbx_stereo_config 
_chem_comp_bond.pdbx_ordinal 
ALA N   CA   sing N N 1   
ALA N   H    sing N N 2   
ALA N   H2   sing N N 3   
ALA CA  C    sing N N 4   
ALA CA  CB   sing N N 5   
ALA CA  HA   sing N N 6   
ALA C   O    doub N N 7   
ALA C   OXT  sing N N 8   
ALA CB  HB1  sing N N 9   
ALA CB  HB2  sing N N 10  
ALA CB  HB3  sing N N 11  
ALA OXT HXT  sing N N 12  
ARG N   CA   sing N N 13  
ARG N   H    sing N N 14  
ARG N   H2   sing N N 15  
ARG CA  C    sing N N 16  
ARG CA  CB   sing N N 17  
ARG CA  HA   sing N N 18  
ARG C   O    doub N N 19  
ARG C   OXT  sing N N 20  
ARG CB  CG   sing N N 21  
ARG CB  HB2  sing N N 22  
ARG CB  HB3  sing N N 23  
ARG CG  CD   sing N N 24  
ARG CG  HG2  sing N N 25  
ARG CG  HG3  sing N N 26  
ARG CD  NE   sing N N 27  
ARG CD  HD2  sing N N 28  
ARG CD  HD3  sing N N 29  
ARG NE  CZ   sing N N 30  
ARG NE  HE   sing N N 31  
ARG CZ  NH1  sing N N 32  
ARG CZ  NH2  doub N N 33  
ARG NH1 HH11 sing N N 34  
ARG NH1 HH12 sing N N 35  
ARG NH2 HH21 sing N N 36  
ARG NH2 HH22 sing N N 37  
ARG OXT HXT  sing N N 38  
ASN N   CA   sing N N 39  
ASN N   H    sing N N 40  
ASN N   H2   sing N N 41  
ASN CA  C    sing N N 42  
ASN CA  CB   sing N N 43  
ASN CA  HA   sing N N 44  
ASN C   O    doub N N 45  
ASN C   OXT  sing N N 46  
ASN CB  CG   sing N N 47  
ASN CB  HB2  sing N N 48  
ASN CB  HB3  sing N N 49  
ASN CG  OD1  doub N N 50  
ASN CG  ND2  sing N N 51  
ASN ND2 HD21 sing N N 52  
ASN ND2 HD22 sing N N 53  
ASN OXT HXT  sing N N 54  
ASP N   CA   sing N N 55  
ASP N   H    sing N N 56  
ASP N   H2   sing N N 57  
ASP CA  C    sing N N 58  
ASP CA  CB   sing N N 59  
ASP CA  HA   sing N N 60  
ASP C   O    doub N N 61  
ASP C   OXT  sing N N 62  
ASP CB  CG   sing N N 63  
ASP CB  HB2  sing N N 64  
ASP CB  HB3  sing N N 65  
ASP CG  OD1  doub N N 66  
ASP CG  OD2  sing N N 67  
ASP OD2 HD2  sing N N 68  
ASP OXT HXT  sing N N 69  
CYS N   CA   sing N N 70  
CYS N   H    sing N N 71  
CYS N   H2   sing N N 72  
CYS CA  C    sing N N 73  
CYS CA  CB   sing N N 74  
CYS CA  HA   sing N N 75  
CYS C   O    doub N N 76  
CYS C   OXT  sing N N 77  
CYS CB  SG   sing N N 78  
CYS CB  HB2  sing N N 79  
CYS CB  HB3  sing N N 80  
CYS SG  HG   sing N N 81  
CYS OXT HXT  sing N N 82  
GLN N   CA   sing N N 83  
GLN N   H    sing N N 84  
GLN N   H2   sing N N 85  
GLN CA  C    sing N N 86  
GLN CA  CB   sing N N 87  
GLN CA  HA   sing N N 88  
GLN C   O    doub N N 89  
GLN C   OXT  sing N N 90  
GLN CB  CG   sing N N 91  
GLN CB  HB2  sing N N 92  
GLN CB  HB3  sing N N 93  
GLN CG  CD   sing N N 94  
GLN CG  HG2  sing N N 95  
GLN CG  HG3  sing N N 96  
GLN CD  OE1  doub N N 97  
GLN CD  NE2  sing N N 98  
GLN NE2 HE21 sing N N 99  
GLN NE2 HE22 sing N N 100 
GLN OXT HXT  sing N N 101 
GLU N   CA   sing N N 102 
GLU N   H    sing N N 103 
GLU N   H2   sing N N 104 
GLU CA  C    sing N N 105 
GLU CA  CB   sing N N 106 
GLU CA  HA   sing N N 107 
GLU C   O    doub N N 108 
GLU C   OXT  sing N N 109 
GLU CB  CG   sing N N 110 
GLU CB  HB2  sing N N 111 
GLU CB  HB3  sing N N 112 
GLU CG  CD   sing N N 113 
GLU CG  HG2  sing N N 114 
GLU CG  HG3  sing N N 115 
GLU CD  OE1  doub N N 116 
GLU CD  OE2  sing N N 117 
GLU OE2 HE2  sing N N 118 
GLU OXT HXT  sing N N 119 
GLY N   CA   sing N N 120 
GLY N   H    sing N N 121 
GLY N   H2   sing N N 122 
GLY CA  C    sing N N 123 
GLY CA  HA2  sing N N 124 
GLY CA  HA3  sing N N 125 
GLY C   O    doub N N 126 
GLY C   OXT  sing N N 127 
GLY OXT HXT  sing N N 128 
HIS N   CA   sing N N 129 
HIS N   H    sing N N 130 
HIS N   H2   sing N N 131 
HIS CA  C    sing N N 132 
HIS CA  CB   sing N N 133 
HIS CA  HA   sing N N 134 
HIS C   O    doub N N 135 
HIS C   OXT  sing N N 136 
HIS CB  CG   sing N N 137 
HIS CB  HB2  sing N N 138 
HIS CB  HB3  sing N N 139 
HIS CG  ND1  sing Y N 140 
HIS CG  CD2  doub Y N 141 
HIS ND1 CE1  doub Y N 142 
HIS ND1 HD1  sing N N 143 
HIS CD2 NE2  sing Y N 144 
HIS CD2 HD2  sing N N 145 
HIS CE1 NE2  sing Y N 146 
HIS CE1 HE1  sing N N 147 
HIS NE2 HE2  sing N N 148 
HIS OXT HXT  sing N N 149 
HOH O   H1   sing N N 150 
HOH O   H2   sing N N 151 
ILE N   CA   sing N N 152 
ILE N   H    sing N N 153 
ILE N   H2   sing N N 154 
ILE CA  C    sing N N 155 
ILE CA  CB   sing N N 156 
ILE CA  HA   sing N N 157 
ILE C   O    doub N N 158 
ILE C   OXT  sing N N 159 
ILE CB  CG1  sing N N 160 
ILE CB  CG2  sing N N 161 
ILE CB  HB   sing N N 162 
ILE CG1 CD1  sing N N 163 
ILE CG1 HG12 sing N N 164 
ILE CG1 HG13 sing N N 165 
ILE CG2 HG21 sing N N 166 
ILE CG2 HG22 sing N N 167 
ILE CG2 HG23 sing N N 168 
ILE CD1 HD11 sing N N 169 
ILE CD1 HD12 sing N N 170 
ILE CD1 HD13 sing N N 171 
ILE OXT HXT  sing N N 172 
LEU N   CA   sing N N 173 
LEU N   H    sing N N 174 
LEU N   H2   sing N N 175 
LEU CA  C    sing N N 176 
LEU CA  CB   sing N N 177 
LEU CA  HA   sing N N 178 
LEU C   O    doub N N 179 
LEU C   OXT  sing N N 180 
LEU CB  CG   sing N N 181 
LEU CB  HB2  sing N N 182 
LEU CB  HB3  sing N N 183 
LEU CG  CD1  sing N N 184 
LEU CG  CD2  sing N N 185 
LEU CG  HG   sing N N 186 
LEU CD1 HD11 sing N N 187 
LEU CD1 HD12 sing N N 188 
LEU CD1 HD13 sing N N 189 
LEU CD2 HD21 sing N N 190 
LEU CD2 HD22 sing N N 191 
LEU CD2 HD23 sing N N 192 
LEU OXT HXT  sing N N 193 
LYS N   CA   sing N N 194 
LYS N   H    sing N N 195 
LYS N   H2   sing N N 196 
LYS CA  C    sing N N 197 
LYS CA  CB   sing N N 198 
LYS CA  HA   sing N N 199 
LYS C   O    doub N N 200 
LYS C   OXT  sing N N 201 
LYS CB  CG   sing N N 202 
LYS CB  HB2  sing N N 203 
LYS CB  HB3  sing N N 204 
LYS CG  CD   sing N N 205 
LYS CG  HG2  sing N N 206 
LYS CG  HG3  sing N N 207 
LYS CD  CE   sing N N 208 
LYS CD  HD2  sing N N 209 
LYS CD  HD3  sing N N 210 
LYS CE  NZ   sing N N 211 
LYS CE  HE2  sing N N 212 
LYS CE  HE3  sing N N 213 
LYS NZ  HZ1  sing N N 214 
LYS NZ  HZ2  sing N N 215 
LYS NZ  HZ3  sing N N 216 
LYS OXT HXT  sing N N 217 
MET N   CA   sing N N 218 
MET N   H    sing N N 219 
MET N   H2   sing N N 220 
MET CA  C    sing N N 221 
MET CA  CB   sing N N 222 
MET CA  HA   sing N N 223 
MET C   O    doub N N 224 
MET C   OXT  sing N N 225 
MET CB  CG   sing N N 226 
MET CB  HB2  sing N N 227 
MET CB  HB3  sing N N 228 
MET CG  SD   sing N N 229 
MET CG  HG2  sing N N 230 
MET CG  HG3  sing N N 231 
MET SD  CE   sing N N 232 
MET CE  HE1  sing N N 233 
MET CE  HE2  sing N N 234 
MET CE  HE3  sing N N 235 
MET OXT HXT  sing N N 236 
MSE N   CA   sing N N 237 
MSE N   H    sing N N 238 
MSE N   H2   sing N N 239 
MSE CA  C    sing N N 240 
MSE CA  CB   sing N N 241 
MSE CA  HA   sing N N 242 
MSE C   O    doub N N 243 
MSE C   OXT  sing N N 244 
MSE OXT HXT  sing N N 245 
MSE CB  CG   sing N N 246 
MSE CB  HB2  sing N N 247 
MSE CB  HB3  sing N N 248 
MSE CG  SE   sing N N 249 
MSE CG  HG2  sing N N 250 
MSE CG  HG3  sing N N 251 
MSE SE  CE   sing N N 252 
MSE CE  HE1  sing N N 253 
MSE CE  HE2  sing N N 254 
MSE CE  HE3  sing N N 255 
PHE N   CA   sing N N 256 
PHE N   H    sing N N 257 
PHE N   H2   sing N N 258 
PHE CA  C    sing N N 259 
PHE CA  CB   sing N N 260 
PHE CA  HA   sing N N 261 
PHE C   O    doub N N 262 
PHE C   OXT  sing N N 263 
PHE CB  CG   sing N N 264 
PHE CB  HB2  sing N N 265 
PHE CB  HB3  sing N N 266 
PHE CG  CD1  doub Y N 267 
PHE CG  CD2  sing Y N 268 
PHE CD1 CE1  sing Y N 269 
PHE CD1 HD1  sing N N 270 
PHE CD2 CE2  doub Y N 271 
PHE CD2 HD2  sing N N 272 
PHE CE1 CZ   doub Y N 273 
PHE CE1 HE1  sing N N 274 
PHE CE2 CZ   sing Y N 275 
PHE CE2 HE2  sing N N 276 
PHE CZ  HZ   sing N N 277 
PHE OXT HXT  sing N N 278 
PRO N   CA   sing N N 279 
PRO N   CD   sing N N 280 
PRO N   H    sing N N 281 
PRO CA  C    sing N N 282 
PRO CA  CB   sing N N 283 
PRO CA  HA   sing N N 284 
PRO C   O    doub N N 285 
PRO C   OXT  sing N N 286 
PRO CB  CG   sing N N 287 
PRO CB  HB2  sing N N 288 
PRO CB  HB3  sing N N 289 
PRO CG  CD   sing N N 290 
PRO CG  HG2  sing N N 291 
PRO CG  HG3  sing N N 292 
PRO CD  HD2  sing N N 293 
PRO CD  HD3  sing N N 294 
PRO OXT HXT  sing N N 295 
SER N   CA   sing N N 296 
SER N   H    sing N N 297 
SER N   H2   sing N N 298 
SER CA  C    sing N N 299 
SER CA  CB   sing N N 300 
SER CA  HA   sing N N 301 
SER C   O    doub N N 302 
SER C   OXT  sing N N 303 
SER CB  OG   sing N N 304 
SER CB  HB2  sing N N 305 
SER CB  HB3  sing N N 306 
SER OG  HG   sing N N 307 
SER OXT HXT  sing N N 308 
THR N   CA   sing N N 309 
THR N   H    sing N N 310 
THR N   H2   sing N N 311 
THR CA  C    sing N N 312 
THR CA  CB   sing N N 313 
THR CA  HA   sing N N 314 
THR C   O    doub N N 315 
THR C   OXT  sing N N 316 
THR CB  OG1  sing N N 317 
THR CB  CG2  sing N N 318 
THR CB  HB   sing N N 319 
THR OG1 HG1  sing N N 320 
THR CG2 HG21 sing N N 321 
THR CG2 HG22 sing N N 322 
THR CG2 HG23 sing N N 323 
THR OXT HXT  sing N N 324 
TYR N   CA   sing N N 325 
TYR N   H    sing N N 326 
TYR N   H2   sing N N 327 
TYR CA  C    sing N N 328 
TYR CA  CB   sing N N 329 
TYR CA  HA   sing N N 330 
TYR C   O    doub N N 331 
TYR C   OXT  sing N N 332 
TYR CB  CG   sing N N 333 
TYR CB  HB2  sing N N 334 
TYR CB  HB3  sing N N 335 
TYR CG  CD1  doub Y N 336 
TYR CG  CD2  sing Y N 337 
TYR CD1 CE1  sing Y N 338 
TYR CD1 HD1  sing N N 339 
TYR CD2 CE2  doub Y N 340 
TYR CD2 HD2  sing N N 341 
TYR CE1 CZ   doub Y N 342 
TYR CE1 HE1  sing N N 343 
TYR CE2 CZ   sing Y N 344 
TYR CE2 HE2  sing N N 345 
TYR CZ  OH   sing N N 346 
TYR OH  HH   sing N N 347 
TYR OXT HXT  sing N N 348 
VAL N   CA   sing N N 349 
VAL N   H    sing N N 350 
VAL N   H2   sing N N 351 
VAL CA  C    sing N N 352 
VAL CA  CB   sing N N 353 
VAL CA  HA   sing N N 354 
VAL C   O    doub N N 355 
VAL C   OXT  sing N N 356 
VAL CB  CG1  sing N N 357 
VAL CB  CG2  sing N N 358 
VAL CB  HB   sing N N 359 
VAL CG1 HG11 sing N N 360 
VAL CG1 HG12 sing N N 361 
VAL CG1 HG13 sing N N 362 
VAL CG2 HG21 sing N N 363 
VAL CG2 HG22 sing N N 364 
VAL CG2 HG23 sing N N 365 
VAL OXT HXT  sing N N 366 
# 
_atom_sites.entry_id                    1O4W 
_atom_sites.fract_transf_matrix[1][1]   -0.01191345 
_atom_sites.fract_transf_matrix[1][2]   0.01007288 
_atom_sites.fract_transf_matrix[1][3]   -0.00922717 
_atom_sites.fract_transf_matrix[2][1]   -0.01517703 
_atom_sites.fract_transf_matrix[2][2]   0.00575132 
_atom_sites.fract_transf_matrix[2][3]   0.00807043 
_atom_sites.fract_transf_matrix[3][1]   0.00605116 
_atom_sites.fract_transf_matrix[3][2]   0.01063710 
_atom_sites.fract_transf_matrix[3][3]   0.00379922 
_atom_sites.fract_transf_vector[1]      1.335528 
_atom_sites.fract_transf_vector[2]      0.886450 
_atom_sites.fract_transf_vector[3]      0.088556 
# 
loop_
_atom_type.symbol 
C  
N  
O  
S  
SE 
# 
loop_
_atom_site.group_PDB 
_atom_site.id 
_atom_site.type_symbol 
_atom_site.label_atom_id 
_atom_site.label_alt_id 
_atom_site.label_comp_id 
_atom_site.label_asym_id 
_atom_site.label_entity_id 
_atom_site.label_seq_id 
_atom_site.pdbx_PDB_ins_code 
_atom_site.Cartn_x 
_atom_site.Cartn_y 
_atom_site.Cartn_z 
_atom_site.occupancy 
_atom_site.B_iso_or_equiv 
_atom_site.pdbx_formal_charge 
_atom_site.auth_seq_id 
_atom_site.auth_comp_id 
_atom_site.auth_asym_id 
_atom_site.auth_atom_id 
_atom_site.pdbx_PDB_model_num 
ATOM   1    N  N   . LYS A 1 22  ? -5.729  16.543  -13.403 1.00 63.22 ? 10  LYS A N   1 
ATOM   2    C  CA  . LYS A 1 22  ? -4.509  16.699  -12.557 1.00 63.14 ? 10  LYS A CA  1 
ATOM   3    C  C   . LYS A 1 22  ? -3.943  15.323  -12.209 1.00 62.45 ? 10  LYS A C   1 
ATOM   4    O  O   . LYS A 1 22  ? -4.636  14.301  -12.320 1.00 62.83 ? 10  LYS A O   1 
ATOM   5    C  CB  . LYS A 1 22  ? -4.839  17.517  -11.290 1.00 63.45 ? 10  LYS A CB  1 
ATOM   6    C  CG  . LYS A 1 22  ? -3.686  17.731  -10.284 1.00 63.89 ? 10  LYS A CG  1 
ATOM   7    C  CD  . LYS A 1 22  ? -2.524  18.538  -10.869 1.00 64.38 ? 10  LYS A CD  1 
ATOM   8    N  N   . VAL A 1 23  ? -2.665  15.305  -11.836 1.00 61.38 ? 11  VAL A N   1 
ATOM   9    C  CA  . VAL A 1 23  ? -1.980  14.091  -11.413 1.00 60.34 ? 11  VAL A CA  1 
ATOM   10   C  C   . VAL A 1 23  ? -2.390  13.730  -9.984  1.00 58.78 ? 11  VAL A C   1 
ATOM   11   O  O   . VAL A 1 23  ? -2.118  14.495  -9.059  1.00 59.12 ? 11  VAL A O   1 
ATOM   12   C  CB  . VAL A 1 23  ? -0.446  14.280  -11.466 1.00 60.60 ? 11  VAL A CB  1 
ATOM   13   C  CG1 . VAL A 1 23  ? 0.264   13.048  -10.961 1.00 61.14 ? 11  VAL A CG1 1 
ATOM   14   C  CG2 . VAL A 1 23  ? 0.014   14.631  -12.890 1.00 61.11 ? 11  VAL A CG2 1 
ATOM   15   N  N   . ARG A 1 24  ? -3.033  12.571  -9.808  1.00 56.26 ? 12  ARG A N   1 
ATOM   16   C  CA  . ARG A 1 24  ? -3.468  12.126  -8.486  1.00 54.22 ? 12  ARG A CA  1 
ATOM   17   C  C   . ARG A 1 24  ? -2.481  11.064  -7.964  1.00 51.72 ? 12  ARG A C   1 
ATOM   18   O  O   . ARG A 1 24  ? -1.987  10.242  -8.735  1.00 49.89 ? 12  ARG A O   1 
ATOM   19   C  CB  . ARG A 1 24  ? -4.882  11.566  -8.545  1.00 54.54 ? 12  ARG A CB  1 
ATOM   20   C  CG  . ARG A 1 24  ? -5.994  12.592  -8.856  1.00 58.49 ? 12  ARG A CG  1 
ATOM   21   C  CD  . ARG A 1 24  ? -6.450  13.509  -7.669  1.00 62.86 ? 12  ARG A CD  1 
ATOM   22   N  NE  . ARG A 1 24  ? -6.486  12.815  -6.370  1.00 65.99 ? 12  ARG A NE  1 
ATOM   23   C  CZ  . ARG A 1 24  ? -7.127  13.239  -5.278  1.00 67.81 ? 12  ARG A CZ  1 
ATOM   24   N  NH1 . ARG A 1 24  ? -7.841  14.364  -5.286  1.00 68.68 ? 12  ARG A NH1 1 
ATOM   25   N  NH2 . ARG A 1 24  ? -7.055  12.508  -4.160  1.00 69.43 ? 12  ARG A NH2 1 
ATOM   26   N  N   . CYS A 1 25  ? -2.207  11.104  -6.664  1.00 48.87 ? 13  CYS A N   1 
ATOM   27   C  CA  . CYS A 1 25  ? -1.208  10.239  -6.062  1.00 48.08 ? 13  CYS A CA  1 
ATOM   28   C  C   . CYS A 1 25  ? -1.829  9.365   -4.976  1.00 45.85 ? 13  CYS A C   1 
ATOM   29   O  O   . CYS A 1 25  ? -2.823  9.729   -4.364  1.00 44.76 ? 13  CYS A O   1 
ATOM   30   C  CB  . CYS A 1 25  ? -0.028  11.060  -5.491  1.00 48.56 ? 13  CYS A CB  1 
ATOM   31   S  SG  . CYS A 1 25  ? -0.469  12.260  -4.195  1.00 53.06 ? 13  CYS A SG  1 
ATOM   32   N  N   . ALA A 1 26  ? -1.238  8.193   -4.768  1.00 44.21 ? 14  ALA A N   1 
ATOM   33   C  CA  . ALA A 1 26  ? -1.618  7.282   -3.697  1.00 43.54 ? 14  ALA A CA  1 
ATOM   34   C  C   . ALA A 1 26  ? -0.394  6.854   -2.907  1.00 43.30 ? 14  ALA A C   1 
ATOM   35   O  O   . ALA A 1 26  ? 0.643   6.542   -3.486  1.00 42.28 ? 14  ALA A O   1 
ATOM   36   C  CB  . ALA A 1 26  ? -2.304  6.059   -4.274  1.00 43.58 ? 14  ALA A CB  1 
ATOM   37   N  N   . VAL A 1 27  ? -0.527  6.885   -1.588  1.00 42.90 ? 15  VAL A N   1 
ATOM   38   C  CA  . VAL A 1 27  ? 0.446   6.300   -0.671  1.00 43.03 ? 15  VAL A CA  1 
ATOM   39   C  C   . VAL A 1 27  ? -0.087  4.920   -0.341  1.00 42.82 ? 15  VAL A C   1 
ATOM   40   O  O   . VAL A 1 27  ? -1.250  4.789   0.087   1.00 41.92 ? 15  VAL A O   1 
ATOM   41   C  CB  . VAL A 1 27  ? 0.566   7.144   0.602   1.00 42.59 ? 15  VAL A CB  1 
ATOM   42   C  CG1 . VAL A 1 27  ? 1.432   6.460   1.658   1.00 44.57 ? 15  VAL A CG1 1 
ATOM   43   C  CG2 . VAL A 1 27  ? 1.112   8.518   0.264   1.00 43.33 ? 15  VAL A CG2 1 
ATOM   44   N  N   . VAL A 1 28  ? 0.718   3.882   -0.566  1.00 43.16 ? 16  VAL A N   1 
ATOM   45   C  CA  . VAL A 1 28  ? 0.239   2.523   -0.356  1.00 43.01 ? 16  VAL A CA  1 
ATOM   46   C  C   . VAL A 1 28  ? 1.032   1.817   0.719   1.00 44.07 ? 16  VAL A C   1 
ATOM   47   O  O   . VAL A 1 28  ? 2.262   1.660   0.598   1.00 44.96 ? 16  VAL A O   1 
ATOM   48   C  CB  . VAL A 1 28  ? 0.290   1.686   -1.660  1.00 43.24 ? 16  VAL A CB  1 
ATOM   49   C  CG1 . VAL A 1 28  ? -0.349  0.328   -1.435  1.00 41.81 ? 16  VAL A CG1 1 
ATOM   50   C  CG2 . VAL A 1 28  ? -0.364  2.428   -2.819  1.00 44.47 ? 16  VAL A CG2 1 
ATOM   51   N  N   . ASP A 1 29  ? 0.332   1.389   1.762   1.00 44.13 ? 17  ASP A N   1 
ATOM   52   C  CA  . ASP A 1 29  ? 0.890   0.605   2.860   1.00 45.06 ? 17  ASP A CA  1 
ATOM   53   C  C   . ASP A 1 29  ? 1.566   -0.690  2.310   1.00 45.09 ? 17  ASP A C   1 
ATOM   54   O  O   . ASP A 1 29  ? 0.998   -1.401  1.464   1.00 44.79 ? 17  ASP A O   1 
ATOM   55   C  CB  . ASP A 1 29  ? -0.288  0.300   3.778   1.00 45.83 ? 17  ASP A CB  1 
ATOM   56   C  CG  . ASP A 1 29  ? 0.077   -0.371  5.082   1.00 48.15 ? 17  ASP A CG  1 
ATOM   57   O  OD1 . ASP A 1 29  ? 1.184   -0.960  5.234   1.00 53.16 ? 17  ASP A OD1 1 
ATOM   58   O  OD2 . ASP A 1 29  ? -0.763  -0.369  6.018   1.00 50.68 ? 17  ASP A OD2 1 
ATOM   59   N  N   . THR A 1 30  ? 2.766   -1.001  2.810   1.00 44.96 ? 18  THR A N   1 
ATOM   60   C  CA  . THR A 1 30  ? 3.463   -2.211  2.382   1.00 44.79 ? 18  THR A CA  1 
ATOM   61   C  C   . THR A 1 30  ? 2.718   -3.506  2.712   1.00 44.68 ? 18  THR A C   1 
ATOM   62   O  O   . THR A 1 30  ? 2.895   -4.507  2.021   1.00 45.44 ? 18  THR A O   1 
ATOM   63   C  CB  . THR A 1 30  ? 4.910   -2.260  2.942   1.00 44.75 ? 18  THR A CB  1 
ATOM   64   O  OG1 . THR A 1 30  ? 4.927   -1.970  4.349   1.00 44.96 ? 18  THR A OG1 1 
ATOM   65   C  CG2 . THR A 1 30  ? 5.753   -1.159  2.303   1.00 44.84 ? 18  THR A CG2 1 
ATOM   66   N  N   . ASN A 1 31  ? 1.890   -3.501  3.748   1.00 44.74 ? 19  ASN A N   1 
ATOM   67   C  CA  . ASN A 1 31  ? 1.098   -4.667  4.062   1.00 45.55 ? 19  ASN A CA  1 
ATOM   68   C  C   . ASN A 1 31  ? 0.068   -4.958  2.954   1.00 45.05 ? 19  ASN A C   1 
ATOM   69   O  O   . ASN A 1 31  ? -0.218  -6.104  2.644   1.00 45.34 ? 19  ASN A O   1 
ATOM   70   C  CB  . ASN A 1 31  ? 0.473   -4.524  5.450   1.00 46.48 ? 19  ASN A CB  1 
ATOM   71   C  CG  . ASN A 1 31  ? 1.534   -4.563  6.568   1.00 50.68 ? 19  ASN A CG  1 
ATOM   72   O  OD1 . ASN A 1 31  ? 2.350   -5.482  6.618   1.00 53.52 ? 19  ASN A OD1 1 
ATOM   73   N  ND2 . ASN A 1 31  ? 1.552   -3.546  7.426   1.00 53.83 ? 19  ASN A ND2 1 
ATOM   74   N  N   . VAL A 1 32  ? -0.473  -3.903  2.355   1.00 44.64 ? 20  VAL A N   1 
ATOM   75   C  CA  . VAL A 1 32  ? -1.362  -4.028  1.185   1.00 43.31 ? 20  VAL A CA  1 
ATOM   76   C  C   . VAL A 1 32  ? -0.597  -4.618  -0.001  1.00 43.25 ? 20  VAL A C   1 
ATOM   77   O  O   . VAL A 1 32  ? -1.100  -5.485  -0.683  1.00 43.20 ? 20  VAL A O   1 
ATOM   78   C  CB  . VAL A 1 32  ? -1.947  -2.648  0.813   1.00 43.36 ? 20  VAL A CB  1 
ATOM   79   C  CG1 . VAL A 1 32  ? -2.612  -2.657  -0.563  1.00 44.21 ? 20  VAL A CG1 1 
ATOM   80   C  CG2 . VAL A 1 32  ? -2.972  -2.241  1.868   1.00 42.75 ? 20  VAL A CG2 1 
ATOM   81   N  N   . LEU A 1 33  ? 0.627   -4.153  -0.224  1.00 44.14 ? 21  LEU A N   1 
ATOM   82   C  CA  . LEU A 1 33  ? 1.426   -4.658  -1.345  1.00 45.26 ? 21  LEU A CA  1 
ATOM   83   C  C   . LEU A 1 33  ? 1.780   -6.142  -1.200  1.00 45.67 ? 21  LEU A C   1 
ATOM   84   O  O   . LEU A 1 33  ? 1.862   -6.853  -2.194  1.00 45.86 ? 21  LEU A O   1 
ATOM   85   C  CB  . LEU A 1 33  ? 2.672   -3.830  -1.537  1.00 45.25 ? 21  LEU A CB  1 
ATOM   86   C  CG  . LEU A 1 33  ? 2.489   -2.352  -1.868  1.00 45.95 ? 21  LEU A CG  1 
ATOM   87   C  CD1 . LEU A 1 33  ? 3.839   -1.728  -1.916  1.00 48.34 ? 21  LEU A CD1 1 
ATOM   88   C  CD2 . LEU A 1 33  ? 1.722   -2.185  -3.153  1.00 47.51 ? 21  LEU A CD2 1 
HETATM 89   N  N   . MSE A 1 34  ? 1.975   -6.612  0.028   1.00 45.76 ? 22  MSE A N   1 
HETATM 90   C  CA  . MSE A 1 34  ? 2.178   -8.045  0.270   1.00 46.48 ? 22  MSE A CA  1 
HETATM 91   C  C   . MSE A 1 34  ? 1.021   -8.889  -0.247  1.00 46.80 ? 22  MSE A C   1 
HETATM 92   O  O   . MSE A 1 34  ? 1.213   -10.018 -0.675  1.00 45.57 ? 22  MSE A O   1 
HETATM 93   C  CB  . MSE A 1 34  ? 2.283   -8.346  1.756   1.00 47.77 ? 22  MSE A CB  1 
HETATM 94   C  CG  . MSE A 1 34  ? 3.218   -7.534  2.499   1.00 51.00 ? 22  MSE A CG  1 
HETATM 95   SE SE  . MSE A 1 34  ? 4.957   -8.297  2.512   1.00 62.16 ? 22  MSE A SE  1 
HETATM 96   C  CE  . MSE A 1 34  ? 5.234   -7.977  4.053   1.00 38.14 ? 22  MSE A CE  1 
ATOM   97   N  N   . TYR A 1 35  ? -0.194  -8.358  -0.159  1.00 47.93 ? 23  TYR A N   1 
ATOM   98   C  CA  . TYR A 1 35  ? -1.379  -8.998  -0.790  1.00 48.64 ? 23  TYR A CA  1 
ATOM   99   C  C   . TYR A 1 35  ? -1.340  -9.089  -2.340  1.00 48.86 ? 23  TYR A C   1 
ATOM   100  O  O   . TYR A 1 35  ? -2.019  -9.930  -2.938  1.00 49.07 ? 23  TYR A O   1 
ATOM   101  C  CB  A TYR A 1 35  ? -2.659  -8.295  -0.299  0.50 49.60 ? 23  TYR A CB  1 
ATOM   102  C  CB  B TYR A 1 35  ? -2.664  -8.312  -0.318  0.50 49.20 ? 23  TYR A CB  1 
ATOM   103  C  CG  A TYR A 1 35  ? -3.426  -9.089  0.746   0.50 52.75 ? 23  TYR A CG  1 
ATOM   104  C  CG  B TYR A 1 35  ? -2.935  -8.532  1.153   0.50 50.29 ? 23  TYR A CG  1 
ATOM   105  C  CD1 A TYR A 1 35  ? -4.797  -9.292  0.616   0.50 53.82 ? 23  TYR A CD1 1 
ATOM   106  C  CD1 B TYR A 1 35  ? -2.591  -7.585  2.081   0.50 50.93 ? 23  TYR A CD1 1 
ATOM   107  C  CD2 A TYR A 1 35  ? -2.771  -9.666  1.841   0.50 55.57 ? 23  TYR A CD2 1 
ATOM   108  C  CD2 B TYR A 1 35  ? -3.543  -9.707  1.603   0.50 52.46 ? 23  TYR A CD2 1 
ATOM   109  C  CE1 A TYR A 1 35  ? -5.513  -10.031 1.553   0.50 56.24 ? 23  TYR A CE1 1 
ATOM   110  C  CE1 B TYR A 1 35  ? -2.832  -7.778  3.433   0.50 53.17 ? 23  TYR A CE1 1 
ATOM   111  C  CE2 A TYR A 1 35  ? -3.478  -10.417 2.786   0.50 56.28 ? 23  TYR A CE2 1 
ATOM   112  C  CE2 B TYR A 1 35  ? -3.780  -9.923  2.957   0.50 53.58 ? 23  TYR A CE2 1 
ATOM   113  C  CZ  A TYR A 1 35  ? -4.852  -10.588 2.635   0.50 57.03 ? 23  TYR A CZ  1 
ATOM   114  C  CZ  B TYR A 1 35  ? -3.422  -8.951  3.869   0.50 54.01 ? 23  TYR A CZ  1 
ATOM   115  O  OH  A TYR A 1 35  ? -5.566  -11.321 3.555   0.50 58.13 ? 23  TYR A OH  1 
ATOM   116  O  OH  B TYR A 1 35  ? -3.658  -9.147  5.209   0.50 55.23 ? 23  TYR A OH  1 
ATOM   117  N  N   . VAL A 1 36  ? -0.529  -8.269  -3.015  1.00 49.56 ? 24  VAL A N   1 
ATOM   118  C  CA  . VAL A 1 36  ? -0.408  -8.415  -4.477  1.00 49.08 ? 24  VAL A CA  1 
ATOM   119  C  C   . VAL A 1 36  ? 0.075   -9.813  -4.817  1.00 48.23 ? 24  VAL A C   1 
ATOM   120  O  O   . VAL A 1 36  ? -0.564  -10.530 -5.595  1.00 47.03 ? 24  VAL A O   1 
ATOM   121  C  CB  . VAL A 1 36  ? 0.500   -7.348  -5.155  1.00 49.48 ? 24  VAL A CB  1 
ATOM   122  C  CG1 . VAL A 1 36  ? 0.550   -7.595  -6.692  1.00 48.77 ? 24  VAL A CG1 1 
ATOM   123  C  CG2 . VAL A 1 36  ? -0.016  -5.945  -4.851  1.00 51.04 ? 24  VAL A CG2 1 
ATOM   124  N  N   . TYR A 1 37  ? 1.210   -10.207 -4.240  1.00 47.70 ? 25  TYR A N   1 
ATOM   125  C  CA  . TYR A 1 37  ? 1.718   -11.540 -4.464  1.00 47.75 ? 25  TYR A CA  1 
ATOM   126  C  C   . TYR A 1 37  ? 0.808   -12.623 -3.851  1.00 47.35 ? 25  TYR A C   1 
ATOM   127  O  O   . TYR A 1 37  ? 0.519   -13.611 -4.486  1.00 45.99 ? 25  TYR A O   1 
ATOM   128  C  CB  . TYR A 1 37  ? 3.143   -11.699 -3.926  1.00 47.51 ? 25  TYR A CB  1 
ATOM   129  C  CG  . TYR A 1 37  ? 3.650   -13.080 -4.181  1.00 48.82 ? 25  TYR A CG  1 
ATOM   130  C  CD1 . TYR A 1 37  ? 4.091   -13.454 -5.448  1.00 50.06 ? 25  TYR A CD1 1 
ATOM   131  C  CD2 . TYR A 1 37  ? 3.610   -14.048 -3.182  1.00 49.59 ? 25  TYR A CD2 1 
ATOM   132  C  CE1 . TYR A 1 37  ? 4.512   -14.740 -5.696  1.00 51.71 ? 25  TYR A CE1 1 
ATOM   133  C  CE2 . TYR A 1 37  ? 4.032   -15.337 -3.424  1.00 51.09 ? 25  TYR A CE2 1 
ATOM   134  C  CZ  . TYR A 1 37  ? 4.477   -15.682 -4.686  1.00 51.98 ? 25  TYR A CZ  1 
ATOM   135  O  OH  . TYR A 1 37  ? 4.910   -16.965 -4.926  1.00 54.67 ? 25  TYR A OH  1 
ATOM   136  N  N   . LEU A 1 38  ? 0.391   -12.434 -2.603  1.00 47.33 ? 26  LEU A N   1 
ATOM   137  C  CA  . LEU A 1 38  ? -0.220  -13.527 -1.855  1.00 46.85 ? 26  LEU A CA  1 
ATOM   138  C  C   . LEU A 1 38  ? -1.630  -13.835 -2.348  1.00 47.04 ? 26  LEU A C   1 
ATOM   139  O  O   . LEU A 1 38  ? -2.067  -14.987 -2.264  1.00 46.29 ? 26  LEU A O   1 
ATOM   140  C  CB  . LEU A 1 38  ? -0.257  -13.212 -0.358  1.00 46.79 ? 26  LEU A CB  1 
ATOM   141  C  CG  . LEU A 1 38  ? 1.065   -13.191 0.421   1.00 47.79 ? 26  LEU A CG  1 
ATOM   142  C  CD1 . LEU A 1 38  ? 0.838   -12.660 1.841   1.00 49.03 ? 26  LEU A CD1 1 
ATOM   143  C  CD2 . LEU A 1 38  ? 1.689   -14.553 0.465   1.00 47.70 ? 26  LEU A CD2 1 
ATOM   144  N  N   . ASN A 1 39  ? -2.317  -12.826 -2.882  1.00 46.76 ? 27  ASN A N   1 
ATOM   145  C  CA  . ASN A 1 39  ? -3.695  -12.978 -3.373  1.00 48.30 ? 27  ASN A CA  1 
ATOM   146  C  C   . ASN A 1 39  ? -3.930  -12.621 -4.849  1.00 49.18 ? 27  ASN A C   1 
ATOM   147  O  O   . ASN A 1 39  ? -5.080  -12.529 -5.270  1.00 49.97 ? 27  ASN A O   1 
ATOM   148  C  CB  . ASN A 1 39  ? -4.640  -12.164 -2.491  1.00 48.33 ? 27  ASN A CB  1 
ATOM   149  C  CG  . ASN A 1 39  ? -4.819  -12.801 -1.133  1.00 50.56 ? 27  ASN A CG  1 
ATOM   150  O  OD1 . ASN A 1 39  ? -5.644  -13.698 -0.965  1.00 54.17 ? 27  ASN A OD1 1 
ATOM   151  N  ND2 . ASN A 1 39  ? -4.026  -12.379 -0.173  1.00 52.50 ? 27  ASN A ND2 1 
ATOM   152  N  N   . LYS A 1 40  ? -2.864  -12.435 -5.632  1.00 49.64 ? 28  LYS A N   1 
ATOM   153  C  CA  . LYS A 1 40  ? -2.992  -12.109 -7.066  1.00 50.30 ? 28  LYS A CA  1 
ATOM   154  C  C   . LYS A 1 40  ? -3.941  -10.932 -7.334  1.00 50.35 ? 28  LYS A C   1 
ATOM   155  O  O   . LYS A 1 40  ? -4.774  -10.963 -8.248  1.00 52.03 ? 28  LYS A O   1 
ATOM   156  C  CB  . LYS A 1 40  ? -3.464  -13.328 -7.839  1.00 50.51 ? 28  LYS A CB  1 
ATOM   157  C  CG  . LYS A 1 40  ? -2.526  -14.534 -7.697  1.00 51.67 ? 28  LYS A CG  1 
ATOM   158  N  N   . ALA A 1 41  ? -3.811  -9.922  -6.503  1.00 49.45 ? 29  ALA A N   1 
ATOM   159  C  CA  . ALA A 1 41  ? -4.596  -8.712  -6.586  1.00 48.97 ? 29  ALA A CA  1 
ATOM   160  C  C   . ALA A 1 41  ? -3.716  -7.621  -7.215  1.00 48.32 ? 29  ALA A C   1 
ATOM   161  O  O   . ALA A 1 41  ? -2.704  -7.268  -6.659  1.00 49.68 ? 29  ALA A O   1 
ATOM   162  C  CB  . ALA A 1 41  ? -5.015  -8.322  -5.202  1.00 48.51 ? 29  ALA A CB  1 
ATOM   163  N  N   . ASP A 1 42  ? -4.104  -7.098  -8.370  1.00 47.00 ? 30  ASP A N   1 
ATOM   164  C  CA  . ASP A 1 42  ? -3.356  -6.030  -9.036  1.00 46.51 ? 30  ASP A CA  1 
ATOM   165  C  C   . ASP A 1 42  ? -3.733  -4.658  -8.461  1.00 45.39 ? 30  ASP A C   1 
ATOM   166  O  O   . ASP A 1 42  ? -4.493  -3.883  -9.069  1.00 43.70 ? 30  ASP A O   1 
ATOM   167  C  CB  . ASP A 1 42  ? -3.639  -6.106  -10.535 1.00 47.54 ? 30  ASP A CB  1 
ATOM   168  C  CG  . ASP A 1 42  ? -2.876  -5.095  -11.341 1.00 48.57 ? 30  ASP A CG  1 
ATOM   169  O  OD1 . ASP A 1 42  ? -1.924  -4.487  -10.818 1.00 48.02 ? 30  ASP A OD1 1 
ATOM   170  O  OD2 . ASP A 1 42  ? -3.204  -4.863  -12.532 1.00 51.24 ? 30  ASP A OD2 1 
ATOM   171  N  N   . VAL A 1 43  ? -3.216  -4.388  -7.269  1.00 44.62 ? 31  VAL A N   1 
ATOM   172  C  CA  . VAL A 1 43  ? -3.527  -3.183  -6.523  1.00 45.15 ? 31  VAL A CA  1 
ATOM   173  C  C   . VAL A 1 43  ? -3.159  -1.919  -7.302  1.00 43.89 ? 31  VAL A C   1 
ATOM   174  O  O   . VAL A 1 43  ? -3.939  -0.958  -7.371  1.00 41.85 ? 31  VAL A O   1 
ATOM   175  C  CB  . VAL A 1 43  ? -2.780  -3.180  -5.149  1.00 46.70 ? 31  VAL A CB  1 
ATOM   176  C  CG1 . VAL A 1 43  ? -2.926  -1.847  -4.474  1.00 48.41 ? 31  VAL A CG1 1 
ATOM   177  C  CG2 . VAL A 1 43  ? -3.331  -4.283  -4.248  1.00 48.44 ? 31  VAL A CG2 1 
ATOM   178  N  N   . VAL A 1 44  ? -1.987  -1.922  -7.922  1.00 42.73 ? 32  VAL A N   1 
ATOM   179  C  CA  . VAL A 1 44  ? -1.548  -0.741  -8.647  1.00 43.58 ? 32  VAL A CA  1 
ATOM   180  C  C   . VAL A 1 44  ? -2.429  -0.496  -9.874  1.00 42.21 ? 32  VAL A C   1 
ATOM   181  O  O   . VAL A 1 44  ? -2.870  0.619   -10.076 1.00 41.49 ? 32  VAL A O   1 
ATOM   182  C  CB  . VAL A 1 44  ? -0.059  -0.797  -9.007  1.00 44.71 ? 32  VAL A CB  1 
ATOM   183  C  CG1 . VAL A 1 44  ? 0.350   0.436   -9.829  1.00 47.47 ? 32  VAL A CG1 1 
ATOM   184  C  CG2 . VAL A 1 44  ? 0.768   -0.861  -7.718  1.00 46.68 ? 32  VAL A CG2 1 
ATOM   185  N  N   . GLY A 1 45  ? -2.701  -1.520  -10.663 1.00 41.01 ? 33  GLY A N   1 
ATOM   186  C  CA  . GLY A 1 45  ? -3.599  -1.400  -11.799 1.00 41.57 ? 33  GLY A CA  1 
ATOM   187  C  C   . GLY A 1 45  ? -5.005  -0.942  -11.447 1.00 41.21 ? 33  GLY A C   1 
ATOM   188  O  O   . GLY A 1 45  ? -5.618  -0.157  -12.171 1.00 40.64 ? 33  GLY A O   1 
ATOM   189  N  N   . GLN A 1 46  ? -5.537  -1.458  -10.344 1.00 41.86 ? 34  GLN A N   1 
ATOM   190  C  CA  . GLN A 1 46  ? -6.857  -1.036  -9.844  1.00 43.00 ? 34  GLN A CA  1 
ATOM   191  C  C   . GLN A 1 46  ? -6.852  0.440   -9.426  1.00 42.22 ? 34  GLN A C   1 
ATOM   192  O  O   . GLN A 1 46  ? -7.797  1.169   -9.705  1.00 41.39 ? 34  GLN A O   1 
ATOM   193  C  CB  . GLN A 1 46  ? -7.291  -1.931  -8.684  1.00 43.85 ? 34  GLN A CB  1 
ATOM   194  C  CG  . GLN A 1 46  ? -7.700  -3.362  -9.110  1.00 46.62 ? 34  GLN A CG  1 
ATOM   195  C  CD  . GLN A 1 46  ? -7.797  -4.329  -7.916  1.00 51.81 ? 34  GLN A CD  1 
ATOM   196  O  OE1 . GLN A 1 46  ? -7.805  -3.896  -6.774  1.00 59.14 ? 34  GLN A OE1 1 
ATOM   197  N  NE2 . GLN A 1 46  ? -7.846  -5.616  -8.180  1.00 49.40 ? 34  GLN A NE2 1 
ATOM   198  N  N   . LEU A 1 47  ? -5.769  0.883   -8.788  1.00 41.83 ? 35  LEU A N   1 
ATOM   199  C  CA  . LEU A 1 47  ? -5.626  2.306   -8.430  1.00 42.42 ? 35  LEU A CA  1 
ATOM   200  C  C   . LEU A 1 47  ? -5.528  3.185   -9.692  1.00 42.49 ? 35  LEU A C   1 
ATOM   201  O  O   . LEU A 1 47  ? -6.138  4.257   -9.768  1.00 41.06 ? 35  LEU A O   1 
ATOM   202  C  CB  . LEU A 1 47  ? -4.443  2.507   -7.488  1.00 43.81 ? 35  LEU A CB  1 
ATOM   203  C  CG  . LEU A 1 47  ? -4.744  2.007   -6.058  1.00 44.75 ? 35  LEU A CG  1 
ATOM   204  C  CD1 . LEU A 1 47  ? -3.446  1.897   -5.231  1.00 45.68 ? 35  LEU A CD1 1 
ATOM   205  C  CD2 . LEU A 1 47  ? -5.753  2.854   -5.361  1.00 47.27 ? 35  LEU A CD2 1 
ATOM   206  N  N   . ARG A 1 48  ? -4.794  2.718   -10.699 1.00 42.46 ? 36  ARG A N   1 
ATOM   207  C  CA  . ARG A 1 48  ? -4.766  3.451   -11.991 1.00 43.74 ? 36  ARG A CA  1 
ATOM   208  C  C   . ARG A 1 48  ? -6.155  3.650   -12.623 1.00 43.22 ? 36  ARG A C   1 
ATOM   209  O  O   . ARG A 1 48  ? -6.468  4.725   -13.183 1.00 42.67 ? 36  ARG A O   1 
ATOM   210  C  CB  . ARG A 1 48  ? -3.831  2.751   -12.972 1.00 43.73 ? 36  ARG A CB  1 
ATOM   211  C  CG  . ARG A 1 48  ? -2.367  2.847   -12.631 1.00 45.29 ? 36  ARG A CG  1 
ATOM   212  C  CD  . ARG A 1 48  ? -1.454  2.293   -13.733 1.00 48.07 ? 36  ARG A CD  1 
ATOM   213  N  NE  . ARG A 1 48  ? -0.073  2.206   -13.263 1.00 51.98 ? 36  ARG A NE  1 
ATOM   214  C  CZ  . ARG A 1 48  ? 0.748   3.246   -13.113 1.00 57.29 ? 36  ARG A CZ  1 
ATOM   215  N  NH1 . ARG A 1 48  ? 0.357   4.484   -13.428 1.00 58.14 ? 36  ARG A NH1 1 
ATOM   216  N  NH2 . ARG A 1 48  ? 1.980   3.047   -12.646 1.00 59.50 ? 36  ARG A NH2 1 
ATOM   217  N  N   . GLU A 1 49  ? -7.018  2.639   -12.520 1.00 43.43 ? 37  GLU A N   1 
ATOM   218  C  CA  . GLU A 1 49  ? -8.389  2.740   -13.037 1.00 43.16 ? 37  GLU A CA  1 
ATOM   219  C  C   . GLU A 1 49  ? -9.190  3.867   -12.402 1.00 42.04 ? 37  GLU A C   1 
ATOM   220  O  O   . GLU A 1 49  ? -10.007 4.493   -13.070 1.00 40.85 ? 37  GLU A O   1 
ATOM   221  C  CB  . GLU A 1 49  ? -9.170  1.429   -12.839 1.00 44.08 ? 37  GLU A CB  1 
ATOM   222  C  CG  . GLU A 1 49  ? -8.608  0.284   -13.637 1.00 47.23 ? 37  GLU A CG  1 
ATOM   223  C  CD  . GLU A 1 49  ? -9.411  -1.005  -13.523 1.00 54.17 ? 37  GLU A CD  1 
ATOM   224  O  OE1 . GLU A 1 49  ? -10.111 -1.243  -12.498 1.00 55.53 ? 37  GLU A OE1 1 
ATOM   225  O  OE2 . GLU A 1 49  ? -9.308  -1.801  -14.473 1.00 56.42 ? 37  GLU A OE2 1 
ATOM   226  N  N   . PHE A 1 50  ? -8.950  4.109   -11.114 1.00 41.87 ? 38  PHE A N   1 
ATOM   227  C  CA  . PHE A 1 50  ? -9.560  5.205   -10.374 1.00 42.38 ? 38  PHE A CA  1 
ATOM   228  C  C   . PHE A 1 50  ? -8.873  6.561   -10.603 1.00 43.26 ? 38  PHE A C   1 
ATOM   229  O  O   . PHE A 1 50  ? -9.315  7.560   -10.049 1.00 43.33 ? 38  PHE A O   1 
ATOM   230  C  CB  . PHE A 1 50  ? -9.572  4.901   -8.871  1.00 42.43 ? 38  PHE A CB  1 
ATOM   231  C  CG  . PHE A 1 50  ? -10.633 3.918   -8.462  1.00 43.12 ? 38  PHE A CG  1 
ATOM   232  C  CD1 . PHE A 1 50  ? -11.965 4.228   -8.640  1.00 43.30 ? 38  PHE A CD1 1 
ATOM   233  C  CD2 . PHE A 1 50  ? -10.296 2.689   -7.880  1.00 41.86 ? 38  PHE A CD2 1 
ATOM   234  C  CE1 . PHE A 1 50  ? -12.970 3.329   -8.274  1.00 44.64 ? 38  PHE A CE1 1 
ATOM   235  C  CE2 . PHE A 1 50  ? -11.287 1.791   -7.494  1.00 41.65 ? 38  PHE A CE2 1 
ATOM   236  C  CZ  . PHE A 1 50  ? -12.631 2.109   -7.699  1.00 43.22 ? 38  PHE A CZ  1 
ATOM   237  N  N   . GLY A 1 51  ? -7.805  6.590   -11.399 1.00 42.81 ? 39  GLY A N   1 
ATOM   238  C  CA  . GLY A 1 51  ? -7.190  7.850   -11.805 1.00 43.20 ? 39  GLY A CA  1 
ATOM   239  C  C   . GLY A 1 51  ? -5.898  8.207   -11.088 1.00 43.46 ? 39  GLY A C   1 
ATOM   240  O  O   . GLY A 1 51  ? -5.403  9.329   -11.240 1.00 43.16 ? 39  GLY A O   1 
ATOM   241  N  N   . PHE A 1 52  ? -5.366  7.276   -10.297 1.00 43.10 ? 40  PHE A N   1 
ATOM   242  C  CA  . PHE A 1 52  ? -4.121  7.501   -9.542  1.00 43.95 ? 40  PHE A CA  1 
ATOM   243  C  C   . PHE A 1 52  ? -2.941  7.061   -10.399 1.00 44.70 ? 40  PHE A C   1 
ATOM   244  O  O   . PHE A 1 52  ? -2.894  5.919   -10.851 1.00 45.47 ? 40  PHE A O   1 
ATOM   245  C  CB  . PHE A 1 52  ? -4.153  6.779   -8.193  1.00 43.97 ? 40  PHE A CB  1 
ATOM   246  C  CG  . PHE A 1 52  ? -5.257  7.248   -7.299  1.00 44.40 ? 40  PHE A CG  1 
ATOM   247  C  CD1 . PHE A 1 52  ? -5.146  8.447   -6.600  1.00 45.95 ? 40  PHE A CD1 1 
ATOM   248  C  CD2 . PHE A 1 52  ? -6.431  6.535   -7.199  1.00 46.91 ? 40  PHE A CD2 1 
ATOM   249  C  CE1 . PHE A 1 52  ? -6.179  8.912   -5.796  1.00 47.49 ? 40  PHE A CE1 1 
ATOM   250  C  CE2 . PHE A 1 52  ? -7.484  7.000   -6.397  1.00 47.22 ? 40  PHE A CE2 1 
ATOM   251  C  CZ  . PHE A 1 52  ? -7.351  8.195   -5.694  1.00 48.39 ? 40  PHE A CZ  1 
ATOM   252  N  N   . SER A 1 53  ? -2.011  7.976   -10.674 1.00 45.08 ? 41  SER A N   1 
ATOM   253  C  CA  . SER A 1 53  ? -0.888  7.646   -11.558 1.00 45.71 ? 41  SER A CA  1 
ATOM   254  C  C   . SER A 1 53  ? 0.492   7.853   -10.921 1.00 45.92 ? 41  SER A C   1 
ATOM   255  O  O   . SER A 1 53  ? 1.498   7.555   -11.553 1.00 46.05 ? 41  SER A O   1 
ATOM   256  C  CB  . SER A 1 53  ? -1.004  8.438   -12.872 1.00 45.86 ? 41  SER A CB  1 
ATOM   257  O  OG  . SER A 1 53  ? -0.892  9.830   -12.639 1.00 45.41 ? 41  SER A OG  1 
ATOM   258  N  N   . ARG A 1 54  ? 0.521   8.350   -9.682  1.00 46.23 ? 42  ARG A N   1 
ATOM   259  C  CA  . ARG A 1 54  ? 1.739   8.519   -8.905  1.00 46.41 ? 42  ARG A CA  1 
ATOM   260  C  C   . ARG A 1 54  ? 1.599   7.699   -7.645  1.00 45.43 ? 42  ARG A C   1 
ATOM   261  O  O   . ARG A 1 54  ? 0.575   7.793   -6.947  1.00 45.11 ? 42  ARG A O   1 
ATOM   262  C  CB  . ARG A 1 54  ? 1.906   9.971   -8.455  1.00 47.30 ? 42  ARG A CB  1 
ATOM   263  C  CG  . ARG A 1 54  ? 2.581   10.900  -9.406  1.00 51.10 ? 42  ARG A CG  1 
ATOM   264  C  CD  . ARG A 1 54  ? 2.697   12.346  -8.836  1.00 53.97 ? 42  ARG A CD  1 
ATOM   265  N  NE  . ARG A 1 54  ? 3.619   12.451  -7.691  1.00 56.17 ? 42  ARG A NE  1 
ATOM   266  C  CZ  . ARG A 1 54  ? 3.658   13.488  -6.842  1.00 58.43 ? 42  ARG A CZ  1 
ATOM   267  N  NH1 . ARG A 1 54  ? 2.809   14.507  -6.969  1.00 58.89 ? 42  ARG A NH1 1 
ATOM   268  N  NH2 . ARG A 1 54  ? 4.542   13.508  -5.851  1.00 58.60 ? 42  ARG A NH2 1 
ATOM   269  N  N   . PHE A 1 55  ? 2.637   6.937   -7.328  1.00 44.07 ? 43  PHE A N   1 
ATOM   270  C  CA  . PHE A 1 55  ? 2.630   6.034   -6.191  1.00 43.38 ? 43  PHE A CA  1 
ATOM   271  C  C   . PHE A 1 55  ? 3.795   6.353   -5.268  1.00 43.74 ? 43  PHE A C   1 
ATOM   272  O  O   . PHE A 1 55  ? 4.941   6.434   -5.708  1.00 42.60 ? 43  PHE A O   1 
ATOM   273  C  CB  . PHE A 1 55  ? 2.647   4.600   -6.705  1.00 43.95 ? 43  PHE A CB  1 
ATOM   274  C  CG  . PHE A 1 55  ? 1.423   4.274   -7.474  1.00 43.35 ? 43  PHE A CG  1 
ATOM   275  C  CD1 . PHE A 1 55  ? 0.274   3.916   -6.800  1.00 46.10 ? 43  PHE A CD1 1 
ATOM   276  C  CD2 . PHE A 1 55  ? 1.372   4.464   -8.849  1.00 44.95 ? 43  PHE A CD2 1 
ATOM   277  C  CE1 . PHE A 1 55  ? -0.911  3.666   -7.507  1.00 46.48 ? 43  PHE A CE1 1 
ATOM   278  C  CE2 . PHE A 1 55  ? 0.203   4.212   -9.555  1.00 45.44 ? 43  PHE A CE2 1 
ATOM   279  C  CZ  . PHE A 1 55  ? -0.928  3.812   -8.884  1.00 45.40 ? 43  PHE A CZ  1 
ATOM   280  N  N   . LEU A 1 56  ? 3.476   6.582   -3.997  1.00 42.99 ? 44  LEU A N   1 
ATOM   281  C  CA  . LEU A 1 56  ? 4.431   7.093   -3.035  1.00 42.97 ? 44  LEU A CA  1 
ATOM   282  C  C   . LEU A 1 56  ? 4.615   6.116   -1.883  1.00 42.85 ? 44  LEU A C   1 
ATOM   283  O  O   . LEU A 1 56  ? 3.662   5.452   -1.446  1.00 44.03 ? 44  LEU A O   1 
ATOM   284  C  CB  . LEU A 1 56  ? 3.961   8.441   -2.490  1.00 43.46 ? 44  LEU A CB  1 
ATOM   285  C  CG  . LEU A 1 56  ? 4.382   9.701   -3.233  1.00 45.13 ? 44  LEU A CG  1 
ATOM   286  C  CD1 . LEU A 1 56  ? 3.848   9.706   -4.637  1.00 46.68 ? 44  LEU A CD1 1 
ATOM   287  C  CD2 . LEU A 1 56  ? 3.943   10.958  -2.463  1.00 47.14 ? 44  LEU A CD2 1 
ATOM   288  N  N   . ILE A 1 57  ? 5.852   6.016   -1.416  1.00 43.03 ? 45  ILE A N   1 
ATOM   289  C  CA  . ILE A 1 57  ? 6.161   5.342   -0.156  1.00 43.17 ? 45  ILE A CA  1 
ATOM   290  C  C   . ILE A 1 57  ? 7.121   6.237   0.624   1.00 42.06 ? 45  ILE A C   1 
ATOM   291  O  O   . ILE A 1 57  ? 7.739   7.115   0.037   1.00 42.07 ? 45  ILE A O   1 
ATOM   292  C  CB  . ILE A 1 57  ? 6.742   3.907   -0.448  1.00 43.68 ? 45  ILE A CB  1 
ATOM   293  C  CG1 . ILE A 1 57  ? 6.747   3.039   0.808   1.00 44.87 ? 45  ILE A CG1 1 
ATOM   294  C  CG2 . ILE A 1 57  ? 8.140   3.985   -1.042  1.00 43.08 ? 45  ILE A CG2 1 
ATOM   295  C  CD1 . ILE A 1 57  ? 5.385   2.756   1.396   1.00 44.46 ? 45  ILE A CD1 1 
ATOM   296  N  N   . THR A 1 58  ? 7.216   6.066   1.944   1.00 41.49 ? 46  THR A N   1 
ATOM   297  C  CA  . THR A 1 58  ? 8.182   6.811   2.716   1.00 41.46 ? 46  THR A CA  1 
ATOM   298  C  C   . THR A 1 58  ? 9.500   6.042   2.821   1.00 41.75 ? 46  THR A C   1 
ATOM   299  O  O   . THR A 1 58  ? 9.514   4.804   2.763   1.00 41.16 ? 46  THR A O   1 
ATOM   300  C  CB  . THR A 1 58  ? 7.676   7.129   4.105   1.00 41.44 ? 46  THR A CB  1 
ATOM   301  O  OG1 . THR A 1 58  ? 7.452   5.926   4.845   1.00 41.83 ? 46  THR A OG1 1 
ATOM   302  C  CG2 . THR A 1 58  ? 6.322   7.829   4.036   1.00 43.00 ? 46  THR A CG2 1 
ATOM   303  N  N   . ALA A 1 59  ? 10.595  6.774   3.001   1.00 42.04 ? 47  ALA A N   1 
ATOM   304  C  CA  . ALA A 1 59  ? 11.895  6.158   3.198   1.00 41.62 ? 47  ALA A CA  1 
ATOM   305  C  C   . ALA A 1 59  ? 11.878  5.193   4.402   1.00 42.29 ? 47  ALA A C   1 
ATOM   306  O  O   . ALA A 1 59  ? 12.478  4.084   4.346   1.00 41.85 ? 47  ALA A O   1 
ATOM   307  C  CB  . ALA A 1 59  ? 12.981  7.229   3.375   1.00 42.98 ? 47  ALA A CB  1 
ATOM   308  N  N   . SER A 1 60  ? 11.200  5.611   5.474   1.00 41.24 ? 48  SER A N   1 
ATOM   309  C  CA  . SER A 1 60  ? 11.112  4.819   6.703   1.00 41.94 ? 48  SER A CA  1 
ATOM   310  C  C   . SER A 1 60  ? 10.424  3.469   6.468   1.00 41.35 ? 48  SER A C   1 
ATOM   311  O  O   . SER A 1 60  ? 10.963  2.407   6.829   1.00 40.61 ? 48  SER A O   1 
ATOM   312  C  CB  . SER A 1 60  ? 10.356  5.585   7.783   1.00 42.32 ? 48  SER A CB  1 
ATOM   313  O  OG  . SER A 1 60  ? 10.244  4.787   8.947   1.00 43.12 ? 48  SER A OG  1 
ATOM   314  N  N   . VAL A 1 61  ? 9.246   3.505   5.850   1.00 41.42 ? 49  VAL A N   1 
ATOM   315  C  CA  . VAL A 1 61  ? 8.464   2.282   5.623   1.00 41.71 ? 49  VAL A CA  1 
ATOM   316  C  C   . VAL A 1 61  ? 9.154   1.342   4.609   1.00 41.79 ? 49  VAL A C   1 
ATOM   317  O  O   . VAL A 1 61  ? 9.159   0.113   4.793   1.00 42.21 ? 49  VAL A O   1 
ATOM   318  C  CB  . VAL A 1 61  ? 7.020   2.628   5.241   1.00 41.88 ? 49  VAL A CB  1 
ATOM   319  C  CG1 . VAL A 1 61  ? 6.252   1.427   4.862   1.00 42.99 ? 49  VAL A CG1 1 
ATOM   320  C  CG2 . VAL A 1 61  ? 6.323   3.350   6.416   1.00 41.96 ? 49  VAL A CG2 1 
ATOM   321  N  N   . LYS A 1 62  ? 9.760   1.899   3.572   1.00 41.29 ? 50  LYS A N   1 
ATOM   322  C  CA  . LYS A 1 62  ? 10.545  1.091   2.654   1.00 42.82 ? 50  LYS A CA  1 
ATOM   323  C  C   . LYS A 1 62  ? 11.700  0.355   3.401   1.00 42.40 ? 50  LYS A C   1 
ATOM   324  O  O   . LYS A 1 62  ? 11.908  -0.850  3.217   1.00 41.34 ? 50  LYS A O   1 
ATOM   325  C  CB  . LYS A 1 62  ? 11.094  1.963   1.537   1.00 43.44 ? 50  LYS A CB  1 
ATOM   326  C  CG  . LYS A 1 62  ? 11.964  1.216   0.542   1.00 45.43 ? 50  LYS A CG  1 
ATOM   327  C  CD  . LYS A 1 62  ? 12.412  2.120   -0.588  1.00 48.30 ? 50  LYS A CD  1 
ATOM   328  C  CE  . LYS A 1 62  ? 13.031  1.301   -1.715  1.00 52.40 ? 50  LYS A CE  1 
ATOM   329  N  NZ  . LYS A 1 62  ? 14.333  1.833   -2.153  1.00 55.58 ? 50  LYS A NZ  1 
ATOM   330  N  N   . ARG A 1 63  ? 12.423  1.074   4.258   1.00 42.35 ? 51  ARG A N   1 
ATOM   331  C  CA  . ARG A 1 63  ? 13.521  0.492   5.038   1.00 43.18 ? 51  ARG A CA  1 
ATOM   332  C  C   . ARG A 1 63  ? 13.004  -0.577  6.003   1.00 42.93 ? 51  ARG A C   1 
ATOM   333  O  O   . ARG A 1 63  ? 13.645  -1.624  6.184   1.00 41.83 ? 51  ARG A O   1 
ATOM   334  C  CB  . ARG A 1 63  ? 14.252  1.582   5.840   1.00 43.54 ? 51  ARG A CB  1 
ATOM   335  C  CG  . ARG A 1 63  ? 15.453  1.106   6.661   1.00 47.64 ? 51  ARG A CG  1 
ATOM   336  C  CD  . ARG A 1 63  ? 16.677  0.610   5.846   1.00 52.04 ? 51  ARG A CD  1 
ATOM   337  N  NE  . ARG A 1 63  ? 17.128  1.586   4.851   1.00 55.00 ? 51  ARG A NE  1 
ATOM   338  C  CZ  . ARG A 1 63  ? 18.087  2.503   5.020   1.00 56.88 ? 51  ARG A CZ  1 
ATOM   339  N  NH1 . ARG A 1 63  ? 18.767  2.610   6.163   1.00 57.57 ? 51  ARG A NH1 1 
ATOM   340  N  NH2 . ARG A 1 63  ? 18.374  3.325   4.013   1.00 58.22 ? 51  ARG A NH2 1 
ATOM   341  N  N   . GLU A 1 64  ? 11.855  -0.321  6.623   1.00 42.48 ? 52  GLU A N   1 
ATOM   342  C  CA  . GLU A 1 64  ? 11.244  -1.321  7.500   1.00 43.50 ? 52  GLU A CA  1 
ATOM   343  C  C   . GLU A 1 64  ? 10.904  -2.603  6.736   1.00 43.08 ? 52  GLU A C   1 
ATOM   344  O  O   . GLU A 1 64  ? 11.082  -3.700  7.264   1.00 42.68 ? 52  GLU A O   1 
ATOM   345  C  CB  . GLU A 1 64  ? 10.033  -0.786  8.232   1.00 43.76 ? 52  GLU A CB  1 
ATOM   346  C  CG  . GLU A 1 64  ? 10.378  0.262   9.281   1.00 46.66 ? 52  GLU A CG  1 
ATOM   347  C  CD  . GLU A 1 64  ? 11.280  -0.258  10.387  1.00 50.83 ? 52  GLU A CD  1 
ATOM   348  O  OE1 . GLU A 1 64  ? 11.108  -1.422  10.820  1.00 55.59 ? 52  GLU A OE1 1 
ATOM   349  O  OE2 . GLU A 1 64  ? 12.163  0.499   10.837  1.00 53.03 ? 52  GLU A OE2 1 
ATOM   350  N  N   . LEU A 1 65  ? 10.440  -2.457  5.504   1.00 43.01 ? 53  LEU A N   1 
ATOM   351  C  CA  . LEU A 1 65  ? 10.104  -3.630  4.681   1.00 42.96 ? 53  LEU A CA  1 
ATOM   352  C  C   . LEU A 1 65  ? 11.395  -4.391  4.296   1.00 41.83 ? 53  LEU A C   1 
ATOM   353  O  O   . LEU A 1 65  ? 11.420  -5.621  4.330   1.00 41.88 ? 53  LEU A O   1 
ATOM   354  C  CB  . LEU A 1 65  ? 9.313   -3.248  3.439   1.00 42.31 ? 53  LEU A CB  1 
ATOM   355  C  CG  . LEU A 1 65  ? 8.983   -4.377  2.435   1.00 43.63 ? 53  LEU A CG  1 
ATOM   356  C  CD1 . LEU A 1 65  ? 8.152   -5.463  3.071   1.00 44.99 ? 53  LEU A CD1 1 
ATOM   357  C  CD2 . LEU A 1 65  ? 8.243   -3.793  1.256   1.00 44.53 ? 53  LEU A CD2 1 
ATOM   358  N  N   . GLU A 1 66  ? 12.464  -3.672  3.972   1.00 42.28 ? 54  GLU A N   1 
ATOM   359  C  CA  . GLU A 1 66  ? 13.763  -4.314  3.700   1.00 42.77 ? 54  GLU A CA  1 
ATOM   360  C  C   . GLU A 1 66  ? 14.273  -5.131  4.899   1.00 42.65 ? 54  GLU A C   1 
ATOM   361  O  O   . GLU A 1 66  ? 14.824  -6.215  4.731   1.00 41.32 ? 54  GLU A O   1 
ATOM   362  C  CB  . GLU A 1 66  ? 14.801  -3.281  3.262   1.00 42.92 ? 54  GLU A CB  1 
ATOM   363  C  CG  . GLU A 1 66  ? 14.516  -2.678  1.887   1.00 45.85 ? 54  GLU A CG  1 
ATOM   364  C  CD  . GLU A 1 66  ? 15.295  -1.392  1.604   1.00 50.71 ? 54  GLU A CD  1 
ATOM   365  O  OE1 . GLU A 1 66  ? 15.892  -0.813  2.530   1.00 53.09 ? 54  GLU A OE1 1 
ATOM   366  O  OE2 . GLU A 1 66  ? 15.293  -0.929  0.444   1.00 55.61 ? 54  GLU A OE2 1 
ATOM   367  N  N   . LYS A 1 67  ? 14.083  -4.605  6.108   1.00 42.78 ? 55  LYS A N   1 
ATOM   368  C  CA  . LYS A 1 67  ? 14.485  -5.311  7.332   1.00 42.86 ? 55  LYS A CA  1 
ATOM   369  C  C   . LYS A 1 67  ? 13.597  -6.528  7.566   1.00 43.16 ? 55  LYS A C   1 
ATOM   370  O  O   . LYS A 1 67  ? 14.096  -7.609  7.857   1.00 44.14 ? 55  LYS A O   1 
ATOM   371  C  CB  . LYS A 1 67  ? 14.402  -4.370  8.547   1.00 42.46 ? 55  LYS A CB  1 
ATOM   372  C  CG  . LYS A 1 67  ? 15.439  -3.286  8.523   1.00 43.62 ? 55  LYS A CG  1 
ATOM   373  C  CD  . LYS A 1 67  ? 15.090  -2.110  9.463   1.00 45.02 ? 55  LYS A CD  1 
ATOM   374  C  CE  . LYS A 1 67  ? 15.031  -2.500  10.895  1.00 46.37 ? 55  LYS A CE  1 
ATOM   375  N  NZ  . LYS A 1 67  ? 14.581  -1.327  11.712  1.00 47.63 ? 55  LYS A NZ  1 
ATOM   376  N  N   . LEU A 1 68  ? 12.288  -6.333  7.451   1.00 43.89 ? 56  LEU A N   1 
ATOM   377  C  CA  . LEU A 1 68  ? 11.295  -7.409  7.595   1.00 44.34 ? 56  LEU A CA  1 
ATOM   378  C  C   . LEU A 1 68  ? 11.577  -8.581  6.644   1.00 43.46 ? 56  LEU A C   1 
ATOM   379  O  O   . LEU A 1 68  ? 11.519  -9.745  7.044   1.00 43.86 ? 56  LEU A O   1 
ATOM   380  C  CB  . LEU A 1 68  ? 9.891   -6.871  7.333   1.00 44.96 ? 56  LEU A CB  1 
ATOM   381  C  CG  . LEU A 1 68  ? 8.724   -7.843  7.604   1.00 47.32 ? 56  LEU A CG  1 
ATOM   382  C  CD1 . LEU A 1 68  ? 8.668   -8.227  9.078   1.00 49.05 ? 56  LEU A CD1 1 
ATOM   383  C  CD2 . LEU A 1 68  ? 7.403   -7.264  7.160   1.00 50.70 ? 56  LEU A CD2 1 
ATOM   384  N  N   . GLU A 1 69  ? 11.878  -8.264  5.392   1.00 42.19 ? 57  GLU A N   1 
ATOM   385  C  CA  . GLU A 1 69  ? 12.159  -9.272  4.386   1.00 42.44 ? 57  GLU A CA  1 
ATOM   386  C  C   . GLU A 1 69  ? 13.282  -10.222 4.844   1.00 41.96 ? 57  GLU A C   1 
ATOM   387  O  O   . GLU A 1 69  ? 13.257  -11.434 4.577   1.00 41.12 ? 57  GLU A O   1 
ATOM   388  C  CB  . GLU A 1 69  ? 12.514  -8.590  3.058   1.00 42.55 ? 57  GLU A CB  1 
ATOM   389  C  CG  . GLU A 1 69  ? 12.743  -9.556  1.901   1.00 43.21 ? 57  GLU A CG  1 
ATOM   390  C  CD  . GLU A 1 69  ? 14.081  -10.265 1.929   1.00 43.57 ? 57  GLU A CD  1 
ATOM   391  O  OE1 . GLU A 1 69  ? 15.108  -9.697  2.393   1.00 41.45 ? 57  GLU A OE1 1 
ATOM   392  O  OE2 . GLU A 1 69  ? 14.106  -11.431 1.493   1.00 47.31 ? 57  GLU A OE2 1 
HETATM 393  N  N   . MSE A 1 70  ? 14.262  -9.675  5.556   1.00 41.80 ? 58  MSE A N   1 
HETATM 394  C  CA  . MSE A 1 70  ? 15.407  -10.451 5.971   1.00 43.86 ? 58  MSE A CA  1 
HETATM 395  C  C   . MSE A 1 70  ? 15.026  -11.505 7.008   1.00 43.92 ? 58  MSE A C   1 
HETATM 396  O  O   . MSE A 1 70  ? 15.699  -12.515 7.124   1.00 45.14 ? 58  MSE A O   1 
HETATM 397  C  CB  . MSE A 1 70  ? 16.513  -9.524  6.487   1.00 44.04 ? 58  MSE A CB  1 
HETATM 398  C  CG  . MSE A 1 70  ? 17.043  -8.606  5.384   1.00 47.56 ? 58  MSE A CG  1 
HETATM 399  SE SE  . MSE A 1 70  ? 18.065  -7.062  6.103   1.00 55.85 ? 58  MSE A SE  1 
HETATM 400  C  CE  . MSE A 1 70  ? 19.193  -8.060  7.046   1.00 46.30 ? 58  MSE A CE  1 
ATOM   401  N  N   . SER A 1 71  ? 13.917  -11.286 7.709   1.00 44.53 ? 59  SER A N   1 
ATOM   402  C  CA  . SER A 1 71  ? 13.436  -12.236 8.710   1.00 44.92 ? 59  SER A CA  1 
ATOM   403  C  C   . SER A 1 71  ? 12.230  -13.095 8.284   1.00 44.03 ? 59  SER A C   1 
ATOM   404  O  O   . SER A 1 71  ? 11.900  -14.054 8.964   1.00 45.97 ? 59  SER A O   1 
ATOM   405  C  CB  A SER A 1 71  ? 13.067  -11.472 9.993   0.65 44.84 ? 59  SER A CB  1 
ATOM   406  C  CB  B SER A 1 71  ? 13.208  -11.537 10.057  0.35 44.67 ? 59  SER A CB  1 
ATOM   407  O  OG  A SER A 1 71  ? 11.990  -10.582 9.754   0.65 46.28 ? 59  SER A OG  1 
ATOM   408  O  OG  B SER A 1 71  ? 14.426  -11.542 10.795  0.35 44.13 ? 59  SER A OG  1 
ATOM   409  N  N   . LEU A 1 72  ? 11.609  -12.804 7.160   1.00 43.18 ? 60  LEU A N   1 
ATOM   410  C  CA  . LEU A 1 72  ? 10.472  -13.609 6.705   1.00 42.56 ? 60  LEU A CA  1 
ATOM   411  C  C   . LEU A 1 72  ? 10.958  -14.902 6.032   1.00 41.92 ? 60  LEU A C   1 
ATOM   412  O  O   . LEU A 1 72  ? 12.135  -15.025 5.690   1.00 40.51 ? 60  LEU A O   1 
ATOM   413  C  CB  . LEU A 1 72  ? 9.591   -12.810 5.768   1.00 43.16 ? 60  LEU A CB  1 
ATOM   414  C  CG  . LEU A 1 72  ? 8.835   -11.622 6.394   1.00 44.16 ? 60  LEU A CG  1 
ATOM   415  C  CD1 . LEU A 1 72  ? 8.315   -10.775 5.308   1.00 44.74 ? 60  LEU A CD1 1 
ATOM   416  C  CD2 . LEU A 1 72  ? 7.715   -12.055 7.330   1.00 45.81 ? 60  LEU A CD2 1 
ATOM   417  N  N   . ARG A 1 73  ? 10.037  -15.857 5.899   1.00 40.96 ? 61  ARG A N   1 
ATOM   418  C  CA  . ARG A 1 73  ? 10.303  -17.177 5.346   1.00 40.66 ? 61  ARG A CA  1 
ATOM   419  C  C   . ARG A 1 73  ? 9.169   -17.560 4.388   1.00 39.94 ? 61  ARG A C   1 
ATOM   420  O  O   . ARG A 1 73  ? 8.083   -16.957 4.382   1.00 38.44 ? 61  ARG A O   1 
ATOM   421  C  CB  . ARG A 1 73  ? 10.436  -18.228 6.451   1.00 40.82 ? 61  ARG A CB  1 
ATOM   422  C  CG  . ARG A 1 73  ? 11.624  -18.057 7.342   1.00 43.19 ? 61  ARG A CG  1 
ATOM   423  C  CD  . ARG A 1 73  ? 11.614  -18.994 8.521   1.00 47.82 ? 61  ARG A CD  1 
ATOM   424  N  NE  . ARG A 1 73  ? 12.947  -19.231 9.077   1.00 51.38 ? 61  ARG A NE  1 
ATOM   425  C  CZ  . ARG A 1 73  ? 13.789  -20.192 8.692   1.00 53.42 ? 61  ARG A CZ  1 
ATOM   426  N  NH1 . ARG A 1 73  ? 13.470  -21.043 7.719   1.00 55.11 ? 61  ARG A NH1 1 
ATOM   427  N  NH2 . ARG A 1 73  ? 14.970  -20.300 9.296   1.00 54.55 ? 61  ARG A NH2 1 
ATOM   428  N  N   . GLY A 1 74  ? 9.451   -18.531 3.535   1.00 39.33 ? 62  GLY A N   1 
ATOM   429  C  CA  . GLY A 1 74  ? 8.442   -19.083 2.646   1.00 39.12 ? 62  GLY A CA  1 
ATOM   430  C  C   . GLY A 1 74  ? 7.809   -18.087 1.740   1.00 39.47 ? 62  GLY A C   1 
ATOM   431  O  O   . GLY A 1 74  ? 8.463   -17.164 1.263   1.00 38.87 ? 62  GLY A O   1 
ATOM   432  N  N   . LYS A 1 75  ? 6.504   -18.252 1.524   1.00 40.18 ? 63  LYS A N   1 
ATOM   433  C  CA  . LYS A 1 75  ? 5.767   -17.387 0.617   1.00 41.27 ? 63  LYS A CA  1 
ATOM   434  C  C   . LYS A 1 75  ? 5.694   -15.946 1.110   1.00 40.65 ? 63  LYS A C   1 
ATOM   435  O  O   . LYS A 1 75  ? 5.628   -15.034 0.306   1.00 39.94 ? 63  LYS A O   1 
ATOM   436  C  CB  . LYS A 1 75  ? 4.359   -17.934 0.352   1.00 42.32 ? 63  LYS A CB  1 
ATOM   437  C  CG  . LYS A 1 75  ? 3.545   -18.258 1.609   1.00 46.34 ? 63  LYS A CG  1 
ATOM   438  C  CD  . LYS A 1 75  ? 2.011   -18.208 1.341   1.00 51.56 ? 63  LYS A CD  1 
ATOM   439  C  CE  . LYS A 1 75  ? 1.207   -18.663 2.580   1.00 53.71 ? 63  LYS A CE  1 
ATOM   440  N  NZ  . LYS A 1 75  ? 1.562   -17.883 3.820   1.00 56.10 ? 63  LYS A NZ  1 
ATOM   441  N  N   . GLU A 1 76  ? 5.726   -15.734 2.420   1.00 40.63 ? 64  GLU A N   1 
ATOM   442  C  CA  . GLU A 1 76  ? 5.774   -14.356 2.948   1.00 41.62 ? 64  GLU A CA  1 
ATOM   443  C  C   . GLU A 1 76  ? 7.056   -13.643 2.524   1.00 40.22 ? 64  GLU A C   1 
ATOM   444  O  O   . GLU A 1 76  ? 7.035   -12.449 2.178   1.00 40.64 ? 64  GLU A O   1 
ATOM   445  C  CB  . GLU A 1 76  ? 5.656   -14.351 4.475   1.00 42.80 ? 64  GLU A CB  1 
ATOM   446  C  CG  . GLU A 1 76  ? 4.220   -14.534 4.972   1.00 47.01 ? 64  GLU A CG  1 
ATOM   447  C  CD  . GLU A 1 76  ? 4.083   -14.322 6.474   1.00 54.36 ? 64  GLU A CD  1 
ATOM   448  O  OE1 . GLU A 1 76  ? 5.054   -14.579 7.233   1.00 57.58 ? 64  GLU A OE1 1 
ATOM   449  O  OE2 . GLU A 1 76  ? 2.983   -13.882 6.898   1.00 61.08 ? 64  GLU A OE2 1 
ATOM   450  N  N   . LYS A 1 77  ? 8.169   -14.381 2.515   1.00 39.34 ? 65  LYS A N   1 
ATOM   451  C  CA  . LYS A 1 77  ? 9.448   -13.819 2.073   1.00 38.82 ? 65  LYS A CA  1 
ATOM   452  C  C   . LYS A 1 77  ? 9.319   -13.447 0.594   1.00 38.87 ? 65  LYS A C   1 
ATOM   453  O  O   . LYS A 1 77  ? 9.733   -12.365 0.198   1.00 38.91 ? 65  LYS A O   1 
ATOM   454  C  CB  . LYS A 1 77  ? 10.600  -14.807 2.298   1.00 38.89 ? 65  LYS A CB  1 
ATOM   455  C  CG  . LYS A 1 77  ? 11.976  -14.218 2.093   1.00 38.25 ? 65  LYS A CG  1 
ATOM   456  C  CD  . LYS A 1 77  ? 13.042  -15.270 2.387   1.00 36.07 ? 65  LYS A CD  1 
ATOM   457  C  CE  . LYS A 1 77  ? 14.437  -14.712 2.211   1.00 38.44 ? 65  LYS A CE  1 
ATOM   458  N  NZ  . LYS A 1 77  ? 14.739  -13.644 3.169   1.00 37.15 ? 65  LYS A NZ  1 
ATOM   459  N  N   . VAL A 1 78  ? 8.689   -14.302 -0.204  1.00 39.04 ? 66  VAL A N   1 
ATOM   460  C  CA  . VAL A 1 78  ? 8.517   -14.021 -1.632  1.00 40.03 ? 66  VAL A CA  1 
ATOM   461  C  C   . VAL A 1 78  ? 7.643   -12.781 -1.829  1.00 40.24 ? 66  VAL A C   1 
ATOM   462  O  O   . VAL A 1 78  ? 7.946   -11.909 -2.646  1.00 39.87 ? 66  VAL A O   1 
ATOM   463  C  CB  . VAL A 1 78  ? 7.915   -15.245 -2.415  1.00 40.86 ? 66  VAL A CB  1 
ATOM   464  C  CG1 . VAL A 1 78  ? 7.711   -14.887 -3.887  1.00 43.24 ? 66  VAL A CG1 1 
ATOM   465  C  CG2 . VAL A 1 78  ? 8.772   -16.480 -2.303  1.00 40.62 ? 66  VAL A CG2 1 
ATOM   466  N  N   . ALA A 1 79  ? 6.599   -12.666 -1.021  1.00 40.46 ? 67  ALA A N   1 
ATOM   467  C  CA  . ALA A 1 79  ? 5.645   -11.531 -1.108  1.00 42.14 ? 67  ALA A CA  1 
ATOM   468  C  C   . ALA A 1 79  ? 6.332   -10.207 -0.779  1.00 42.43 ? 67  ALA A C   1 
ATOM   469  O  O   . ALA A 1 79  ? 6.089   -9.199  -1.431  1.00 43.28 ? 67  ALA A O   1 
ATOM   470  C  CB  . ALA A 1 79  ? 4.490   -11.768 -0.150  1.00 42.37 ? 67  ALA A CB  1 
ATOM   471  N  N   . ALA A 1 80  ? 7.221   -10.233 0.219   1.00 42.32 ? 68  ALA A N   1 
ATOM   472  C  CA  . ALA A 1 80  ? 8.006   -9.041  0.580   1.00 41.16 ? 68  ALA A CA  1 
ATOM   473  C  C   . ALA A 1 80  ? 8.966   -8.650  -0.544  1.00 40.99 ? 68  ALA A C   1 
ATOM   474  O  O   . ALA A 1 80  ? 9.088   -7.476  -0.882  1.00 40.77 ? 68  ALA A O   1 
ATOM   475  C  CB  . ALA A 1 80  ? 8.744   -9.287  1.851   1.00 41.21 ? 68  ALA A CB  1 
ATOM   476  N  N   . ARG A 1 81  ? 9.642   -9.631  -1.148  1.00 40.32 ? 69  ARG A N   1 
ATOM   477  C  CA  . ARG A 1 81  ? 10.476  -9.333  -2.299  1.00 40.79 ? 69  ARG A CA  1 
ATOM   478  C  C   . ARG A 1 81  ? 9.691   -8.767  -3.483  1.00 41.14 ? 69  ARG A C   1 
ATOM   479  O  O   . ARG A 1 81  ? 10.179  -7.881  -4.189  1.00 40.52 ? 69  ARG A O   1 
ATOM   480  C  CB  . ARG A 1 81  ? 11.248  -10.563 -2.741  1.00 40.23 ? 69  ARG A CB  1 
ATOM   481  C  CG  . ARG A 1 81  ? 12.332  -10.961 -1.724  1.00 39.84 ? 69  ARG A CG  1 
ATOM   482  C  CD  . ARG A 1 81  ? 13.273  -11.957 -2.238  1.00 39.87 ? 69  ARG A CD  1 
ATOM   483  N  NE  . ARG A 1 81  ? 14.373  -12.220 -1.304  1.00 38.93 ? 69  ARG A NE  1 
ATOM   484  C  CZ  . ARG A 1 81  ? 15.401  -12.977 -1.568  1.00 37.89 ? 69  ARG A CZ  1 
ATOM   485  N  NH1 . ARG A 1 81  ? 15.499  -13.588 -2.740  1.00 40.73 ? 69  ARG A NH1 1 
ATOM   486  N  NH2 . ARG A 1 81  ? 16.342  -13.146 -0.650  1.00 36.96 ? 69  ARG A NH2 1 
ATOM   487  N  N   . PHE A 1 82  ? 8.517   -9.326  -3.737  1.00 42.62 ? 70  PHE A N   1 
ATOM   488  C  CA  . PHE A 1 82  ? 7.682   -8.819  -4.836  1.00 43.86 ? 70  PHE A CA  1 
ATOM   489  C  C   . PHE A 1 82  ? 7.228   -7.400  -4.514  1.00 43.45 ? 70  PHE A C   1 
ATOM   490  O  O   . PHE A 1 82  ? 7.290   -6.556  -5.396  1.00 43.85 ? 70  PHE A O   1 
ATOM   491  C  CB  . PHE A 1 82  ? 6.490   -9.717  -5.108  1.00 44.85 ? 70  PHE A CB  1 
ATOM   492  C  CG  . PHE A 1 82  ? 5.744   -9.387  -6.401  1.00 47.19 ? 70  PHE A CG  1 
ATOM   493  C  CD1 . PHE A 1 82  ? 6.092   -10.023 -7.593  1.00 52.95 ? 70  PHE A CD1 1 
ATOM   494  C  CD2 . PHE A 1 82  ? 4.731   -8.462  -6.419  1.00 50.20 ? 70  PHE A CD2 1 
ATOM   495  C  CE1 . PHE A 1 82  ? 5.400   -9.746  -8.791  1.00 54.25 ? 70  PHE A CE1 1 
ATOM   496  C  CE2 . PHE A 1 82  ? 4.020   -8.175  -7.606  1.00 51.41 ? 70  PHE A CE2 1 
ATOM   497  C  CZ  . PHE A 1 82  ? 4.383   -8.813  -8.796  1.00 51.95 ? 70  PHE A CZ  1 
ATOM   498  N  N   . ALA A 1 83  ? 6.804   -7.139  -3.267  1.00 43.50 ? 71  ALA A N   1 
ATOM   499  C  CA  . ALA A 1 83  ? 6.475   -5.761  -2.810  1.00 43.27 ? 71  ALA A CA  1 
ATOM   500  C  C   . ALA A 1 83  ? 7.644   -4.799  -2.992  1.00 43.77 ? 71  ALA A C   1 
ATOM   501  O  O   . ALA A 1 83  ? 7.461   -3.682  -3.500  1.00 44.28 ? 71  ALA A O   1 
ATOM   502  C  CB  . ALA A 1 83  ? 6.021   -5.756  -1.373  1.00 43.15 ? 71  ALA A CB  1 
ATOM   503  N  N   . LEU A 1 84  ? 8.857   -5.240  -2.621  1.00 43.13 ? 72  LEU A N   1 
ATOM   504  C  CA  . LEU A 1 84  ? 10.045  -4.436  -2.827  1.00 43.68 ? 72  LEU A CA  1 
ATOM   505  C  C   . LEU A 1 84  ? 10.277  -4.140  -4.323  1.00 44.40 ? 72  LEU A C   1 
ATOM   506  O  O   . LEU A 1 84  ? 10.700  -3.040  -4.680  1.00 44.62 ? 72  LEU A O   1 
ATOM   507  C  CB  . LEU A 1 84  ? 11.272  -5.065  -2.153  1.00 43.05 ? 72  LEU A CB  1 
ATOM   508  C  CG  . LEU A 1 84  ? 11.325  -5.018  -0.608  1.00 42.51 ? 72  LEU A CG  1 
ATOM   509  C  CD1 . LEU A 1 84  ? 12.355  -6.000  -0.025  1.00 45.36 ? 72  LEU A CD1 1 
ATOM   510  C  CD2 . LEU A 1 84  ? 11.600  -3.582  -0.134  1.00 42.59 ? 72  LEU A CD2 1 
ATOM   511  N  N   . LYS A 1 85  ? 9.963   -5.091  -5.200  1.00 45.61 ? 73  LYS A N   1 
ATOM   512  C  CA  . LYS A 1 85  ? 10.135  -4.846  -6.651  1.00 46.08 ? 73  LYS A CA  1 
ATOM   513  C  C   . LYS A 1 85  ? 9.101   -3.801  -7.100  1.00 46.02 ? 73  LYS A C   1 
ATOM   514  O  O   . LYS A 1 85  ? 9.430   -2.903  -7.860  1.00 46.95 ? 73  LYS A O   1 
ATOM   515  C  CB  . LYS A 1 85  ? 9.969   -6.118  -7.490  1.00 46.40 ? 73  LYS A CB  1 
ATOM   516  C  CG  . LYS A 1 85  ? 11.186  -7.029  -7.570  1.00 49.37 ? 73  LYS A CG  1 
ATOM   517  N  N   . LEU A 1 86  ? 7.882   -3.888  -6.596  1.00 45.96 ? 74  LEU A N   1 
ATOM   518  C  CA  . LEU A 1 86  ? 6.841   -2.907  -6.955  1.00 46.67 ? 74  LEU A CA  1 
ATOM   519  C  C   . LEU A 1 86  ? 7.279   -1.487  -6.597  1.00 46.50 ? 74  LEU A C   1 
ATOM   520  O  O   . LEU A 1 86  ? 7.035   -0.539  -7.365  1.00 45.82 ? 74  LEU A O   1 
ATOM   521  C  CB  . LEU A 1 86  ? 5.506   -3.241  -6.288  1.00 46.79 ? 74  LEU A CB  1 
ATOM   522  C  CG  . LEU A 1 86  ? 4.766   -4.476  -6.782  1.00 49.49 ? 74  LEU A CG  1 
ATOM   523  C  CD1 . LEU A 1 86  ? 3.508   -4.681  -5.989  1.00 50.03 ? 74  LEU A CD1 1 
ATOM   524  C  CD2 . LEU A 1 86  ? 4.443   -4.374  -8.299  1.00 51.61 ? 74  LEU A CD2 1 
ATOM   525  N  N   . LEU A 1 87  ? 7.957   -1.361  -5.448  1.00 45.06 ? 75  LEU A N   1 
ATOM   526  C  CA  . LEU A 1 87  ? 8.424   -0.094  -4.938  1.00 44.82 ? 75  LEU A CA  1 
ATOM   527  C  C   . LEU A 1 87  ? 9.497   0.540   -5.798  1.00 46.37 ? 75  LEU A C   1 
ATOM   528  O  O   . LEU A 1 87  ? 9.744   1.735   -5.674  1.00 46.22 ? 75  LEU A O   1 
ATOM   529  C  CB  . LEU A 1 87  ? 8.915   -0.230  -3.488  1.00 44.05 ? 75  LEU A CB  1 
ATOM   530  C  CG  . LEU A 1 87  ? 7.882   -0.498  -2.406  1.00 42.45 ? 75  LEU A CG  1 
ATOM   531  C  CD1 . LEU A 1 87  ? 8.539   -0.509  -1.038  1.00 46.01 ? 75  LEU A CD1 1 
ATOM   532  C  CD2 . LEU A 1 87  ? 6.754   0.572   -2.451  1.00 43.40 ? 75  LEU A CD2 1 
ATOM   533  N  N   . GLU A 1 88  ? 10.128  -0.236  -6.681  1.00 48.27 ? 76  GLU A N   1 
ATOM   534  C  CA  . GLU A 1 88  ? 11.020  0.337   -7.692  1.00 49.72 ? 76  GLU A CA  1 
ATOM   535  C  C   . GLU A 1 88  ? 10.303  1.375   -8.569  1.00 50.09 ? 76  GLU A C   1 
ATOM   536  O  O   . GLU A 1 88  ? 10.961  2.263   -9.108  1.00 50.64 ? 76  GLU A O   1 
ATOM   537  C  CB  . GLU A 1 88  ? 11.645  -0.752  -8.588  1.00 50.39 ? 76  GLU A CB  1 
ATOM   538  C  CG  . GLU A 1 88  ? 12.543  -1.707  -7.825  1.00 52.09 ? 76  GLU A CG  1 
ATOM   539  C  CD  . GLU A 1 88  ? 13.262  -2.726  -8.713  1.00 56.13 ? 76  GLU A CD  1 
ATOM   540  O  OE1 . GLU A 1 88  ? 14.289  -3.239  -8.259  1.00 59.05 ? 76  GLU A OE1 1 
ATOM   541  O  OE2 . GLU A 1 88  ? 12.807  -3.026  -9.842  1.00 59.05 ? 76  GLU A OE2 1 
ATOM   542  N  N   . HIS A 1 89  ? 8.980   1.279   -8.704  1.00 50.35 ? 77  HIS A N   1 
ATOM   543  C  CA  . HIS A 1 89  ? 8.206   2.248   -9.490  1.00 50.81 ? 77  HIS A CA  1 
ATOM   544  C  C   . HIS A 1 89  ? 7.415   3.224   -8.632  1.00 49.61 ? 77  HIS A C   1 
ATOM   545  O  O   . HIS A 1 89  ? 6.469   3.868   -9.118  1.00 51.01 ? 77  HIS A O   1 
ATOM   546  C  CB  . HIS A 1 89  ? 7.278   1.514   -10.463 1.00 51.68 ? 77  HIS A CB  1 
ATOM   547  C  CG  . HIS A 1 89  ? 8.011   0.623   -11.414 1.00 55.90 ? 77  HIS A CG  1 
ATOM   548  N  ND1 . HIS A 1 89  ? 8.348   -0.679  -11.101 1.00 62.10 ? 77  HIS A ND1 1 
ATOM   549  C  CD2 . HIS A 1 89  ? 8.530   0.862   -12.641 1.00 59.57 ? 77  HIS A CD2 1 
ATOM   550  C  CE1 . HIS A 1 89  ? 9.024   -1.210  -12.105 1.00 61.74 ? 77  HIS A CE1 1 
ATOM   551  N  NE2 . HIS A 1 89  ? 9.150   -0.294  -13.051 1.00 61.27 ? 77  HIS A NE2 1 
ATOM   552  N  N   . PHE A 1 90  ? 7.767   3.317   -7.354  1.00 47.38 ? 78  PHE A N   1 
ATOM   553  C  CA  . PHE A 1 90  ? 7.159   4.282   -6.440  1.00 45.95 ? 78  PHE A CA  1 
ATOM   554  C  C   . PHE A 1 90  ? 8.146   5.433   -6.253  1.00 46.79 ? 78  PHE A C   1 
ATOM   555  O  O   . PHE A 1 90  ? 9.365   5.227   -6.343  1.00 46.65 ? 78  PHE A O   1 
ATOM   556  C  CB  . PHE A 1 90  ? 6.912   3.651   -5.071  1.00 45.46 ? 78  PHE A CB  1 
ATOM   557  C  CG  . PHE A 1 90  ? 5.609   2.888   -4.941  1.00 43.80 ? 78  PHE A CG  1 
ATOM   558  C  CD1 . PHE A 1 90  ? 5.242   1.927   -5.846  1.00 44.90 ? 78  PHE A CD1 1 
ATOM   559  C  CD2 . PHE A 1 90  ? 4.780   3.116   -3.851  1.00 45.26 ? 78  PHE A CD2 1 
ATOM   560  C  CE1 . PHE A 1 90  ? 4.049   1.205   -5.682  1.00 46.35 ? 78  PHE A CE1 1 
ATOM   561  C  CE2 . PHE A 1 90  ? 3.614   2.420   -3.692  1.00 44.91 ? 78  PHE A CE2 1 
ATOM   562  C  CZ  . PHE A 1 90  ? 3.242   1.461   -4.610  1.00 44.93 ? 78  PHE A CZ  1 
ATOM   563  N  N   . GLU A 1 91  ? 7.638   6.630   -5.983  1.00 46.82 ? 79  GLU A N   1 
ATOM   564  C  CA  . GLU A 1 91  ? 8.448   7.719   -5.452  1.00 47.82 ? 79  GLU A CA  1 
ATOM   565  C  C   . GLU A 1 91  ? 8.706   7.488   -3.953  1.00 47.46 ? 79  GLU A C   1 
ATOM   566  O  O   . GLU A 1 91  ? 7.798   7.165   -3.197  1.00 46.92 ? 79  GLU A O   1 
ATOM   567  C  CB  . GLU A 1 91  ? 7.745   9.067   -5.645  1.00 48.71 ? 79  GLU A CB  1 
ATOM   568  C  CG  . GLU A 1 91  ? 7.534   9.435   -7.112  1.00 52.45 ? 79  GLU A CG  1 
ATOM   569  C  CD  . GLU A 1 91  ? 6.753   10.727  -7.300  1.00 56.74 ? 79  GLU A CD  1 
ATOM   570  O  OE1 . GLU A 1 91  ? 7.045   11.722  -6.599  1.00 60.41 ? 79  GLU A OE1 1 
ATOM   571  O  OE2 . GLU A 1 91  ? 5.853   10.747  -8.164  1.00 60.28 ? 79  GLU A OE2 1 
ATOM   572  N  N   . VAL A 1 92  ? 9.949   7.656   -3.525  1.00 47.01 ? 80  VAL A N   1 
ATOM   573  C  CA  . VAL A 1 92  ? 10.286  7.488   -2.118  1.00 47.16 ? 80  VAL A CA  1 
ATOM   574  C  C   . VAL A 1 92  ? 10.471  8.855   -1.510  1.00 47.14 ? 80  VAL A C   1 
ATOM   575  O  O   . VAL A 1 92  ? 11.324  9.615   -1.956  1.00 47.35 ? 80  VAL A O   1 
ATOM   576  C  CB  . VAL A 1 92  ? 11.557  6.682   -1.954  1.00 47.72 ? 80  VAL A CB  1 
ATOM   577  C  CG1 . VAL A 1 92  ? 11.929  6.562   -0.474  1.00 48.15 ? 80  VAL A CG1 1 
ATOM   578  C  CG2 . VAL A 1 92  ? 11.388  5.328   -2.590  1.00 48.45 ? 80  VAL A CG2 1 
ATOM   579  N  N   . VAL A 1 93  ? 9.676   9.178   -0.496  1.00 46.62 ? 81  VAL A N   1 
ATOM   580  C  CA  . VAL A 1 93  ? 9.695   10.517  0.089   1.00 46.25 ? 81  VAL A CA  1 
ATOM   581  C  C   . VAL A 1 93  ? 10.097  10.494  1.553   1.00 46.59 ? 81  VAL A C   1 
ATOM   582  O  O   . VAL A 1 93  ? 9.838   9.527   2.281   1.00 44.71 ? 81  VAL A O   1 
ATOM   583  C  CB  . VAL A 1 93  ? 8.326   11.232  -0.069  1.00 46.61 ? 81  VAL A CB  1 
ATOM   584  C  CG1 . VAL A 1 93  ? 7.966   11.337  -1.533  1.00 46.99 ? 81  VAL A CG1 1 
ATOM   585  C  CG2 . VAL A 1 93  ? 7.208   10.540  0.735   1.00 45.71 ? 81  VAL A CG2 1 
ATOM   586  N  N   . GLU A 1 94  ? 10.751  11.569  1.982   1.00 47.15 ? 82  GLU A N   1 
ATOM   587  C  CA  . GLU A 1 94  ? 11.231  11.655  3.353   1.00 47.94 ? 82  GLU A CA  1 
ATOM   588  C  C   . GLU A 1 94  ? 10.169  12.274  4.241   1.00 47.64 ? 82  GLU A C   1 
ATOM   589  O  O   . GLU A 1 94  ? 9.358   13.072  3.786   1.00 47.37 ? 82  GLU A O   1 
ATOM   590  C  CB  . GLU A 1 94  ? 12.561  12.428  3.441   1.00 48.54 ? 82  GLU A CB  1 
ATOM   591  C  CG  . GLU A 1 94  ? 13.767  11.521  3.204   1.00 51.67 ? 82  GLU A CG  1 
ATOM   592  C  CD  . GLU A 1 94  ? 13.991  10.482  4.323   1.00 56.20 ? 82  GLU A CD  1 
ATOM   593  O  OE1 . GLU A 1 94  ? 13.135  10.343  5.261   1.00 58.01 ? 82  GLU A OE1 1 
ATOM   594  O  OE2 . GLU A 1 94  ? 15.042  9.797   4.273   1.00 58.69 ? 82  GLU A OE2 1 
ATOM   595  N  N   . THR A 1 95  ? 10.178  11.872  5.509   1.00 47.28 ? 83  THR A N   1 
ATOM   596  C  CA  . THR A 1 95  ? 9.240   12.367  6.504   1.00 47.03 ? 83  THR A CA  1 
ATOM   597  C  C   . THR A 1 95  ? 9.967   12.611  7.804   1.00 47.17 ? 83  THR A C   1 
ATOM   598  O  O   . THR A 1 95  ? 11.033  12.044  8.038   1.00 46.36 ? 83  THR A O   1 
ATOM   599  C  CB  . THR A 1 95  ? 8.120   11.331  6.758   1.00 46.90 ? 83  THR A CB  1 
ATOM   600  O  OG1 . THR A 1 95  ? 8.706   10.040  7.014   1.00 46.48 ? 83  THR A OG1 1 
ATOM   601  C  CG2 . THR A 1 95  ? 7.242   11.136  5.512   1.00 46.33 ? 83  THR A CG2 1 
ATOM   602  N  N   . GLU A 1 96  ? 9.364   13.438  8.646   1.00 47.55 ? 84  GLU A N   1 
ATOM   603  C  CA  . GLU A 1 96  ? 9.822   13.652  10.025  1.00 48.29 ? 84  GLU A CA  1 
ATOM   604  C  C   . GLU A 1 96  ? 9.630   12.370  10.837  1.00 48.03 ? 84  GLU A C   1 
ATOM   605  O  O   . GLU A 1 96  ? 10.550  11.902  11.506  1.00 47.39 ? 84  GLU A O   1 
ATOM   606  C  CB  . GLU A 1 96  ? 9.028   14.792  10.684  1.00 48.41 ? 84  GLU A CB  1 
ATOM   607  C  CG  . GLU A 1 96  ? 9.620   16.183  10.495  1.00 51.29 ? 84  GLU A CG  1 
ATOM   608  C  CD  . GLU A 1 96  ? 10.948  16.351  11.203  1.00 52.88 ? 84  GLU A CD  1 
ATOM   609  O  OE1 . GLU A 1 96  ? 10.956  16.640  12.415  1.00 53.31 ? 84  GLU A OE1 1 
ATOM   610  O  OE2 . GLU A 1 96  ? 11.996  16.178  10.542  1.00 56.24 ? 84  GLU A OE2 1 
ATOM   611  N  N   . SER A 1 97  ? 8.418   11.814  10.744  1.00 47.68 ? 85  SER A N   1 
ATOM   612  C  CA  . SER A 1 97  ? 8.025   10.646  11.524  1.00 47.48 ? 85  SER A CA  1 
ATOM   613  C  C   . SER A 1 97  ? 8.480   9.356   10.844  1.00 47.72 ? 85  SER A C   1 
ATOM   614  O  O   . SER A 1 97  ? 8.972   9.381   9.715   1.00 47.00 ? 85  SER A O   1 
ATOM   615  C  CB  . SER A 1 97  ? 6.504   10.645  11.742  1.00 47.37 ? 85  SER A CB  1 
ATOM   616  O  OG  . SER A 1 97  ? 5.809   10.439  10.527  1.00 46.18 ? 85  SER A OG  1 
ATOM   617  N  N   . GLU A 1 98  ? 8.327   8.246   11.562  1.00 48.29 ? 86  GLU A N   1 
ATOM   618  C  CA  . GLU A 1 98  ? 8.779   6.931   11.126  1.00 49.43 ? 86  GLU A CA  1 
ATOM   619  C  C   . GLU A 1 98  ? 7.631   5.935   11.197  1.00 49.26 ? 86  GLU A C   1 
ATOM   620  O  O   . GLU A 1 98  ? 6.665   6.150   11.936  1.00 49.41 ? 86  GLU A O   1 
ATOM   621  C  CB  . GLU A 1 98  ? 9.920   6.444   12.013  1.00 49.81 ? 86  GLU A CB  1 
ATOM   622  C  CG  . GLU A 1 98  ? 11.150  7.329   11.946  1.00 52.48 ? 86  GLU A CG  1 
ATOM   623  C  CD  . GLU A 1 98  ? 12.294  6.812   12.790  1.00 55.93 ? 86  GLU A CD  1 
ATOM   624  O  OE1 . GLU A 1 98  ? 13.044  7.645   13.326  1.00 58.06 ? 86  GLU A OE1 1 
ATOM   625  O  OE2 . GLU A 1 98  ? 12.447  5.578   12.917  1.00 59.35 ? 86  GLU A OE2 1 
ATOM   626  N  N   . GLY A 1 99  ? 7.751   4.844   10.445  1.00 49.08 ? 87  GLY A N   1 
ATOM   627  C  CA  . GLY A 1 99  ? 6.762   3.765   10.477  1.00 49.09 ? 87  GLY A CA  1 
ATOM   628  C  C   . GLY A 1 99  ? 5.413   4.166   9.909   1.00 49.00 ? 87  GLY A C   1 
ATOM   629  O  O   . GLY A 1 99  ? 5.341   5.017   9.017   1.00 48.33 ? 87  GLY A O   1 
ATOM   630  N  N   . ASP A 1 100 ? 4.344   3.559   10.433  1.00 49.47 ? 88  ASP A N   1 
ATOM   631  C  CA  . ASP A 1 100 ? 2.970   3.838   9.976   1.00 50.19 ? 88  ASP A CA  1 
ATOM   632  C  C   . ASP A 1 100 ? 2.578   5.319   9.992   1.00 49.27 ? 88  ASP A C   1 
ATOM   633  O  O   . ASP A 1 100 ? 1.975   5.779   9.026   1.00 49.59 ? 88  ASP A O   1 
ATOM   634  C  CB  . ASP A 1 100 ? 1.911   3.074   10.796  1.00 51.23 ? 88  ASP A CB  1 
ATOM   635  C  CG  . ASP A 1 100 ? 1.977   1.578   10.623  1.00 53.60 ? 88  ASP A CG  1 
ATOM   636  O  OD1 . ASP A 1 100 ? 2.439   1.078   9.578   1.00 56.46 ? 88  ASP A OD1 1 
ATOM   637  O  OD2 . ASP A 1 100 ? 1.558   0.813   11.521  1.00 60.11 ? 88  ASP A OD2 1 
ATOM   638  N  N   . PRO A 1 101 ? 2.857   6.059   11.073  1.00 48.03 ? 89  PRO A N   1 
ATOM   639  C  CA  . PRO A 1 101 ? 2.588   7.498   11.080  1.00 47.22 ? 89  PRO A CA  1 
ATOM   640  C  C   . PRO A 1 101 ? 3.180   8.250   9.879   1.00 46.14 ? 89  PRO A C   1 
ATOM   641  O  O   . PRO A 1 101 ? 2.643   9.280   9.493   1.00 46.05 ? 89  PRO A O   1 
ATOM   642  C  CB  . PRO A 1 101 ? 3.224   7.983   12.394  1.00 47.39 ? 89  PRO A CB  1 
ATOM   643  C  CG  . PRO A 1 101 ? 3.280   6.785   13.268  1.00 47.93 ? 89  PRO A CG  1 
ATOM   644  C  CD  . PRO A 1 101 ? 3.418   5.610   12.363  1.00 48.29 ? 89  PRO A CD  1 
ATOM   645  N  N   . SER A 1 102 ? 4.257   7.744   9.290   1.00 44.40 ? 90  SER A N   1 
ATOM   646  C  CA  . SER A 1 102 ? 4.900   8.426   8.164   1.00 43.49 ? 90  SER A CA  1 
ATOM   647  C  C   . SER A 1 102 ? 4.015   8.397   6.923   1.00 43.25 ? 90  SER A C   1 
ATOM   648  O  O   . SER A 1 102 ? 4.067   9.310   6.105   1.00 43.17 ? 90  SER A O   1 
ATOM   649  C  CB  . SER A 1 102 ? 6.295   7.842   7.880   1.00 43.14 ? 90  SER A CB  1 
ATOM   650  O  OG  . SER A 1 102 ? 6.240   6.576   7.229   1.00 41.50 ? 90  SER A OG  1 
ATOM   651  N  N   . LEU A 1 103 ? 3.177   7.364   6.824   1.00 43.14 ? 91  LEU A N   1 
ATOM   652  C  CA  . LEU A 1 103 ? 2.267   7.184   5.701   1.00 42.90 ? 91  LEU A CA  1 
ATOM   653  C  C   . LEU A 1 103 ? 1.205   8.299   5.727   1.00 43.31 ? 91  LEU A C   1 
ATOM   654  O  O   . LEU A 1 103 ? 0.858   8.876   4.692   1.00 42.67 ? 91  LEU A O   1 
ATOM   655  C  CB  . LEU A 1 103 ? 1.605   5.796   5.757   1.00 42.52 ? 91  LEU A CB  1 
ATOM   656  C  CG  . LEU A 1 103 ? 2.524   4.582   5.580   1.00 43.27 ? 91  LEU A CG  1 
ATOM   657  C  CD1 . LEU A 1 103 ? 1.733   3.312   5.483   1.00 43.15 ? 91  LEU A CD1 1 
ATOM   658  C  CD2 . LEU A 1 103 ? 3.426   4.728   4.361   1.00 43.80 ? 91  LEU A CD2 1 
ATOM   659  N  N   . ILE A 1 104 ? 0.691   8.588   6.915   1.00 43.83 ? 92  ILE A N   1 
ATOM   660  C  CA  . ILE A 1 104 ? -0.214  9.730   7.104   1.00 44.76 ? 92  ILE A CA  1 
ATOM   661  C  C   . ILE A 1 104 ? 0.483   11.057  6.785   1.00 44.00 ? 92  ILE A C   1 
ATOM   662  O  O   . ILE A 1 104 ? -0.051  11.883  6.055   1.00 43.75 ? 92  ILE A O   1 
ATOM   663  C  CB  . ILE A 1 104 ? -0.747  9.714   8.544   1.00 45.12 ? 92  ILE A CB  1 
ATOM   664  C  CG1 . ILE A 1 104 ? -1.753  8.570   8.669   1.00 48.25 ? 92  ILE A CG1 1 
ATOM   665  C  CG2 . ILE A 1 104 ? -1.353  11.076  8.941   1.00 46.81 ? 92  ILE A CG2 1 
ATOM   666  C  CD1 . ILE A 1 104 ? -2.218  8.343   10.085  1.00 51.28 ? 92  ILE A CD1 1 
ATOM   667  N  N   . GLU A 1 105 ? 1.685   11.250  7.316   1.00 43.71 ? 93  GLU A N   1 
ATOM   668  C  CA  . GLU A 1 105 ? 2.434   12.484  7.055   1.00 43.64 ? 93  GLU A CA  1 
ATOM   669  C  C   . GLU A 1 105 ? 2.620   12.721  5.545   1.00 43.24 ? 93  GLU A C   1 
ATOM   670  O  O   . GLU A 1 105 ? 2.384   13.831  5.045   1.00 42.94 ? 93  GLU A O   1 
ATOM   671  C  CB  . GLU A 1 105 ? 3.785   12.453  7.760   1.00 43.14 ? 93  GLU A CB  1 
ATOM   672  C  CG  . GLU A 1 105 ? 4.572   13.756  7.644   1.00 44.64 ? 93  GLU A CG  1 
ATOM   673  C  CD  . GLU A 1 105 ? 5.944   13.662  8.268   1.00 45.08 ? 93  GLU A CD  1 
ATOM   674  O  OE1 . GLU A 1 105 ? 6.100   12.898  9.247   1.00 45.78 ? 93  GLU A OE1 1 
ATOM   675  O  OE2 . GLU A 1 105 ? 6.865   14.335  7.763   1.00 44.31 ? 93  GLU A OE2 1 
ATOM   676  N  N   . ALA A 1 106 ? 3.054   11.684  4.835   1.00 42.60 ? 94  ALA A N   1 
ATOM   677  C  CA  . ALA A 1 106 ? 3.259   11.752  3.389   1.00 42.66 ? 94  ALA A CA  1 
ATOM   678  C  C   . ALA A 1 106 ? 1.946   12.009  2.636   1.00 43.23 ? 94  ALA A C   1 
ATOM   679  O  O   . ALA A 1 106 ? 1.874   12.859  1.746   1.00 43.15 ? 94  ALA A O   1 
ATOM   680  C  CB  . ALA A 1 106 ? 3.887   10.448  2.901   1.00 43.40 ? 94  ALA A CB  1 
ATOM   681  N  N   . ALA A 1 107 ? 0.908   11.262  2.985   1.00 43.12 ? 95  ALA A N   1 
ATOM   682  C  CA  . ALA A 1 107 ? -0.357  11.413  2.292   1.00 44.33 ? 95  ALA A CA  1 
ATOM   683  C  C   . ALA A 1 107 ? -0.888  12.856  2.441   1.00 44.75 ? 95  ALA A C   1 
ATOM   684  O  O   . ALA A 1 107 ? -1.311  13.457  1.458   1.00 45.15 ? 95  ALA A O   1 
ATOM   685  C  CB  . ALA A 1 107 ? -1.374  10.412  2.799   1.00 44.03 ? 95  ALA A CB  1 
ATOM   686  N  N   . GLU A 1 108 ? -0.859  13.398  3.657   1.00 45.52 ? 96  GLU A N   1 
ATOM   687  C  CA  . GLU A 1 108 ? -1.316  14.782  3.884   1.00 46.24 ? 96  GLU A CA  1 
ATOM   688  C  C   . GLU A 1 108 ? -0.446  15.815  3.154   1.00 46.41 ? 96  GLU A C   1 
ATOM   689  O  O   . GLU A 1 108 ? -0.976  16.723  2.521   1.00 46.98 ? 96  GLU A O   1 
ATOM   690  C  CB  . GLU A 1 108 ? -1.412  15.121  5.382   1.00 46.45 ? 96  GLU A CB  1 
ATOM   691  C  CG  . GLU A 1 108 ? -2.139  16.452  5.662   1.00 48.79 ? 96  GLU A CG  1 
ATOM   692  C  CD  . GLU A 1 108 ? -2.377  16.739  7.141   1.00 52.24 ? 96  GLU A CD  1 
ATOM   693  O  OE1 . GLU A 1 108 ? -2.072  15.859  7.982   1.00 55.79 ? 96  GLU A OE1 1 
ATOM   694  O  OE2 . GLU A 1 108 ? -2.866  17.862  7.478   1.00 54.61 ? 96  GLU A OE2 1 
ATOM   695  N  N   . LYS A 1 109 ? 0.879   15.685  3.242   1.00 46.43 ? 97  LYS A N   1 
ATOM   696  C  CA  . LYS A 1 109 ? 1.808   16.628  2.592   1.00 46.69 ? 97  LYS A CA  1 
ATOM   697  C  C   . LYS A 1 109 ? 1.652   16.681  1.075   1.00 46.70 ? 97  LYS A C   1 
ATOM   698  O  O   . LYS A 1 109 ? 1.654   17.756  0.483   1.00 46.73 ? 97  LYS A O   1 
ATOM   699  C  CB  . LYS A 1 109 ? 3.267   16.262  2.914   1.00 46.97 ? 97  LYS A CB  1 
ATOM   700  C  CG  . LYS A 1 109 ? 4.284   17.128  2.167   1.00 48.63 ? 97  LYS A CG  1 
ATOM   701  C  CD  . LYS A 1 109 ? 5.720   16.857  2.581   1.00 51.03 ? 97  LYS A CD  1 
ATOM   702  C  CE  . LYS A 1 109 ? 6.658   17.923  2.006   1.00 52.00 ? 97  LYS A CE  1 
ATOM   703  N  NZ  . LYS A 1 109 ? 8.104   17.608  2.281   1.00 52.98 ? 97  LYS A NZ  1 
ATOM   704  N  N   . TYR A 1 110 ? 1.533   15.515  0.448   1.00 46.83 ? 98  TYR A N   1 
ATOM   705  C  CA  . TYR A 1 110 ? 1.497   15.421  -1.013  1.00 47.14 ? 98  TYR A CA  1 
ATOM   706  C  C   . TYR A 1 110 ? 0.087   15.400  -1.570  1.00 46.87 ? 98  TYR A C   1 
ATOM   707  O  O   . TYR A 1 110 ? -0.093  15.467  -2.780  1.00 47.97 ? 98  TYR A O   1 
ATOM   708  C  CB  . TYR A 1 110 ? 2.301   14.200  -1.485  1.00 47.09 ? 98  TYR A CB  1 
ATOM   709  C  CG  . TYR A 1 110 ? 3.770   14.398  -1.248  1.00 48.79 ? 98  TYR A CG  1 
ATOM   710  C  CD1 . TYR A 1 110 ? 4.565   15.028  -2.205  1.00 50.32 ? 98  TYR A CD1 1 
ATOM   711  C  CD2 . TYR A 1 110 ? 4.365   14.000  -0.053  1.00 49.18 ? 98  TYR A CD2 1 
ATOM   712  C  CE1 . TYR A 1 110 ? 5.925   15.231  -1.987  1.00 51.32 ? 98  TYR A CE1 1 
ATOM   713  C  CE2 . TYR A 1 110 ? 5.730   14.198  0.172   1.00 50.62 ? 98  TYR A CE2 1 
ATOM   714  C  CZ  . TYR A 1 110 ? 6.502   14.828  -0.798  1.00 51.46 ? 98  TYR A CZ  1 
ATOM   715  O  OH  . TYR A 1 110 ? 7.861   15.039  -0.601  1.00 52.89 ? 98  TYR A OH  1 
ATOM   716  N  N   . GLY A 1 111 ? -0.908  15.329  -0.692  1.00 46.29 ? 99  GLY A N   1 
ATOM   717  C  CA  . GLY A 1 111 ? -2.299  15.366  -1.102  1.00 46.11 ? 99  GLY A CA  1 
ATOM   718  C  C   . GLY A 1 111 ? -2.754  14.073  -1.740  1.00 45.97 ? 99  GLY A C   1 
ATOM   719  O  O   . GLY A 1 111 ? -3.475  14.087  -2.731  1.00 45.48 ? 99  GLY A O   1 
ATOM   720  N  N   . CYS A 1 112 ? -2.352  12.955  -1.141  1.00 45.71 ? 100 CYS A N   1 
ATOM   721  C  CA  . CYS A 1 112 ? -2.623  11.639  -1.679  1.00 46.19 ? 100 CYS A CA  1 
ATOM   722  C  C   . CYS A 1 112 ? -3.759  10.964  -0.938  1.00 45.57 ? 100 CYS A C   1 
ATOM   723  O  O   . CYS A 1 112 ? -4.079  11.320  0.201   1.00 45.29 ? 100 CYS A O   1 
ATOM   724  C  CB  . CYS A 1 112 ? -1.376  10.755  -1.555  1.00 46.48 ? 100 CYS A CB  1 
ATOM   725  S  SG  . CYS A 1 112 ? 0.123   11.444  -2.339  1.00 50.30 ? 100 CYS A SG  1 
ATOM   726  N  N   . ILE A 1 113 ? -4.347  9.969   -1.600  1.00 44.69 ? 101 ILE A N   1 
ATOM   727  C  CA  . ILE A 1 113 ? -5.146  8.953   -0.923  1.00 44.12 ? 101 ILE A CA  1 
ATOM   728  C  C   . ILE A 1 113 ? -4.201  8.004   -0.178  1.00 42.90 ? 101 ILE A C   1 
ATOM   729  O  O   . ILE A 1 113 ? -3.072  7.791   -0.598  1.00 42.72 ? 101 ILE A O   1 
ATOM   730  C  CB  . ILE A 1 113 ? -6.094  8.206   -1.926  1.00 44.29 ? 101 ILE A CB  1 
ATOM   731  C  CG1 . ILE A 1 113 ? -7.077  7.292   -1.191  1.00 45.38 ? 101 ILE A CG1 1 
ATOM   732  C  CG2 . ILE A 1 113 ? -5.344  7.388   -2.951  1.00 44.06 ? 101 ILE A CG2 1 
ATOM   733  C  CD1 . ILE A 1 113 ? -8.277  6.817   -2.074  1.00 46.53 ? 101 ILE A CD1 1 
ATOM   734  N  N   . LEU A 1 114 ? -4.657  7.480   0.945   1.00 41.92 ? 102 LEU A N   1 
ATOM   735  C  CA  . LEU A 1 114 ? -3.903  6.485   1.695   1.00 41.67 ? 102 LEU A CA  1 
ATOM   736  C  C   . LEU A 1 114 ? -4.608  5.150   1.570   1.00 40.80 ? 102 LEU A C   1 
ATOM   737  O  O   . LEU A 1 114 ? -5.804  5.020   1.913   1.00 40.40 ? 102 LEU A O   1 
ATOM   738  C  CB  . LEU A 1 114 ? -3.783  6.889   3.170   1.00 41.11 ? 102 LEU A CB  1 
ATOM   739  C  CG  . LEU A 1 114 ? -3.145  5.877   4.122   1.00 41.98 ? 102 LEU A CG  1 
ATOM   740  C  CD1 . LEU A 1 114 ? -1.687  5.610   3.727   1.00 42.95 ? 102 LEU A CD1 1 
ATOM   741  C  CD2 . LEU A 1 114 ? -3.277  6.292   5.563   1.00 44.98 ? 102 LEU A CD2 1 
ATOM   742  N  N   . ILE A 1 115 ? -3.883  4.159   1.052   1.00 41.02 ? 103 ILE A N   1 
ATOM   743  C  CA  . ILE A 1 115 ? -4.399  2.816   0.921   1.00 40.48 ? 103 ILE A CA  1 
ATOM   744  C  C   . ILE A 1 115 ? -3.784  1.932   2.025   1.00 41.33 ? 103 ILE A C   1 
ATOM   745  O  O   . ILE A 1 115 ? -2.558  1.684   2.043   1.00 40.07 ? 103 ILE A O   1 
ATOM   746  C  CB  . ILE A 1 115 ? -4.053  2.244   -0.480  1.00 41.36 ? 103 ILE A CB  1 
ATOM   747  C  CG1 . ILE A 1 115 ? -4.450  3.221   -1.607  1.00 41.31 ? 103 ILE A CG1 1 
ATOM   748  C  CG2 . ILE A 1 115 ? -4.666  0.854   -0.650  1.00 41.18 ? 103 ILE A CG2 1 
ATOM   749  C  CD1 . ILE A 1 115 ? -5.982  3.518   -1.727  1.00 41.61 ? 103 ILE A CD1 1 
ATOM   750  N  N   . THR A 1 116 ? -4.647  1.469   2.923   1.00 42.04 ? 104 THR A N   1 
ATOM   751  C  CA  . THR A 1 116 ? -4.249  0.666   4.067   1.00 43.16 ? 104 THR A CA  1 
ATOM   752  C  C   . THR A 1 116 ? -5.440  -0.084  4.590   1.00 43.23 ? 104 THR A C   1 
ATOM   753  O  O   . THR A 1 116 ? -6.576  0.388   4.455   1.00 42.67 ? 104 THR A O   1 
ATOM   754  C  CB  . THR A 1 116 ? -3.661  1.586   5.206   1.00 43.93 ? 104 THR A CB  1 
ATOM   755  O  OG1 . THR A 1 116 ? -3.231  0.806   6.331   1.00 45.53 ? 104 THR A OG1 1 
ATOM   756  C  CG2 . THR A 1 116 ? -4.739  2.537   5.771   1.00 43.05 ? 104 THR A CG2 1 
ATOM   757  N  N   . ASN A 1 117 ? -5.180  -1.252  5.181   1.00 43.49 ? 105 ASN A N   1 
ATOM   758  C  CA  . ASN A 1 117 ? -6.186  -1.980  5.915   1.00 45.53 ? 105 ASN A CA  1 
ATOM   759  C  C   . ASN A 1 117 ? -6.040  -1.837  7.433   1.00 46.36 ? 105 ASN A C   1 
ATOM   760  O  O   . ASN A 1 117 ? -6.801  -2.425  8.195   1.00 45.61 ? 105 ASN A O   1 
ATOM   761  C  CB  . ASN A 1 117 ? -6.179  -3.434  5.496   1.00 46.39 ? 105 ASN A CB  1 
ATOM   762  C  CG  . ASN A 1 117 ? -6.959  -3.638  4.198   1.00 47.97 ? 105 ASN A CG  1 
ATOM   763  O  OD1 . ASN A 1 117 ? -6.540  -3.162  3.131   1.00 44.16 ? 105 ASN A OD1 1 
ATOM   764  N  ND2 . ASN A 1 117 ? -8.115  -4.294  4.298   1.00 47.60 ? 105 ASN A ND2 1 
ATOM   765  N  N   . ASP A 1 118 ? -5.082  -1.024  7.860   1.00 47.09 ? 106 ASP A N   1 
ATOM   766  C  CA  . ASP A 1 118 ? -4.836  -0.856  9.289   1.00 47.39 ? 106 ASP A CA  1 
ATOM   767  C  C   . ASP A 1 118 ? -5.910  0.055   9.887   1.00 47.07 ? 106 ASP A C   1 
ATOM   768  O  O   . ASP A 1 118 ? -6.099  1.194   9.457   1.00 45.94 ? 106 ASP A O   1 
ATOM   769  C  CB  . ASP A 1 118 ? -3.412  -0.333  9.516   1.00 47.28 ? 106 ASP A CB  1 
ATOM   770  C  CG  . ASP A 1 118 ? -3.121  -0.084  10.977  1.00 48.38 ? 106 ASP A CG  1 
ATOM   771  O  OD1 . ASP A 1 118 ? -2.699  -1.030  11.655  1.00 50.90 ? 106 ASP A OD1 1 
ATOM   772  O  OD2 . ASP A 1 118 ? -3.309  1.013   11.519  1.00 48.15 ? 106 ASP A OD2 1 
ATOM   773  N  N   . LYS A 1 119 ? -6.644  -0.469  10.865  1.00 48.47 ? 107 LYS A N   1 
ATOM   774  C  CA  . LYS A 1 119 ? -7.793  0.253   11.415  1.00 49.24 ? 107 LYS A CA  1 
ATOM   775  C  C   . LYS A 1 119 ? -7.401  1.572   12.100  1.00 49.86 ? 107 LYS A C   1 
ATOM   776  O  O   . LYS A 1 119 ? -8.114  2.569   11.985  1.00 50.36 ? 107 LYS A O   1 
ATOM   777  C  CB  . LYS A 1 119 ? -8.588  -0.641  12.377  1.00 50.17 ? 107 LYS A CB  1 
ATOM   778  N  N   . GLU A 1 120 ? -6.263  1.601   12.789  1.00 50.58 ? 108 GLU A N   1 
ATOM   779  C  CA  . GLU A 1 120 ? -5.823  2.852   13.435  1.00 50.74 ? 108 GLU A CA  1 
ATOM   780  C  C   . GLU A 1 120 ? -5.376  3.876   12.388  1.00 50.50 ? 108 GLU A C   1 
ATOM   781  O  O   . GLU A 1 120 ? -5.661  5.070   12.513  1.00 50.61 ? 108 GLU A O   1 
ATOM   782  C  CB  . GLU A 1 120 ? -4.698  2.594   14.443  1.00 51.12 ? 108 GLU A CB  1 
ATOM   783  N  N   . LEU A 1 121 ? -4.715  3.405   11.336  1.00 50.41 ? 109 LEU A N   1 
ATOM   784  C  CA  . LEU A 1 121 ? -4.262  4.306   10.277  1.00 50.44 ? 109 LEU A CA  1 
ATOM   785  C  C   . LEU A 1 121 ? -5.457  4.970   9.576   1.00 50.28 ? 109 LEU A C   1 
ATOM   786  O  O   . LEU A 1 121 ? -5.456  6.180   9.336   1.00 49.20 ? 109 LEU A O   1 
ATOM   787  C  CB  . LEU A 1 121 ? -3.374  3.554   9.286   1.00 51.12 ? 109 LEU A CB  1 
ATOM   788  C  CG  . LEU A 1 121 ? -2.011  4.130   8.906   1.00 52.38 ? 109 LEU A CG  1 
ATOM   789  C  CD1 . LEU A 1 121 ? -1.232  4.645   10.092  1.00 53.28 ? 109 LEU A CD1 1 
ATOM   790  C  CD2 . LEU A 1 121 ? -1.218  3.081   8.157   1.00 53.39 ? 109 LEU A CD2 1 
ATOM   791  N  N   . LYS A 1 122 ? -6.490  4.181   9.281   1.00 50.37 ? 110 LYS A N   1 
ATOM   792  C  CA  . LYS A 1 122 ? -7.702  4.697   8.619   1.00 51.03 ? 110 LYS A CA  1 
ATOM   793  C  C   . LYS A 1 122 ? -8.396  5.767   9.466   1.00 50.81 ? 110 LYS A C   1 
ATOM   794  O  O   . LYS A 1 122 ? -8.836  6.797   8.946   1.00 50.08 ? 110 LYS A O   1 
ATOM   795  C  CB  . LYS A 1 122 ? -8.686  3.555   8.331   1.00 51.57 ? 110 LYS A CB  1 
ATOM   796  C  CG  . LYS A 1 122 ? -8.143  2.500   7.377   1.00 53.79 ? 110 LYS A CG  1 
ATOM   797  C  CD  . LYS A 1 122 ? -8.862  1.158   7.466   1.00 56.59 ? 110 LYS A CD  1 
ATOM   798  C  CE  . LYS A 1 122 ? -10.040 1.086   6.523   1.00 58.35 ? 110 LYS A CE  1 
ATOM   799  N  NZ  . LYS A 1 122 ? -10.812 -0.196  6.683   1.00 59.27 ? 110 LYS A NZ  1 
ATOM   800  N  N   . ARG A 1 123 ? -8.481  5.516   10.768  1.00 50.87 ? 111 ARG A N   1 
ATOM   801  C  CA  . ARG A 1 123 ? -9.117  6.448   11.705  1.00 51.60 ? 111 ARG A CA  1 
ATOM   802  C  C   . ARG A 1 123 ? -8.381  7.788   11.732  1.00 51.35 ? 111 ARG A C   1 
ATOM   803  O  O   . ARG A 1 123 ? -9.001  8.841   11.551  1.00 52.06 ? 111 ARG A O   1 
ATOM   804  C  CB  . ARG A 1 123 ? -9.150  5.842   13.104  1.00 51.70 ? 111 ARG A CB  1 
ATOM   805  C  CG  . ARG A 1 123 ? -10.010 6.603   14.109  1.00 53.74 ? 111 ARG A CG  1 
ATOM   806  C  CD  . ARG A 1 123 ? -9.842  6.106   15.522  1.00 55.43 ? 111 ARG A CD  1 
ATOM   807  N  NE  . ARG A 1 123 ? -8.469  6.297   15.988  1.00 57.35 ? 111 ARG A NE  1 
ATOM   808  C  CZ  . ARG A 1 123 ? -7.961  7.455   16.425  1.00 59.36 ? 111 ARG A CZ  1 
ATOM   809  N  NH1 . ARG A 1 123 ? -6.693  7.505   16.830  1.00 59.85 ? 111 ARG A NH1 1 
ATOM   810  N  NH2 . ARG A 1 123 ? -8.706  8.565   16.464  1.00 59.86 ? 111 ARG A NH2 1 
ATOM   811  N  N   . LYS A 1 124 ? -7.067  7.735   11.954  1.00 51.19 ? 112 LYS A N   1 
ATOM   812  C  CA  . LYS A 1 124 ? -6.206  8.931   11.944  1.00 51.00 ? 112 LYS A CA  1 
ATOM   813  C  C   . LYS A 1 124 ? -6.299  9.716   10.629  1.00 50.83 ? 112 LYS A C   1 
ATOM   814  O  O   . LYS A 1 124 ? -6.326  10.941  10.631  1.00 49.76 ? 112 LYS A O   1 
ATOM   815  C  CB  . LYS A 1 124 ? -4.749  8.542   12.166  1.00 51.24 ? 112 LYS A CB  1 
ATOM   816  C  CG  . LYS A 1 124 ? -4.430  7.940   13.526  1.00 52.01 ? 112 LYS A CG  1 
ATOM   817  N  N   . ALA A 1 125 ? -6.326  9.005   9.505   1.00 50.48 ? 113 ALA A N   1 
ATOM   818  C  CA  . ALA A 1 125 ? -6.445  9.650   8.202   1.00 50.79 ? 113 ALA A CA  1 
ATOM   819  C  C   . ALA A 1 125 ? -7.818  10.336  8.067   1.00 51.32 ? 113 ALA A C   1 
ATOM   820  O  O   . ALA A 1 125 ? -7.929  11.482  7.602   1.00 50.94 ? 113 ALA A O   1 
ATOM   821  C  CB  . ALA A 1 125 ? -6.203  8.607   7.071   1.00 50.97 ? 113 ALA A CB  1 
ATOM   822  N  N   . LYS A 1 126 ? -8.857  9.636   8.514   1.00 51.82 ? 114 LYS A N   1 
ATOM   823  C  CA  . LYS A 1 126 ? -10.217 10.171  8.524   1.00 52.22 ? 114 LYS A CA  1 
ATOM   824  C  C   . LYS A 1 126 ? -10.303 11.452  9.359   1.00 52.37 ? 114 LYS A C   1 
ATOM   825  O  O   . LYS A 1 126 ? -10.903 12.443  8.932   1.00 52.21 ? 114 LYS A O   1 
ATOM   826  C  CB  . LYS A 1 126 ? -11.193 9.136   9.095   1.00 52.57 ? 114 LYS A CB  1 
ATOM   827  N  N   . GLN A 1 127 ? -9.693  11.409  10.541  1.00 52.37 ? 115 GLN A N   1 
ATOM   828  C  CA  . GLN A 1 127 ? -9.617  12.558  11.439  1.00 52.57 ? 115 GLN A CA  1 
ATOM   829  C  C   . GLN A 1 127 ? -8.866  13.762  10.859  1.00 52.44 ? 115 GLN A C   1 
ATOM   830  O  O   . GLN A 1 127 ? -9.103  14.901  11.279  1.00 52.94 ? 115 GLN A O   1 
ATOM   831  C  CB  . GLN A 1 127 ? -8.963  12.149  12.761  1.00 52.65 ? 115 GLN A CB  1 
ATOM   832  N  N   . ARG A 1 128 ? -7.972  13.525  9.913   1.00 52.16 ? 116 ARG A N   1 
ATOM   833  C  CA  . ARG A 1 128 ? -7.178  14.585  9.315   1.00 51.92 ? 116 ARG A CA  1 
ATOM   834  C  C   . ARG A 1 128 ? -7.676  14.959  7.907   1.00 51.69 ? 116 ARG A C   1 
ATOM   835  O  O   . ARG A 1 128 ? -7.025  15.749  7.196   1.00 52.63 ? 116 ARG A O   1 
ATOM   836  C  CB  . ARG A 1 128 ? -5.691  14.159  9.321   1.00 52.09 ? 116 ARG A CB  1 
ATOM   837  C  CG  . ARG A 1 128 ? -5.131  13.975  10.753  1.00 52.76 ? 116 ARG A CG  1 
ATOM   838  C  CD  . ARG A 1 128 ? -3.654  13.569  10.834  1.00 52.30 ? 116 ARG A CD  1 
ATOM   839  N  N   . GLY A 1 129 ? -8.841  14.429  7.516   1.00 50.87 ? 117 GLY A N   1 
ATOM   840  C  CA  . GLY A 1 129 ? -9.404  14.674  6.179   1.00 50.33 ? 117 GLY A CA  1 
ATOM   841  C  C   . GLY A 1 129 ? -8.677  14.052  4.980   1.00 49.70 ? 117 GLY A C   1 
ATOM   842  O  O   . GLY A 1 129 ? -8.843  14.518  3.840   1.00 49.96 ? 117 GLY A O   1 
ATOM   843  N  N   . ILE A 1 130 ? -7.893  13.003  5.227   1.00 48.70 ? 118 ILE A N   1 
ATOM   844  C  CA  . ILE A 1 130 ? -7.174  12.278  4.171   1.00 47.76 ? 118 ILE A CA  1 
ATOM   845  C  C   . ILE A 1 130 ? -8.077  11.146  3.672   1.00 46.41 ? 118 ILE A C   1 
ATOM   846  O  O   . ILE A 1 130 ? -8.524  10.326  4.468   1.00 44.76 ? 118 ILE A O   1 
ATOM   847  C  CB  . ILE A 1 130 ? -5.871  11.688  4.719   1.00 48.21 ? 118 ILE A CB  1 
ATOM   848  C  CG1 . ILE A 1 130 ? -4.976  12.798  5.293   1.00 49.91 ? 118 ILE A CG1 1 
ATOM   849  C  CG2 . ILE A 1 130 ? -5.132  10.852  3.633   1.00 47.71 ? 118 ILE A CG2 1 
ATOM   850  C  CD1 . ILE A 1 130 ? -3.791  12.275  6.090   1.00 51.70 ? 118 ILE A CD1 1 
ATOM   851  N  N   . PRO A 1 131 ? -8.357  11.094  2.374   1.00 45.80 ? 119 PRO A N   1 
ATOM   852  C  CA  . PRO A 1 131 ? -9.192  10.027  1.858   1.00 45.64 ? 119 PRO A CA  1 
ATOM   853  C  C   . PRO A 1 131 ? -8.475  8.686   1.958   1.00 45.39 ? 119 PRO A C   1 
ATOM   854  O  O   . PRO A 1 131 ? -7.231  8.632   1.900   1.00 43.57 ? 119 PRO A O   1 
ATOM   855  C  CB  . PRO A 1 131 ? -9.438  10.436  0.406   1.00 46.43 ? 119 PRO A CB  1 
ATOM   856  C  CG  . PRO A 1 131 ? -8.289  11.295  0.052   1.00 47.25 ? 119 PRO A CG  1 
ATOM   857  C  CD  . PRO A 1 131 ? -7.904  12.004  1.308   1.00 45.92 ? 119 PRO A CD  1 
ATOM   858  N  N   . VAL A 1 132 ? -9.261  7.627   2.135   1.00 45.12 ? 120 VAL A N   1 
ATOM   859  C  CA  . VAL A 1 132 ? -8.730  6.299   2.383   1.00 45.58 ? 120 VAL A CA  1 
ATOM   860  C  C   . VAL A 1 132 ? -9.354  5.276   1.421   1.00 44.57 ? 120 VAL A C   1 
ATOM   861  O  O   . VAL A 1 132 ? -10.541 5.370   1.072   1.00 42.76 ? 120 VAL A O   1 
ATOM   862  C  CB  . VAL A 1 132 ? -8.991  5.879   3.862   1.00 46.64 ? 120 VAL A CB  1 
ATOM   863  C  CG1 . VAL A 1 132 ? -8.667  4.404   4.081   1.00 47.85 ? 120 VAL A CG1 1 
ATOM   864  C  CG2 . VAL A 1 132 ? -8.149  6.751   4.834   1.00 47.98 ? 120 VAL A CG2 1 
ATOM   865  N  N   . GLY A 1 133 ? -8.538  4.316   1.009   1.00 43.14 ? 121 GLY A N   1 
ATOM   866  C  CA  . GLY A 1 133 ? -9.009  3.128   0.333   1.00 43.11 ? 121 GLY A CA  1 
ATOM   867  C  C   . GLY A 1 133 ? -8.373  1.915   0.992   1.00 43.40 ? 121 GLY A C   1 
ATOM   868  O  O   . GLY A 1 133 ? -7.366  2.022   1.671   1.00 42.38 ? 121 GLY A O   1 
ATOM   869  N  N   . TYR A 1 134 ? -8.995  0.763   0.838   1.00 43.22 ? 122 TYR A N   1 
ATOM   870  C  CA  . TYR A 1 134 ? -8.504  -0.430  1.491   1.00 43.11 ? 122 TYR A CA  1 
ATOM   871  C  C   . TYR A 1 134 ? -8.878  -1.637  0.647   1.00 42.62 ? 122 TYR A C   1 
ATOM   872  O  O   . TYR A 1 134 ? -9.737  -1.527  -0.263  1.00 44.58 ? 122 TYR A O   1 
ATOM   873  C  CB  . TYR A 1 134 ? -9.087  -0.524  2.899   1.00 43.93 ? 122 TYR A CB  1 
ATOM   874  C  CG  . TYR A 1 134 ? -10.580 -0.742  2.932   1.00 47.33 ? 122 TYR A CG  1 
ATOM   875  C  CD1 . TYR A 1 134 ? -11.107 -2.006  3.159   1.00 51.23 ? 122 TYR A CD1 1 
ATOM   876  C  CD2 . TYR A 1 134 ? -11.463 0.311   2.713   1.00 52.58 ? 122 TYR A CD2 1 
ATOM   877  C  CE1 . TYR A 1 134 ? -12.491 -2.219  3.188   1.00 53.36 ? 122 TYR A CE1 1 
ATOM   878  C  CE2 . TYR A 1 134 ? -12.842 0.115   2.739   1.00 55.54 ? 122 TYR A CE2 1 
ATOM   879  C  CZ  . TYR A 1 134 ? -13.345 -1.162  2.976   1.00 55.62 ? 122 TYR A CZ  1 
ATOM   880  O  OH  . TYR A 1 134 ? -14.707 -1.383  2.998   1.00 59.92 ? 122 TYR A OH  1 
ATOM   881  N  N   . LEU A 1 135 ? -8.333  -2.787  1.001   1.00 39.12 ? 123 LEU A N   1 
ATOM   882  C  CA  . LEU A 1 135 ? -8.641  -4.010  0.313   1.00 38.66 ? 123 LEU A CA  1 
ATOM   883  C  C   . LEU A 1 135 ? -9.871  -4.700  0.877   1.00 38.86 ? 123 LEU A C   1 
ATOM   884  O  O   . LEU A 1 135 ? -10.031 -4.822  2.087   1.00 38.25 ? 123 LEU A O   1 
ATOM   885  C  CB  . LEU A 1 135 ? -7.462  -4.977  0.372   1.00 38.26 ? 123 LEU A CB  1 
ATOM   886  C  CG  . LEU A 1 135 ? -6.199  -4.511  -0.321  1.00 37.50 ? 123 LEU A CG  1 
ATOM   887  C  CD1 . LEU A 1 135 ? -5.171  -5.680  -0.314  1.00 38.44 ? 123 LEU A CD1 1 
ATOM   888  C  CD2 . LEU A 1 135 ? -6.472  -4.022  -1.727  1.00 37.52 ? 123 LEU A CD2 1 
ATOM   889  N  N   . LYS A 1 136 ? -10.748 -5.118  -0.027  1.00 39.01 ? 124 LYS A N   1 
ATOM   890  C  CA  . LYS A 1 136 ? -11.919 -5.881  0.311   1.00 40.59 ? 124 LYS A CA  1 
ATOM   891  C  C   . LYS A 1 136 ? -11.927 -7.165  -0.507  1.00 40.74 ? 124 LYS A C   1 
ATOM   892  O  O   . LYS A 1 136 ? -11.416 -7.191  -1.627  1.00 40.16 ? 124 LYS A O   1 
ATOM   893  C  CB  . LYS A 1 136 ? -13.164 -5.047  -0.003  1.00 40.84 ? 124 LYS A CB  1 
ATOM   894  C  CG  . LYS A 1 136 ? -14.410 -5.471  0.748   1.00 44.45 ? 124 LYS A CG  1 
ATOM   895  C  CD  . LYS A 1 136 ? -15.284 -4.251  1.063   1.00 47.24 ? 124 LYS A CD  1 
ATOM   896  C  CE  . LYS A 1 136 ? -16.280 -4.513  2.186   1.00 49.04 ? 124 LYS A CE  1 
ATOM   897  N  NZ  . LYS A 1 136 ? -16.568 -3.241  2.929   1.00 49.18 ? 124 LYS A NZ  1 
ATOM   898  N  N   . GLU A 1 137 ? -12.503 -8.215  0.061   1.00 41.28 ? 125 GLU A N   1 
ATOM   899  C  CA  . GLU A 1 137 ? -12.634 -9.495  -0.607  1.00 43.06 ? 125 GLU A CA  1 
ATOM   900  C  C   . GLU A 1 137 ? -14.108 -9.733  -0.971  1.00 43.70 ? 125 GLU A C   1 
ATOM   901  O  O   . GLU A 1 137 ? -14.984 -9.606  -0.120  1.00 43.16 ? 125 GLU A O   1 
ATOM   902  C  CB  . GLU A 1 137 ? -12.107 -10.604 0.302   1.00 43.84 ? 125 GLU A CB  1 
ATOM   903  C  CG  . GLU A 1 137 ? -11.902 -11.938 -0.396  1.00 46.86 ? 125 GLU A CG  1 
ATOM   904  C  CD  . GLU A 1 137 ? -11.117 -12.941 0.449   1.00 50.31 ? 125 GLU A CD  1 
ATOM   905  O  OE1 . GLU A 1 137 ? -10.581 -13.907 -0.132  1.00 54.24 ? 125 GLU A OE1 1 
ATOM   906  O  OE2 . GLU A 1 137 ? -11.017 -12.761 1.683   1.00 52.37 ? 125 GLU A OE2 1 
ATOM   907  N  N   . ASP A 1 138 ? -14.359 -10.019 -2.243  1.00 44.27 ? 126 ASP A N   1 
ATOM   908  C  CA  . ASP A 1 138 ? -15.691 -10.351 -2.760  1.00 45.87 ? 126 ASP A CA  1 
ATOM   909  C  C   . ASP A 1 138 ? -15.676 -11.849 -3.023  1.00 46.26 ? 126 ASP A C   1 
ATOM   910  O  O   . ASP A 1 138 ? -14.798 -12.340 -3.749  1.00 46.64 ? 126 ASP A O   1 
ATOM   911  C  CB  . ASP A 1 138 ? -15.929 -9.603  -4.078  1.00 46.22 ? 126 ASP A CB  1 
ATOM   912  C  CG  . ASP A 1 138 ? -17.323 -9.733  -4.590  1.00 48.83 ? 126 ASP A CG  1 
ATOM   913  O  OD1 . ASP A 1 138 ? -18.216 -9.077  -4.019  1.00 53.70 ? 126 ASP A OD1 1 
ATOM   914  O  OD2 . ASP A 1 138 ? -17.628 -10.441 -5.577  1.00 53.28 ? 126 ASP A OD2 1 
ATOM   915  N  N   . LYS A 1 139 ? -16.591 -12.566 -2.374  1.00 46.22 ? 127 LYS A N   1 
ATOM   916  C  CA  . LYS A 1 139 ? -16.768 -13.993 -2.581  1.00 46.73 ? 127 LYS A CA  1 
ATOM   917  C  C   . LYS A 1 139 ? -18.105 -14.147 -3.276  1.00 46.15 ? 127 LYS A C   1 
ATOM   918  O  O   . LYS A 1 139 ? -19.132 -13.691 -2.769  1.00 45.48 ? 127 LYS A O   1 
ATOM   919  C  CB  . LYS A 1 139 ? -16.815 -14.755 -1.254  1.00 47.65 ? 127 LYS A CB  1 
ATOM   920  C  CG  . LYS A 1 139 ? -15.475 -14.931 -0.548  1.00 50.67 ? 127 LYS A CG  1 
ATOM   921  C  CD  . LYS A 1 139 ? -15.643 -15.111 0.968   1.00 53.52 ? 127 LYS A CD  1 
ATOM   922  C  CE  . LYS A 1 139 ? -14.351 -15.597 1.644   1.00 55.06 ? 127 LYS A CE  1 
ATOM   923  N  NZ  . LYS A 1 139 ? -14.229 -15.170 3.081   1.00 55.13 ? 127 LYS A NZ  1 
ATOM   924  N  N   . ARG A 1 140 ? -18.094 -14.751 -4.451  1.00 45.66 ? 128 ARG A N   1 
ATOM   925  C  CA  . ARG A 1 140 ? -19.343 -15.123 -5.086  1.00 45.58 ? 128 ARG A CA  1 
ATOM   926  C  C   . ARG A 1 140 ? -19.323 -16.587 -5.355  1.00 44.56 ? 128 ARG A C   1 
ATOM   927  O  O   . ARG A 1 140 ? -18.290 -17.152 -5.709  1.00 43.98 ? 128 ARG A O   1 
ATOM   928  C  CB  . ARG A 1 140 ? -19.638 -14.333 -6.357  1.00 46.36 ? 128 ARG A CB  1 
ATOM   929  C  CG  . ARG A 1 140 ? -18.516 -14.194 -7.344  1.00 49.62 ? 128 ARG A CG  1 
ATOM   930  C  CD  . ARG A 1 140 ? -18.638 -12.908 -8.175  1.00 53.18 ? 128 ARG A CD  1 
ATOM   931  N  NE  . ARG A 1 140 ? -17.600 -12.837 -9.198  1.00 56.59 ? 128 ARG A NE  1 
ATOM   932  C  CZ  . ARG A 1 140 ? -17.725 -12.254 -10.392 1.00 59.36 ? 128 ARG A CZ  1 
ATOM   933  N  NH1 . ARG A 1 140 ? -18.867 -11.673 -10.774 1.00 60.33 ? 128 ARG A NH1 1 
ATOM   934  N  NH2 . ARG A 1 140 ? -16.689 -12.262 -11.225 1.00 60.19 ? 128 ARG A NH2 1 
ATOM   935  N  N   . VAL A 1 141 ? -20.475 -17.199 -5.136  1.00 43.55 ? 129 VAL A N   1 
ATOM   936  C  CA  . VAL A 1 141 ? -20.653 -18.603 -5.354  1.00 43.14 ? 129 VAL A CA  1 
ATOM   937  C  C   . VAL A 1 141 ? -21.465 -18.671 -6.627  1.00 43.59 ? 129 VAL A C   1 
ATOM   938  O  O   . VAL A 1 141 ? -22.498 -17.983 -6.755  1.00 42.91 ? 129 VAL A O   1 
ATOM   939  C  CB  . VAL A 1 141 ? -21.368 -19.252 -4.165  1.00 43.06 ? 129 VAL A CB  1 
ATOM   940  C  CG1 . VAL A 1 141 ? -21.703 -20.709 -4.444  1.00 42.69 ? 129 VAL A CG1 1 
ATOM   941  C  CG2 . VAL A 1 141 ? -20.505 -19.118 -2.899  1.00 43.37 ? 129 VAL A CG2 1 
ATOM   942  N  N   . PHE A 1 142 ? -20.978 -19.477 -7.571  1.00 43.29 ? 130 PHE A N   1 
ATOM   943  C  CA  . PHE A 1 142 ? -21.580 -19.612 -8.887  1.00 43.31 ? 130 PHE A CA  1 
ATOM   944  C  C   . PHE A 1 142 ? -21.561 -21.064 -9.358  1.00 42.55 ? 130 PHE A C   1 
ATOM   945  O  O   . PHE A 1 142 ? -20.782 -21.886 -8.877  1.00 41.09 ? 130 PHE A O   1 
ATOM   946  C  CB  . PHE A 1 142 ? -20.872 -18.706 -9.910  1.00 43.75 ? 130 PHE A CB  1 
ATOM   947  C  CG  . PHE A 1 142 ? -19.469 -19.123 -10.226 1.00 45.02 ? 130 PHE A CG  1 
ATOM   948  C  CD1 . PHE A 1 142 ? -19.202 -19.921 -11.327 1.00 45.77 ? 130 PHE A CD1 1 
ATOM   949  C  CD2 . PHE A 1 142 ? -18.404 -18.702 -9.433  1.00 46.54 ? 130 PHE A CD2 1 
ATOM   950  C  CE1 . PHE A 1 142 ? -17.906 -20.319 -11.623 1.00 46.20 ? 130 PHE A CE1 1 
ATOM   951  C  CE2 . PHE A 1 142 ? -17.116 -19.099 -9.724  1.00 45.82 ? 130 PHE A CE2 1 
ATOM   952  C  CZ  . PHE A 1 142 ? -16.864 -19.905 -10.818 1.00 47.12 ? 130 PHE A CZ  1 
ATOM   953  N  N   . VAL A 1 143 ? -22.456 -21.367 -10.284 1.00 42.40 ? 131 VAL A N   1 
ATOM   954  C  CA  . VAL A 1 143 ? -22.553 -22.698 -10.870 1.00 42.43 ? 131 VAL A CA  1 
ATOM   955  C  C   . VAL A 1 143 ? -21.476 -22.863 -11.946 1.00 42.43 ? 131 VAL A C   1 
ATOM   956  O  O   . VAL A 1 143 ? -21.420 -22.065 -12.884 1.00 42.99 ? 131 VAL A O   1 
ATOM   957  C  CB  . VAL A 1 143 ? -23.947 -22.928 -11.477 1.00 41.93 ? 131 VAL A CB  1 
ATOM   958  C  CG1 . VAL A 1 143 ? -24.000 -24.269 -12.196 1.00 42.51 ? 131 VAL A CG1 1 
ATOM   959  C  CG2 . VAL A 1 143 ? -25.022 -22.861 -10.391 1.00 42.05 ? 131 VAL A CG2 1 
ATOM   960  N  N   . GLU A 1 144 ? -20.629 -23.880 -11.798 1.00 42.63 ? 132 GLU A N   1 
ATOM   961  C  CA  . GLU A 1 144 ? -19.579 -24.219 -12.763 1.00 43.94 ? 132 GLU A CA  1 
ATOM   962  C  C   . GLU A 1 144 ? -19.988 -25.446 -13.599 1.00 44.05 ? 132 GLU A C   1 
ATOM   963  O  O   . GLU A 1 144 ? -20.289 -26.500 -13.038 1.00 43.61 ? 132 GLU A O   1 
ATOM   964  C  CB  . GLU A 1 144 ? -18.270 -24.534 -12.024 1.00 44.22 ? 132 GLU A CB  1 
ATOM   965  C  CG  . GLU A 1 144 ? -17.081 -24.935 -12.910 1.00 48.06 ? 132 GLU A CG  1 
ATOM   966  C  CD  . GLU A 1 144 ? -16.540 -23.792 -13.759 1.00 51.86 ? 132 GLU A CD  1 
ATOM   967  O  OE1 . GLU A 1 144 ? -15.474 -23.216 -13.412 1.00 52.30 ? 132 GLU A OE1 1 
ATOM   968  O  OE2 . GLU A 1 144 ? -17.195 -23.457 -14.769 1.00 54.71 ? 132 GLU A OE2 1 
ATOM   969  N  N   . LEU A 1 145 ? -20.027 -25.288 -14.911 1.00 43.94 ? 133 LEU A N   1 
ATOM   970  C  CA  . LEU A 1 145 ? -20.230 -26.394 -15.844 1.00 45.36 ? 133 LEU A CA  1 
ATOM   971  C  C   . LEU A 1 145 ? -18.931 -26.865 -16.526 1.00 46.10 ? 133 LEU A C   1 
ATOM   972  O  O   . LEU A 1 145 ? -18.963 -27.792 -17.314 1.00 47.33 ? 133 LEU A O   1 
ATOM   973  C  CB  . LEU A 1 145 ? -21.237 -25.998 -16.921 1.00 45.42 ? 133 LEU A CB  1 
ATOM   974  C  CG  . LEU A 1 145 ? -22.643 -25.524 -16.544 1.00 46.33 ? 133 LEU A CG  1 
ATOM   975  C  CD1 . LEU A 1 145 ? -23.507 -25.499 -17.799 1.00 47.97 ? 133 LEU A CD1 1 
ATOM   976  C  CD2 . LEU A 1 145 ? -23.282 -26.353 -15.489 1.00 45.85 ? 133 LEU A CD2 1 
ATOM   977  N  N   . LEU A 1 146 ? -17.801 -26.225 -16.257 1.00 47.38 ? 134 LEU A N   1 
ATOM   978  C  CA  . LEU A 1 146 ? -16.528 -26.665 -16.834 1.00 48.63 ? 134 LEU A CA  1 
ATOM   979  C  C   . LEU A 1 146 ? -15.762 -27.548 -15.849 1.00 49.10 ? 134 LEU A C   1 
ATOM   980  O  O   . LEU A 1 146 ? -14.831 -28.261 -16.258 1.00 49.92 ? 134 LEU A O   1 
ATOM   981  C  CB  . LEU A 1 146 ? -15.655 -25.467 -17.250 1.00 48.68 ? 134 LEU A CB  1 
ATOM   982  C  CG  . LEU A 1 146 ? -16.170 -24.552 -18.370 1.00 49.03 ? 134 LEU A CG  1 
ATOM   983  C  CD1 . LEU A 1 146 ? -15.285 -23.314 -18.494 1.00 48.22 ? 134 LEU A CD1 1 
ATOM   984  C  CD2 . LEU A 1 146 ? -16.283 -25.289 -19.706 1.00 49.98 ? 134 LEU A CD2 1 
HETATM 985  O  O   . HOH B 2 .   ? -10.145 -0.447  -9.886  1.00 33.04 ? 136 HOH A O   1 
HETATM 986  O  O   . HOH B 2 .   ? -0.262  -4.268  -8.722  1.00 38.58 ? 137 HOH A O   1 
HETATM 987  O  O   . HOH B 2 .   ? 10.528  8.286   6.027   1.00 40.24 ? 138 HOH A O   1 
HETATM 988  O  O   . HOH B 2 .   ? 17.829  -15.418 -1.199  1.00 34.76 ? 139 HOH A O   1 
HETATM 989  O  O   . HOH B 2 .   ? -2.643  -2.489  5.567   1.00 37.95 ? 140 HOH A O   1 
HETATM 990  O  O   . HOH B 2 .   ? 4.925   6.351   -9.241  1.00 43.30 ? 141 HOH A O   1 
HETATM 991  O  O   . HOH B 2 .   ? 15.875  -7.133  2.444   1.00 35.74 ? 142 HOH A O   1 
HETATM 992  O  O   . HOH B 2 .   ? 7.242   -1.650  5.901   1.00 43.78 ? 143 HOH A O   1 
HETATM 993  O  O   . HOH B 2 .   ? 7.669   -15.674 7.568   1.00 41.41 ? 144 HOH A O   1 
HETATM 994  O  O   . HOH B 2 .   ? 14.360  3.784   2.361   1.00 42.71 ? 145 HOH A O   1 
HETATM 995  O  O   . HOH B 2 .   ? -0.071  -3.279  -12.375 1.00 48.45 ? 146 HOH A O   1 
HETATM 996  O  O   . HOH B 2 .   ? 3.640   -8.687  -3.125  1.00 38.27 ? 147 HOH A O   1 
HETATM 997  O  O   . HOH B 2 .   ? 13.009  -7.521  -4.539  1.00 42.55 ? 148 HOH A O   1 
HETATM 998  O  O   . HOH B 2 .   ? 12.590  -1.476  -3.643  1.00 44.00 ? 149 HOH A O   1 
HETATM 999  O  O   . HOH B 2 .   ? -4.973  -0.139  -14.757 1.00 42.68 ? 150 HOH A O   1 
HETATM 1000 O  O   . HOH B 2 .   ? -4.796  13.709  1.230   1.00 46.94 ? 151 HOH A O   1 
HETATM 1001 O  O   . HOH B 2 .   ? 12.106  8.185   -5.622  1.00 52.33 ? 152 HOH A O   1 
HETATM 1002 O  O   . HOH B 2 .   ? -6.573  -8.093  -9.569  1.00 49.30 ? 153 HOH A O   1 
HETATM 1003 O  O   . HOH B 2 .   ? -0.379  -0.999  -13.171 1.00 51.73 ? 154 HOH A O   1 
HETATM 1004 O  O   . HOH B 2 .   ? 14.755  -14.628 5.626   1.00 53.59 ? 155 HOH A O   1 
HETATM 1005 O  O   . HOH B 2 .   ? 5.029   -4.441  5.250   1.00 62.88 ? 156 HOH A O   1 
HETATM 1006 O  O   . HOH B 2 .   ? -18.283 -11.283 -0.563  1.00 63.35 ? 157 HOH A O   1 
HETATM 1007 O  O   . HOH B 2 .   ? -21.227 -29.691 -17.442 1.00 50.47 ? 158 HOH A O   1 
HETATM 1008 O  O   . HOH B 2 .   ? -12.019 8.362   2.372   1.00 47.53 ? 159 HOH A O   1 
HETATM 1009 O  O   . HOH B 2 .   ? 10.840  -3.944  9.990   1.00 45.13 ? 160 HOH A O   1 
HETATM 1010 O  O   . HOH B 2 .   ? -3.248  10.868  -12.247 1.00 50.67 ? 161 HOH A O   1 
HETATM 1011 O  O   . HOH B 2 .   ? -4.223  12.747  -4.975  1.00 59.12 ? 162 HOH A O   1 
HETATM 1012 O  O   . HOH B 2 .   ? 4.474   -0.532  -8.683  1.00 42.24 ? 163 HOH A O   1 
HETATM 1013 O  O   . HOH B 2 .   ? 4.129   0.919   8.116   1.00 53.87 ? 164 HOH A O   1 
HETATM 1014 O  O   . HOH B 2 .   ? 17.102  -11.557 2.222   1.00 57.25 ? 165 HOH A O   1 
HETATM 1015 O  O   . HOH B 2 .   ? 4.756   1.806   12.796  1.00 56.75 ? 166 HOH A O   1 
HETATM 1016 O  O   . HOH B 2 .   ? 6.699   0.308   8.830   1.00 56.58 ? 167 HOH A O   1 
HETATM 1017 O  O   . HOH B 2 .   ? 3.794   2.181   -9.276  1.00 48.13 ? 168 HOH A O   1 
HETATM 1018 O  O   . HOH B 2 .   ? 5.391   -20.752 2.752   1.00 57.02 ? 169 HOH A O   1 
HETATM 1019 O  O   . HOH B 2 .   ? 5.724   8.688   -9.923  1.00 54.37 ? 170 HOH A O   1 
HETATM 1020 O  O   . HOH B 2 .   ? -22.589 -15.581 -3.706  1.00 49.40 ? 171 HOH A O   1 
HETATM 1021 O  O   . HOH B 2 .   ? -19.289 -22.851 -15.802 1.00 46.67 ? 172 HOH A O   1 
HETATM 1022 O  O   . HOH B 2 .   ? 0.826   -15.405 -6.343  1.00 63.08 ? 173 HOH A O   1 
HETATM 1023 O  O   . HOH B 2 .   ? -0.754  1.706   12.968  1.00 58.96 ? 174 HOH A O   1 
HETATM 1024 O  O   . HOH B 2 .   ? 16.046  1.755   2.056   1.00 54.27 ? 175 HOH A O   1 
HETATM 1025 O  O   . HOH B 2 .   ? 11.949  -6.070  11.225  1.00 54.21 ? 176 HOH A O   1 
HETATM 1026 O  O   . HOH B 2 .   ? -15.720 -19.802 -14.820 1.00 49.26 ? 177 HOH A O   1 
HETATM 1027 O  O   . HOH B 2 .   ? -2.635  -3.785  7.855   1.00 69.99 ? 178 HOH A O   1 
HETATM 1028 O  O   . HOH B 2 .   ? -7.029  11.285  -12.413 1.00 62.28 ? 179 HOH A O   1 
HETATM 1029 O  O   . HOH B 2 .   ? -4.619  -0.748  13.894  1.00 63.57 ? 180 HOH A O   1 
HETATM 1030 O  O   . HOH B 2 .   ? 6.423   -17.352 -7.203  1.00 68.71 ? 181 HOH A O   1 
HETATM 1031 O  O   . HOH B 2 .   ? 3.552   9.458   -11.982 1.00 65.84 ? 182 HOH A O   1 
HETATM 1032 O  O   . HOH B 2 .   ? 11.250  13.662  0.302   1.00 56.16 ? 183 HOH A O   1 
HETATM 1033 O  O   . HOH B 2 .   ? -22.750 -29.014 -20.206 1.00 68.94 ? 184 HOH A O   1 
HETATM 1034 O  O   . HOH B 2 .   ? -2.244  -0.998  -15.133 1.00 56.67 ? 185 HOH A O   1 
HETATM 1035 O  O   . HOH B 2 .   ? -13.213 -8.118  2.974   1.00 56.00 ? 186 HOH A O   1 
HETATM 1036 O  O   . HOH B 2 .   ? 7.114   8.382   14.193  1.00 59.35 ? 187 HOH A O   1 
HETATM 1037 O  O   . HOH B 2 .   ? 21.751  2.330   6.248   1.00 65.02 ? 188 HOH A O   1 
HETATM 1038 O  O   . HOH B 2 .   ? -8.481  -8.696  3.190   1.00 65.49 ? 189 HOH A O   1 
HETATM 1039 O  O   . HOH B 2 .   ? -11.456 8.617   -7.672  1.00 65.11 ? 190 HOH A O   1 
HETATM 1040 O  O   . HOH B 2 .   ? 12.663  16.647  7.582   1.00 68.57 ? 191 HOH A O   1 
HETATM 1041 O  O   . HOH B 2 .   ? 15.107  4.288   -1.716  1.00 58.74 ? 192 HOH A O   1 
HETATM 1042 O  O   . HOH B 2 .   ? 0.356   -0.955  8.450   1.00 56.80 ? 193 HOH A O   1 
HETATM 1043 O  O   . HOH B 2 .   ? -4.384  6.529   -13.630 1.00 58.17 ? 194 HOH A O   1 
HETATM 1044 O  O   . HOH B 2 .   ? 6.543   5.971   14.571  1.00 59.27 ? 195 HOH A O   1 
HETATM 1045 O  O   . HOH B 2 .   ? 1.545   11.098  11.148  1.00 58.36 ? 196 HOH A O   1 
HETATM 1046 O  O   . HOH B 2 .   ? 19.765  -13.896 0.616   1.00 53.58 ? 197 HOH A O   1 
HETATM 1047 O  O   . HOH B 2 .   ? 20.253  0.287   4.703   1.00 61.48 ? 198 HOH A O   1 
HETATM 1048 O  O   . HOH B 2 .   ? 2.200   16.255  6.506   1.00 58.44 ? 199 HOH A O   1 
HETATM 1049 O  O   . HOH B 2 .   ? -16.848 -17.036 -13.715 1.00 66.66 ? 200 HOH A O   1 
HETATM 1050 O  O   . HOH B 2 .   ? 1.809   -3.954  -10.459 1.00 50.11 ? 201 HOH A O   1 
HETATM 1051 O  O   . HOH B 2 .   ? -2.368  5.655   -14.751 1.00 59.35 ? 202 HOH A O   1 
HETATM 1052 O  O   . HOH B 2 .   ? -11.652 -5.536  3.964   1.00 58.12 ? 203 HOH A O   1 
HETATM 1053 O  O   . HOH B 2 .   ? -6.614  -3.840  -12.999 1.00 63.70 ? 204 HOH A O   1 
HETATM 1054 O  O   . HOH B 2 .   ? 9.149   -21.651 5.078   1.00 56.05 ? 205 HOH A O   1 
HETATM 1055 O  O   . HOH B 2 .   ? 5.100   -17.265 4.520   1.00 57.84 ? 206 HOH A O   1 
HETATM 1056 O  O   . HOH B 2 .   ? -6.064  -3.245  11.833  1.00 67.06 ? 207 HOH A O   1 
HETATM 1057 O  O   . HOH B 2 .   ? -18.425 -29.290 -14.284 1.00 60.36 ? 208 HOH A O   1 
HETATM 1058 O  O   . HOH B 2 .   ? 3.797   -2.851  9.156   1.00 62.03 ? 209 HOH A O   1 
HETATM 1059 O  O   . HOH B 2 .   ? -23.607 -15.552 -6.742  1.00 55.40 ? 210 HOH A O   1 
HETATM 1060 O  O   . HOH B 2 .   ? 14.831  -16.828 8.273   1.00 59.73 ? 211 HOH A O   1 
HETATM 1061 O  O   . HOH B 2 .   ? 6.157   -17.769 6.691   1.00 62.77 ? 212 HOH A O   1 
HETATM 1062 O  O   . HOH B 2 .   ? 7.373   -20.286 6.413   1.00 51.99 ? 213 HOH A O   1 
HETATM 1063 O  O   . HOH B 2 .   ? 3.404   -0.251  5.776   1.00 50.83 ? 214 HOH A O   1 
HETATM 1064 O  O   . HOH B 2 .   ? 8.747   14.855  1.785   1.00 55.40 ? 215 HOH A O   1 
HETATM 1065 O  O   . HOH B 2 .   ? 2.534   -6.504  -10.721 1.00 70.19 ? 216 HOH A O   1 
HETATM 1066 O  O   . HOH B 2 .   ? 0.067   -8.298  4.852   1.00 70.78 ? 217 HOH A O   1 
HETATM 1067 O  O   . HOH B 2 .   ? 14.969  5.602   7.063   1.00 59.12 ? 218 HOH A O   1 
HETATM 1068 O  O   . HOH B 2 .   ? -5.287  2.217   -15.974 1.00 64.53 ? 219 HOH A O   1 
HETATM 1069 O  O   . HOH B 2 .   ? 14.123  10.528  -0.865  1.00 70.65 ? 220 HOH A O   1 
HETATM 1070 O  O   . HOH B 2 .   ? 11.923  2.871   -4.649  1.00 61.62 ? 221 HOH A O   1 
HETATM 1071 O  O   . HOH B 2 .   ? 11.490  10.008  -7.327  1.00 66.64 ? 222 HOH A O   1 
HETATM 1072 O  O   . HOH B 2 .   ? 14.218  -5.196  -5.103  1.00 66.54 ? 223 HOH A O   1 
HETATM 1073 O  O   . HOH B 2 .   ? -2.849  -3.617  -14.856 1.00 69.58 ? 224 HOH A O   1 
HETATM 1074 O  O   . HOH B 2 .   ? 9.689   6.125   -10.518 1.00 70.08 ? 225 HOH A O   1 
# 
